data_2P9R
# 
_entry.id   2P9R 
# 
_audit_conform.dict_name       mmcif_pdbx.dic 
_audit_conform.dict_version    5.387 
_audit_conform.dict_location   http://mmcif.pdb.org/dictionaries/ascii/mmcif_pdbx.dic 
# 
loop_
_database_2.database_id 
_database_2.database_code 
_database_2.pdbx_database_accession 
_database_2.pdbx_DOI 
PDB   2P9R         pdb_00002p9r 10.2210/pdb2p9r/pdb 
RCSB  RCSB042144   ?            ?                   
WWPDB D_1000042144 ?            ?                   
# 
loop_
_pdbx_audit_revision_history.ordinal 
_pdbx_audit_revision_history.data_content_type 
_pdbx_audit_revision_history.major_revision 
_pdbx_audit_revision_history.minor_revision 
_pdbx_audit_revision_history.revision_date 
1 'Structure model' 1 0 2007-08-21 
2 'Structure model' 1 1 2011-07-13 
3 'Structure model' 1 2 2024-02-21 
# 
_pdbx_audit_revision_details.ordinal             1 
_pdbx_audit_revision_details.revision_ordinal    1 
_pdbx_audit_revision_details.data_content_type   'Structure model' 
_pdbx_audit_revision_details.provider            repository 
_pdbx_audit_revision_details.type                'Initial release' 
_pdbx_audit_revision_details.description         ? 
_pdbx_audit_revision_details.details             ? 
# 
loop_
_pdbx_audit_revision_group.ordinal 
_pdbx_audit_revision_group.revision_ordinal 
_pdbx_audit_revision_group.data_content_type 
_pdbx_audit_revision_group.group 
1 2 'Structure model' 'Version format compliance' 
2 3 'Structure model' 'Data collection'           
3 3 'Structure model' 'Database references'       
# 
loop_
_pdbx_audit_revision_category.ordinal 
_pdbx_audit_revision_category.revision_ordinal 
_pdbx_audit_revision_category.data_content_type 
_pdbx_audit_revision_category.category 
1 3 'Structure model' chem_comp_atom 
2 3 'Structure model' chem_comp_bond 
3 3 'Structure model' database_2     
# 
loop_
_pdbx_audit_revision_item.ordinal 
_pdbx_audit_revision_item.revision_ordinal 
_pdbx_audit_revision_item.data_content_type 
_pdbx_audit_revision_item.item 
1 3 'Structure model' '_database_2.pdbx_DOI'                
2 3 'Structure model' '_database_2.pdbx_database_accession' 
# 
_pdbx_database_status.status_code                     REL 
_pdbx_database_status.entry_id                        2P9R 
_pdbx_database_status.recvd_initial_deposition_date   2007-03-26 
_pdbx_database_status.deposit_site                    RCSB 
_pdbx_database_status.process_site                    RCSB 
_pdbx_database_status.status_code_sf                  REL 
_pdbx_database_status.status_code_mr                  ? 
_pdbx_database_status.SG_entry                        ? 
_pdbx_database_status.pdb_format_compatible           Y 
_pdbx_database_status.status_code_cs                  ? 
_pdbx_database_status.status_code_nmr_data            ? 
_pdbx_database_status.methods_development_category    ? 
# 
_audit_author.name           'Doan, N.' 
_audit_author.pdbx_ordinal   1 
# 
_citation.id                        primary 
_citation.title                     
'Human alpha2-macroglobulin is composed of multiple domains, as predicted by homology with complement component C3.' 
_citation.journal_abbrev            Biochem.J. 
_citation.journal_volume            407 
_citation.page_first                23 
_citation.page_last                 30 
_citation.year                      2007 
_citation.journal_id_ASTM           BIJOAK 
_citation.country                   UK 
_citation.journal_id_ISSN           0264-6021 
_citation.journal_id_CSD            0043 
_citation.book_publisher            ? 
_citation.pdbx_database_id_PubMed   17608619 
_citation.pdbx_database_id_DOI      10.1042/BJ20070764 
# 
loop_
_citation_author.citation_id 
_citation_author.name 
_citation_author.ordinal 
_citation_author.identifier_ORCID 
primary 'Doan, N.'      1 ? 
primary 'Gettins, P.G.' 2 ? 
# 
loop_
_entity.id 
_entity.type 
_entity.src_method 
_entity.pdbx_description 
_entity.formula_weight 
_entity.pdbx_number_of_molecules 
_entity.pdbx_ec 
_entity.pdbx_mutation 
_entity.pdbx_fragment 
_entity.details 
1 polymer man Alpha-2-macroglobulin 11674.244 2  ? ? ? ? 
2 water   nat water                 18.015    65 ? ? ? ? 
# 
_entity_name_com.entity_id   1 
_entity_name_com.name        Alpha-2-M 
# 
_entity_poly.entity_id                      1 
_entity_poly.type                           'polypeptide(L)' 
_entity_poly.nstd_linkage                   no 
_entity_poly.nstd_monomer                   no 
_entity_poly.pdbx_seq_one_letter_code       
;DSLVFVQTDKSIYKPGQTVKFRVVSMDENFHPLNELIPLVYIQDPKGNRIAQWQSFQLEGGLKQFSFPLSSEPFQGSYKV
VVQKKSGGRTEHPFTVEEFVLP
;
_entity_poly.pdbx_seq_one_letter_code_can   
;DSLVFVQTDKSIYKPGQTVKFRVVSMDENFHPLNELIPLVYIQDPKGNRIAQWQSFQLEGGLKQFSFPLSSEPFQGSYKV
VVQKKSGGRTEHPFTVEEFVLP
;
_entity_poly.pdbx_strand_id                 A,B 
_entity_poly.pdbx_target_identifier         ? 
# 
_pdbx_entity_nonpoly.entity_id   2 
_pdbx_entity_nonpoly.name        water 
_pdbx_entity_nonpoly.comp_id     HOH 
# 
loop_
_entity_poly_seq.entity_id 
_entity_poly_seq.num 
_entity_poly_seq.mon_id 
_entity_poly_seq.hetero 
1 1   ASP n 
1 2   SER n 
1 3   LEU n 
1 4   VAL n 
1 5   PHE n 
1 6   VAL n 
1 7   GLN n 
1 8   THR n 
1 9   ASP n 
1 10  LYS n 
1 11  SER n 
1 12  ILE n 
1 13  TYR n 
1 14  LYS n 
1 15  PRO n 
1 16  GLY n 
1 17  GLN n 
1 18  THR n 
1 19  VAL n 
1 20  LYS n 
1 21  PHE n 
1 22  ARG n 
1 23  VAL n 
1 24  VAL n 
1 25  SER n 
1 26  MET n 
1 27  ASP n 
1 28  GLU n 
1 29  ASN n 
1 30  PHE n 
1 31  HIS n 
1 32  PRO n 
1 33  LEU n 
1 34  ASN n 
1 35  GLU n 
1 36  LEU n 
1 37  ILE n 
1 38  PRO n 
1 39  LEU n 
1 40  VAL n 
1 41  TYR n 
1 42  ILE n 
1 43  GLN n 
1 44  ASP n 
1 45  PRO n 
1 46  LYS n 
1 47  GLY n 
1 48  ASN n 
1 49  ARG n 
1 50  ILE n 
1 51  ALA n 
1 52  GLN n 
1 53  TRP n 
1 54  GLN n 
1 55  SER n 
1 56  PHE n 
1 57  GLN n 
1 58  LEU n 
1 59  GLU n 
1 60  GLY n 
1 61  GLY n 
1 62  LEU n 
1 63  LYS n 
1 64  GLN n 
1 65  PHE n 
1 66  SER n 
1 67  PHE n 
1 68  PRO n 
1 69  LEU n 
1 70  SER n 
1 71  SER n 
1 72  GLU n 
1 73  PRO n 
1 74  PHE n 
1 75  GLN n 
1 76  GLY n 
1 77  SER n 
1 78  TYR n 
1 79  LYS n 
1 80  VAL n 
1 81  VAL n 
1 82  VAL n 
1 83  GLN n 
1 84  LYS n 
1 85  LYS n 
1 86  SER n 
1 87  GLY n 
1 88  GLY n 
1 89  ARG n 
1 90  THR n 
1 91  GLU n 
1 92  HIS n 
1 93  PRO n 
1 94  PHE n 
1 95  THR n 
1 96  VAL n 
1 97  GLU n 
1 98  GLU n 
1 99  PHE n 
1 100 VAL n 
1 101 LEU n 
1 102 PRO n 
# 
_entity_src_gen.entity_id                          1 
_entity_src_gen.pdbx_src_id                        1 
_entity_src_gen.pdbx_alt_source_flag               sample 
_entity_src_gen.pdbx_seq_type                      ? 
_entity_src_gen.pdbx_beg_seq_num                   ? 
_entity_src_gen.pdbx_end_seq_num                   ? 
_entity_src_gen.gene_src_common_name               human 
_entity_src_gen.gene_src_genus                     Homo 
_entity_src_gen.pdbx_gene_src_gene                 A2M 
_entity_src_gen.gene_src_species                   ? 
_entity_src_gen.gene_src_strain                    ? 
_entity_src_gen.gene_src_tissue                    ? 
_entity_src_gen.gene_src_tissue_fraction           ? 
_entity_src_gen.gene_src_details                   ? 
_entity_src_gen.pdbx_gene_src_fragment             ? 
_entity_src_gen.pdbx_gene_src_scientific_name      'Homo sapiens' 
_entity_src_gen.pdbx_gene_src_ncbi_taxonomy_id     9606 
_entity_src_gen.pdbx_gene_src_variant              ? 
_entity_src_gen.pdbx_gene_src_cell_line            ? 
_entity_src_gen.pdbx_gene_src_atcc                 ? 
_entity_src_gen.pdbx_gene_src_organ                ? 
_entity_src_gen.pdbx_gene_src_organelle            ? 
_entity_src_gen.pdbx_gene_src_cell                 ? 
_entity_src_gen.pdbx_gene_src_cellular_location    ? 
_entity_src_gen.host_org_common_name               ? 
_entity_src_gen.pdbx_host_org_scientific_name      'Escherichia coli' 
_entity_src_gen.pdbx_host_org_ncbi_taxonomy_id     562 
_entity_src_gen.host_org_genus                     Escherichia 
_entity_src_gen.pdbx_host_org_gene                 ? 
_entity_src_gen.pdbx_host_org_organ                ? 
_entity_src_gen.host_org_species                   ? 
_entity_src_gen.pdbx_host_org_tissue               ? 
_entity_src_gen.pdbx_host_org_tissue_fraction      ? 
_entity_src_gen.pdbx_host_org_strain               SG13009 
_entity_src_gen.pdbx_host_org_variant              ? 
_entity_src_gen.pdbx_host_org_cell_line            ? 
_entity_src_gen.pdbx_host_org_atcc                 ? 
_entity_src_gen.pdbx_host_org_culture_collection   ? 
_entity_src_gen.pdbx_host_org_cell                 ? 
_entity_src_gen.pdbx_host_org_organelle            ? 
_entity_src_gen.pdbx_host_org_cellular_location    ? 
_entity_src_gen.pdbx_host_org_vector_type          Plasmid 
_entity_src_gen.pdbx_host_org_vector               ? 
_entity_src_gen.host_org_details                   ? 
_entity_src_gen.expression_system_id               ? 
_entity_src_gen.plasmid_name                       PQE30 
_entity_src_gen.plasmid_details                    ? 
_entity_src_gen.pdbx_description                   ? 
# 
loop_
_chem_comp.id 
_chem_comp.type 
_chem_comp.mon_nstd_flag 
_chem_comp.name 
_chem_comp.pdbx_synonyms 
_chem_comp.formula 
_chem_comp.formula_weight 
ALA 'L-peptide linking' y ALANINE         ? 'C3 H7 N O2'     89.093  
ARG 'L-peptide linking' y ARGININE        ? 'C6 H15 N4 O2 1' 175.209 
ASN 'L-peptide linking' y ASPARAGINE      ? 'C4 H8 N2 O3'    132.118 
ASP 'L-peptide linking' y 'ASPARTIC ACID' ? 'C4 H7 N O4'     133.103 
GLN 'L-peptide linking' y GLUTAMINE       ? 'C5 H10 N2 O3'   146.144 
GLU 'L-peptide linking' y 'GLUTAMIC ACID' ? 'C5 H9 N O4'     147.129 
GLY 'peptide linking'   y GLYCINE         ? 'C2 H5 N O2'     75.067  
HIS 'L-peptide linking' y HISTIDINE       ? 'C6 H10 N3 O2 1' 156.162 
HOH non-polymer         . WATER           ? 'H2 O'           18.015  
ILE 'L-peptide linking' y ISOLEUCINE      ? 'C6 H13 N O2'    131.173 
LEU 'L-peptide linking' y LEUCINE         ? 'C6 H13 N O2'    131.173 
LYS 'L-peptide linking' y LYSINE          ? 'C6 H15 N2 O2 1' 147.195 
MET 'L-peptide linking' y METHIONINE      ? 'C5 H11 N O2 S'  149.211 
PHE 'L-peptide linking' y PHENYLALANINE   ? 'C9 H11 N O2'    165.189 
PRO 'L-peptide linking' y PROLINE         ? 'C5 H9 N O2'     115.130 
SER 'L-peptide linking' y SERINE          ? 'C3 H7 N O3'     105.093 
THR 'L-peptide linking' y THREONINE       ? 'C4 H9 N O3'     119.119 
TRP 'L-peptide linking' y TRYPTOPHAN      ? 'C11 H12 N2 O2'  204.225 
TYR 'L-peptide linking' y TYROSINE        ? 'C9 H11 N O3'    181.189 
VAL 'L-peptide linking' y VALINE          ? 'C5 H11 N O2'    117.146 
# 
loop_
_pdbx_poly_seq_scheme.asym_id 
_pdbx_poly_seq_scheme.entity_id 
_pdbx_poly_seq_scheme.seq_id 
_pdbx_poly_seq_scheme.mon_id 
_pdbx_poly_seq_scheme.ndb_seq_num 
_pdbx_poly_seq_scheme.pdb_seq_num 
_pdbx_poly_seq_scheme.auth_seq_num 
_pdbx_poly_seq_scheme.pdb_mon_id 
_pdbx_poly_seq_scheme.auth_mon_id 
_pdbx_poly_seq_scheme.pdb_strand_id 
_pdbx_poly_seq_scheme.pdb_ins_code 
_pdbx_poly_seq_scheme.hetero 
A 1 1   ASP 1   103 103 ASP ASP A . n 
A 1 2   SER 2   104 104 SER SER A . n 
A 1 3   LEU 3   105 105 LEU LEU A . n 
A 1 4   VAL 4   106 106 VAL VAL A . n 
A 1 5   PHE 5   107 107 PHE PHE A . n 
A 1 6   VAL 6   108 108 VAL VAL A . n 
A 1 7   GLN 7   109 109 GLN GLN A . n 
A 1 8   THR 8   110 110 THR THR A . n 
A 1 9   ASP 9   111 111 ASP ASP A . n 
A 1 10  LYS 10  112 112 LYS LYS A . n 
A 1 11  SER 11  113 113 SER SER A . n 
A 1 12  ILE 12  114 114 ILE ILE A . n 
A 1 13  TYR 13  115 115 TYR TYR A . n 
A 1 14  LYS 14  116 116 LYS LYS A . n 
A 1 15  PRO 15  117 117 PRO PRO A . n 
A 1 16  GLY 16  118 118 GLY GLY A . n 
A 1 17  GLN 17  119 119 GLN GLN A . n 
A 1 18  THR 18  120 120 THR THR A . n 
A 1 19  VAL 19  121 121 VAL VAL A . n 
A 1 20  LYS 20  122 122 LYS LYS A . n 
A 1 21  PHE 21  123 123 PHE PHE A . n 
A 1 22  ARG 22  124 124 ARG ARG A . n 
A 1 23  VAL 23  125 125 VAL VAL A . n 
A 1 24  VAL 24  126 126 VAL VAL A . n 
A 1 25  SER 25  127 127 SER SER A . n 
A 1 26  MET 26  128 128 MET MET A . n 
A 1 27  ASP 27  129 129 ASP ASP A . n 
A 1 28  GLU 28  130 130 GLU GLU A . n 
A 1 29  ASN 29  131 131 ASN ASN A . n 
A 1 30  PHE 30  132 132 PHE PHE A . n 
A 1 31  HIS 31  133 133 HIS HIS A . n 
A 1 32  PRO 32  134 134 PRO PRO A . n 
A 1 33  LEU 33  135 135 LEU LEU A . n 
A 1 34  ASN 34  136 136 ASN ASN A . n 
A 1 35  GLU 35  137 137 GLU GLU A . n 
A 1 36  LEU 36  138 138 LEU LEU A . n 
A 1 37  ILE 37  139 139 ILE ILE A . n 
A 1 38  PRO 38  140 140 PRO PRO A . n 
A 1 39  LEU 39  141 141 LEU LEU A . n 
A 1 40  VAL 40  142 142 VAL VAL A . n 
A 1 41  TYR 41  143 143 TYR TYR A . n 
A 1 42  ILE 42  144 144 ILE ILE A . n 
A 1 43  GLN 43  145 145 GLN GLN A . n 
A 1 44  ASP 44  146 146 ASP ASP A . n 
A 1 45  PRO 45  147 147 PRO PRO A . n 
A 1 46  LYS 46  148 148 LYS LYS A . n 
A 1 47  GLY 47  149 149 GLY GLY A . n 
A 1 48  ASN 48  150 150 ASN ASN A . n 
A 1 49  ARG 49  151 151 ARG ARG A . n 
A 1 50  ILE 50  152 152 ILE ILE A . n 
A 1 51  ALA 51  153 153 ALA ALA A . n 
A 1 52  GLN 52  154 154 GLN GLN A . n 
A 1 53  TRP 53  155 155 TRP TRP A . n 
A 1 54  GLN 54  156 156 GLN GLN A . n 
A 1 55  SER 55  157 157 SER SER A . n 
A 1 56  PHE 56  158 158 PHE PHE A . n 
A 1 57  GLN 57  159 159 GLN GLN A . n 
A 1 58  LEU 58  160 160 LEU LEU A . n 
A 1 59  GLU 59  161 161 GLU GLU A . n 
A 1 60  GLY 60  162 162 GLY GLY A . n 
A 1 61  GLY 61  163 163 GLY GLY A . n 
A 1 62  LEU 62  164 164 LEU LEU A . n 
A 1 63  LYS 63  165 165 LYS LYS A . n 
A 1 64  GLN 64  166 166 GLN GLN A . n 
A 1 65  PHE 65  167 167 PHE PHE A . n 
A 1 66  SER 66  168 168 SER SER A . n 
A 1 67  PHE 67  169 169 PHE PHE A . n 
A 1 68  PRO 68  170 170 PRO PRO A . n 
A 1 69  LEU 69  171 171 LEU LEU A . n 
A 1 70  SER 70  172 172 SER SER A . n 
A 1 71  SER 71  173 173 SER SER A . n 
A 1 72  GLU 72  174 174 GLU GLU A . n 
A 1 73  PRO 73  175 175 PRO PRO A . n 
A 1 74  PHE 74  176 176 PHE PHE A . n 
A 1 75  GLN 75  177 177 GLN GLN A . n 
A 1 76  GLY 76  178 178 GLY GLY A . n 
A 1 77  SER 77  179 179 SER SER A . n 
A 1 78  TYR 78  180 180 TYR TYR A . n 
A 1 79  LYS 79  181 181 LYS LYS A . n 
A 1 80  VAL 80  182 182 VAL VAL A . n 
A 1 81  VAL 81  183 183 VAL VAL A . n 
A 1 82  VAL 82  184 184 VAL VAL A . n 
A 1 83  GLN 83  185 185 GLN GLN A . n 
A 1 84  LYS 84  186 186 LYS LYS A . n 
A 1 85  LYS 85  187 187 LYS LYS A . n 
A 1 86  SER 86  188 188 SER SER A . n 
A 1 87  GLY 87  189 189 GLY GLY A . n 
A 1 88  GLY 88  190 190 GLY GLY A . n 
A 1 89  ARG 89  191 191 ARG ARG A . n 
A 1 90  THR 90  192 192 THR THR A . n 
A 1 91  GLU 91  193 193 GLU GLU A . n 
A 1 92  HIS 92  194 194 HIS HIS A . n 
A 1 93  PRO 93  195 195 PRO PRO A . n 
A 1 94  PHE 94  196 196 PHE PHE A . n 
A 1 95  THR 95  197 197 THR THR A . n 
A 1 96  VAL 96  198 198 VAL VAL A . n 
A 1 97  GLU 97  199 199 GLU GLU A . n 
A 1 98  GLU 98  200 200 GLU GLU A . n 
A 1 99  PHE 99  201 201 PHE PHE A . n 
A 1 100 VAL 100 202 202 VAL VAL A . n 
A 1 101 LEU 101 203 203 LEU LEU A . n 
A 1 102 PRO 102 204 204 PRO PRO A . n 
B 1 1   ASP 1   103 103 ASP ASP B . n 
B 1 2   SER 2   104 104 SER SER B . n 
B 1 3   LEU 3   105 105 LEU LEU B . n 
B 1 4   VAL 4   106 106 VAL VAL B . n 
B 1 5   PHE 5   107 107 PHE PHE B . n 
B 1 6   VAL 6   108 108 VAL VAL B . n 
B 1 7   GLN 7   109 109 GLN GLN B . n 
B 1 8   THR 8   110 110 THR THR B . n 
B 1 9   ASP 9   111 111 ASP ASP B . n 
B 1 10  LYS 10  112 112 LYS LYS B . n 
B 1 11  SER 11  113 113 SER SER B . n 
B 1 12  ILE 12  114 114 ILE ILE B . n 
B 1 13  TYR 13  115 115 TYR TYR B . n 
B 1 14  LYS 14  116 116 LYS LYS B . n 
B 1 15  PRO 15  117 117 PRO PRO B . n 
B 1 16  GLY 16  118 118 GLY GLY B . n 
B 1 17  GLN 17  119 119 GLN GLN B . n 
B 1 18  THR 18  120 120 THR THR B . n 
B 1 19  VAL 19  121 121 VAL VAL B . n 
B 1 20  LYS 20  122 122 LYS LYS B . n 
B 1 21  PHE 21  123 123 PHE PHE B . n 
B 1 22  ARG 22  124 124 ARG ARG B . n 
B 1 23  VAL 23  125 125 VAL VAL B . n 
B 1 24  VAL 24  126 126 VAL VAL B . n 
B 1 25  SER 25  127 127 SER SER B . n 
B 1 26  MET 26  128 128 MET MET B . n 
B 1 27  ASP 27  129 129 ASP ASP B . n 
B 1 28  GLU 28  130 130 GLU GLU B . n 
B 1 29  ASN 29  131 131 ASN ASN B . n 
B 1 30  PHE 30  132 132 PHE PHE B . n 
B 1 31  HIS 31  133 133 HIS HIS B . n 
B 1 32  PRO 32  134 134 PRO PRO B . n 
B 1 33  LEU 33  135 135 LEU LEU B . n 
B 1 34  ASN 34  136 136 ASN ASN B . n 
B 1 35  GLU 35  137 137 GLU GLU B . n 
B 1 36  LEU 36  138 138 LEU LEU B . n 
B 1 37  ILE 37  139 139 ILE ILE B . n 
B 1 38  PRO 38  140 140 PRO PRO B . n 
B 1 39  LEU 39  141 141 LEU LEU B . n 
B 1 40  VAL 40  142 142 VAL VAL B . n 
B 1 41  TYR 41  143 143 TYR TYR B . n 
B 1 42  ILE 42  144 144 ILE ILE B . n 
B 1 43  GLN 43  145 145 GLN GLN B . n 
B 1 44  ASP 44  146 146 ASP ASP B . n 
B 1 45  PRO 45  147 147 PRO PRO B . n 
B 1 46  LYS 46  148 148 LYS LYS B . n 
B 1 47  GLY 47  149 149 GLY GLY B . n 
B 1 48  ASN 48  150 150 ASN ASN B . n 
B 1 49  ARG 49  151 151 ARG ARG B . n 
B 1 50  ILE 50  152 152 ILE ILE B . n 
B 1 51  ALA 51  153 153 ALA ALA B . n 
B 1 52  GLN 52  154 154 GLN GLN B . n 
B 1 53  TRP 53  155 155 TRP TRP B . n 
B 1 54  GLN 54  156 156 GLN GLN B . n 
B 1 55  SER 55  157 157 SER SER B . n 
B 1 56  PHE 56  158 158 PHE PHE B . n 
B 1 57  GLN 57  159 159 GLN GLN B . n 
B 1 58  LEU 58  160 160 LEU LEU B . n 
B 1 59  GLU 59  161 161 GLU GLU B . n 
B 1 60  GLY 60  162 162 GLY GLY B . n 
B 1 61  GLY 61  163 163 GLY GLY B . n 
B 1 62  LEU 62  164 164 LEU LEU B . n 
B 1 63  LYS 63  165 165 LYS LYS B . n 
B 1 64  GLN 64  166 166 GLN GLN B . n 
B 1 65  PHE 65  167 167 PHE PHE B . n 
B 1 66  SER 66  168 168 SER SER B . n 
B 1 67  PHE 67  169 169 PHE PHE B . n 
B 1 68  PRO 68  170 170 PRO PRO B . n 
B 1 69  LEU 69  171 171 LEU LEU B . n 
B 1 70  SER 70  172 172 SER SER B . n 
B 1 71  SER 71  173 173 SER SER B . n 
B 1 72  GLU 72  174 174 GLU GLU B . n 
B 1 73  PRO 73  175 175 PRO PRO B . n 
B 1 74  PHE 74  176 176 PHE PHE B . n 
B 1 75  GLN 75  177 177 GLN GLN B . n 
B 1 76  GLY 76  178 178 GLY GLY B . n 
B 1 77  SER 77  179 179 SER SER B . n 
B 1 78  TYR 78  180 180 TYR TYR B . n 
B 1 79  LYS 79  181 181 LYS LYS B . n 
B 1 80  VAL 80  182 182 VAL VAL B . n 
B 1 81  VAL 81  183 183 VAL VAL B . n 
B 1 82  VAL 82  184 184 VAL VAL B . n 
B 1 83  GLN 83  185 185 GLN GLN B . n 
B 1 84  LYS 84  186 186 LYS LYS B . n 
B 1 85  LYS 85  187 187 LYS LYS B . n 
B 1 86  SER 86  188 188 SER SER B . n 
B 1 87  GLY 87  189 189 GLY GLY B . n 
B 1 88  GLY 88  190 190 GLY GLY B . n 
B 1 89  ARG 89  191 191 ARG ARG B . n 
B 1 90  THR 90  192 192 THR THR B . n 
B 1 91  GLU 91  193 193 GLU GLU B . n 
B 1 92  HIS 92  194 194 HIS HIS B . n 
B 1 93  PRO 93  195 195 PRO PRO B . n 
B 1 94  PHE 94  196 196 PHE PHE B . n 
B 1 95  THR 95  197 197 THR THR B . n 
B 1 96  VAL 96  198 198 VAL VAL B . n 
B 1 97  GLU 97  199 199 GLU GLU B . n 
B 1 98  GLU 98  200 ?   ?   ?   B . n 
B 1 99  PHE 99  201 ?   ?   ?   B . n 
B 1 100 VAL 100 202 ?   ?   ?   B . n 
B 1 101 LEU 101 203 ?   ?   ?   B . n 
B 1 102 PRO 102 204 ?   ?   ?   B . n 
# 
loop_
_pdbx_nonpoly_scheme.asym_id 
_pdbx_nonpoly_scheme.entity_id 
_pdbx_nonpoly_scheme.mon_id 
_pdbx_nonpoly_scheme.ndb_seq_num 
_pdbx_nonpoly_scheme.pdb_seq_num 
_pdbx_nonpoly_scheme.auth_seq_num 
_pdbx_nonpoly_scheme.pdb_mon_id 
_pdbx_nonpoly_scheme.auth_mon_id 
_pdbx_nonpoly_scheme.pdb_strand_id 
_pdbx_nonpoly_scheme.pdb_ins_code 
C 2 HOH 1  1  1  HOH HOH A . 
C 2 HOH 2  2  2  HOH HOH A . 
C 2 HOH 3  5  5  HOH HOH A . 
C 2 HOH 4  7  7  HOH HOH A . 
C 2 HOH 5  8  8  HOH HOH A . 
C 2 HOH 6  9  9  HOH HOH A . 
C 2 HOH 7  10 10 HOH HOH A . 
C 2 HOH 8  13 13 HOH HOH A . 
C 2 HOH 9  14 14 HOH HOH A . 
C 2 HOH 10 15 15 HOH HOH A . 
C 2 HOH 11 16 16 HOH HOH A . 
C 2 HOH 12 17 17 HOH HOH A . 
C 2 HOH 13 20 20 HOH HOH A . 
C 2 HOH 14 21 21 HOH HOH A . 
C 2 HOH 15 22 22 HOH HOH A . 
C 2 HOH 16 23 23 HOH HOH A . 
C 2 HOH 17 25 25 HOH HOH A . 
C 2 HOH 18 29 29 HOH HOH A . 
C 2 HOH 19 30 30 HOH HOH A . 
C 2 HOH 20 31 31 HOH HOH A . 
C 2 HOH 21 33 33 HOH HOH A . 
C 2 HOH 22 34 34 HOH HOH A . 
C 2 HOH 23 37 37 HOH HOH A . 
C 2 HOH 24 39 39 HOH HOH A . 
C 2 HOH 25 40 40 HOH HOH A . 
C 2 HOH 26 41 41 HOH HOH A . 
C 2 HOH 27 42 42 HOH HOH A . 
C 2 HOH 28 43 43 HOH HOH A . 
C 2 HOH 29 44 44 HOH HOH A . 
C 2 HOH 30 46 46 HOH HOH A . 
C 2 HOH 31 47 47 HOH HOH A . 
C 2 HOH 32 51 51 HOH HOH A . 
C 2 HOH 33 54 54 HOH HOH A . 
C 2 HOH 34 57 57 HOH HOH A . 
C 2 HOH 35 58 58 HOH HOH A . 
C 2 HOH 36 59 59 HOH HOH A . 
C 2 HOH 37 60 60 HOH HOH A . 
C 2 HOH 38 61 61 HOH HOH A . 
C 2 HOH 39 63 63 HOH HOH A . 
D 2 HOH 1  3  3  HOH HOH B . 
D 2 HOH 2  4  4  HOH HOH B . 
D 2 HOH 3  6  6  HOH HOH B . 
D 2 HOH 4  11 11 HOH HOH B . 
D 2 HOH 5  12 12 HOH HOH B . 
D 2 HOH 6  18 18 HOH HOH B . 
D 2 HOH 7  19 19 HOH HOH B . 
D 2 HOH 8  24 24 HOH HOH B . 
D 2 HOH 9  26 26 HOH HOH B . 
D 2 HOH 10 27 27 HOH HOH B . 
D 2 HOH 11 28 28 HOH HOH B . 
D 2 HOH 12 32 32 HOH HOH B . 
D 2 HOH 13 35 35 HOH HOH B . 
D 2 HOH 14 36 36 HOH HOH B . 
D 2 HOH 15 38 38 HOH HOH B . 
D 2 HOH 16 45 45 HOH HOH B . 
D 2 HOH 17 48 48 HOH HOH B . 
D 2 HOH 18 49 49 HOH HOH B . 
D 2 HOH 19 50 50 HOH HOH B . 
D 2 HOH 20 52 52 HOH HOH B . 
D 2 HOH 21 53 53 HOH HOH B . 
D 2 HOH 22 55 55 HOH HOH B . 
D 2 HOH 23 56 56 HOH HOH B . 
D 2 HOH 24 62 62 HOH HOH B . 
D 2 HOH 25 64 64 HOH HOH B . 
D 2 HOH 26 65 65 HOH HOH B . 
# 
loop_
_software.name 
_software.classification 
_software.version 
_software.citation_id 
_software.pdbx_ordinal 
HKL-2000 'data collection' .   ? 1 
SOLVE    phasing           .   ? 2 
CNS      refinement        1.1 ? 3 
HKL-2000 'data reduction'  .   ? 4 
HKL-2000 'data scaling'    .   ? 5 
# 
_cell.entry_id           2P9R 
_cell.length_a           68.810 
_cell.length_b           68.810 
_cell.length_c           120.070 
_cell.angle_alpha        90.00 
_cell.angle_beta         90.00 
_cell.angle_gamma        90.00 
_cell.Z_PDB              16 
_cell.pdbx_unique_axis   ? 
_cell.length_a_esd       ? 
_cell.length_b_esd       ? 
_cell.length_c_esd       ? 
_cell.angle_alpha_esd    ? 
_cell.angle_beta_esd     ? 
_cell.angle_gamma_esd    ? 
# 
_symmetry.entry_id                         2P9R 
_symmetry.space_group_name_H-M             'P 43 21 2' 
_symmetry.pdbx_full_space_group_name_H-M   ? 
_symmetry.cell_setting                     ? 
_symmetry.Int_Tables_number                96 
_symmetry.space_group_name_Hall            ? 
# 
_exptl.entry_id          2P9R 
_exptl.method            'X-RAY DIFFRACTION' 
_exptl.crystals_number   1 
# 
_exptl_crystal.id                    1 
_exptl_crystal.density_meas          ? 
_exptl_crystal.density_Matthews      3.04 
_exptl_crystal.density_percent_sol   59.56 
_exptl_crystal.description           ? 
_exptl_crystal.F_000                 ? 
_exptl_crystal.preparation           ? 
# 
_exptl_crystal_grow.crystal_id      1 
_exptl_crystal_grow.method          'VAPOR DIFFUSION, HANGING DROP' 
_exptl_crystal_grow.temp            295 
_exptl_crystal_grow.temp_details    ? 
_exptl_crystal_grow.pH              6.6 
_exptl_crystal_grow.pdbx_details    
'11% PEG 3350, 200mM di-ammonium hydrogen citrate, pH 6.6, VAPOR DIFFUSION, HANGING DROP, temperature 295K' 
_exptl_crystal_grow.pdbx_pH_range   . 
# 
_diffrn.id                     1 
_diffrn.ambient_temp           100 
_diffrn.ambient_temp_details   ? 
_diffrn.crystal_id             1 
# 
_diffrn_detector.diffrn_id              1 
_diffrn_detector.detector               CCD 
_diffrn_detector.type                   'MARMOSAIC 225 mm CCD' 
_diffrn_detector.pdbx_collection_date   2006-06-15 
_diffrn_detector.details                ? 
# 
_diffrn_radiation.diffrn_id                        1 
_diffrn_radiation.wavelength_id                    1 
_diffrn_radiation.pdbx_monochromatic_or_laue_m_l   M 
_diffrn_radiation.monochromator                    ? 
_diffrn_radiation.pdbx_diffrn_protocol             MAD 
_diffrn_radiation.pdbx_scattering_type             x-ray 
# 
_diffrn_radiation_wavelength.id           1 
_diffrn_radiation_wavelength.wavelength   0.9796 
_diffrn_radiation_wavelength.wt           1.0 
# 
_diffrn_source.diffrn_id                   1 
_diffrn_source.source                      SYNCHROTRON 
_diffrn_source.type                        'APS BEAMLINE 22-BM' 
_diffrn_source.pdbx_synchrotron_site       APS 
_diffrn_source.pdbx_synchrotron_beamline   22-BM 
_diffrn_source.pdbx_wavelength             ? 
_diffrn_source.pdbx_wavelength_list        0.9796 
# 
_reflns.entry_id                     2P9R 
_reflns.observed_criterion_sigma_F   ? 
_reflns.observed_criterion_sigma_I   ? 
_reflns.d_resolution_high            2.3 
_reflns.d_resolution_low             48.7 
_reflns.number_all                   ? 
_reflns.number_obs                   13500 
_reflns.percent_possible_obs         ? 
_reflns.pdbx_Rmerge_I_obs            ? 
_reflns.pdbx_Rsym_value              ? 
_reflns.pdbx_netI_over_sigmaI        ? 
_reflns.B_iso_Wilson_estimate        ? 
_reflns.pdbx_redundancy              23 
_reflns.R_free_details               ? 
_reflns.limit_h_max                  ? 
_reflns.limit_h_min                  ? 
_reflns.limit_k_max                  ? 
_reflns.limit_k_min                  ? 
_reflns.limit_l_max                  ? 
_reflns.limit_l_min                  ? 
_reflns.observed_criterion_F_max     ? 
_reflns.observed_criterion_F_min     ? 
_reflns.pdbx_chi_squared             ? 
_reflns.pdbx_scaling_rejects         ? 
_reflns.pdbx_diffrn_id               1 
_reflns.pdbx_ordinal                 1 
# 
_reflns_shell.d_res_high             2.2 
_reflns_shell.d_res_low              2.3 
_reflns_shell.percent_possible_all   98.6 
_reflns_shell.Rmerge_I_obs           ? 
_reflns_shell.pdbx_Rsym_value        ? 
_reflns_shell.meanI_over_sigI_obs    ? 
_reflns_shell.pdbx_redundancy        11.2 
_reflns_shell.percent_possible_obs   ? 
_reflns_shell.number_unique_all      1297 
_reflns_shell.number_measured_all    ? 
_reflns_shell.number_measured_obs    ? 
_reflns_shell.number_unique_obs      ? 
_reflns_shell.pdbx_chi_squared       ? 
_reflns_shell.pdbx_diffrn_id         ? 
_reflns_shell.pdbx_ordinal           1 
# 
_refine.entry_id                                 2P9R 
_refine.ls_d_res_high                            2.3 
_refine.ls_d_res_low                             48.7 
_refine.pdbx_ls_sigma_F                          ? 
_refine.pdbx_ls_sigma_I                          ? 
_refine.ls_number_reflns_all                     ? 
_refine.ls_number_reflns_obs                     13500 
_refine.ls_number_reflns_R_free                  ? 
_refine.ls_percent_reflns_obs                    99.4 
_refine.ls_R_factor_all                          ? 
_refine.ls_R_factor_obs                          ? 
_refine.ls_R_factor_R_work                       0.244 
_refine.ls_R_factor_R_free                       0.281 
_refine.ls_redundancy_reflns_obs                 ? 
_refine.pdbx_data_cutoff_high_absF               ? 
_refine.pdbx_data_cutoff_low_absF                ? 
_refine.ls_number_parameters                     ? 
_refine.ls_number_restraints                     ? 
_refine.ls_percent_reflns_R_free                 ? 
_refine.ls_R_factor_R_free_error                 ? 
_refine.ls_R_factor_R_free_error_details         ? 
_refine.pdbx_method_to_determine_struct          MAD 
_refine.pdbx_starting_model                      ? 
_refine.pdbx_ls_cross_valid_method               ? 
_refine.pdbx_R_Free_selection_details            ? 
_refine.pdbx_stereochem_target_val_spec_case     ? 
_refine.pdbx_stereochemistry_target_values       ? 
_refine.solvent_model_details                    ? 
_refine.solvent_model_param_bsol                 ? 
_refine.solvent_model_param_ksol                 ? 
_refine.occupancy_max                            ? 
_refine.occupancy_min                            ? 
_refine.pdbx_isotropic_thermal_model             ? 
_refine.B_iso_mean                               ? 
_refine.aniso_B[1][1]                            ? 
_refine.aniso_B[1][2]                            ? 
_refine.aniso_B[1][3]                            ? 
_refine.aniso_B[2][2]                            ? 
_refine.aniso_B[2][3]                            ? 
_refine.aniso_B[3][3]                            ? 
_refine.details                                  ? 
_refine.B_iso_min                                ? 
_refine.B_iso_max                                ? 
_refine.correlation_coeff_Fo_to_Fc               ? 
_refine.correlation_coeff_Fo_to_Fc_free          ? 
_refine.pdbx_solvent_vdw_probe_radii             ? 
_refine.pdbx_solvent_ion_probe_radii             ? 
_refine.pdbx_solvent_shrinkage_radii             ? 
_refine.overall_SU_R_Cruickshank_DPI             ? 
_refine.overall_SU_R_free                        ? 
_refine.overall_SU_ML                            ? 
_refine.overall_SU_B                             ? 
_refine.pdbx_overall_ESU_R_Free                  ? 
_refine.pdbx_data_cutoff_high_rms_absF           ? 
_refine.pdbx_overall_ESU_R                       ? 
_refine.ls_wR_factor_R_free                      ? 
_refine.ls_wR_factor_R_work                      ? 
_refine.overall_FOM_free_R_set                   ? 
_refine.overall_FOM_work_R_set                   ? 
_refine.pdbx_refine_id                           'X-RAY DIFFRACTION' 
_refine.pdbx_diffrn_id                           1 
_refine.pdbx_TLS_residual_ADP_flag               ? 
_refine.pdbx_overall_phase_error                 ? 
_refine.pdbx_overall_SU_R_free_Cruickshank_DPI   ? 
_refine.pdbx_overall_SU_R_Blow_DPI               ? 
_refine.pdbx_overall_SU_R_free_Blow_DPI          ? 
# 
_refine_hist.pdbx_refine_id                   'X-RAY DIFFRACTION' 
_refine_hist.cycle_id                         LAST 
_refine_hist.pdbx_number_atoms_protein        1611 
_refine_hist.pdbx_number_atoms_nucleic_acid   0 
_refine_hist.pdbx_number_atoms_ligand         0 
_refine_hist.number_atoms_solvent             65 
_refine_hist.number_atoms_total               1676 
_refine_hist.d_res_high                       2.3 
_refine_hist.d_res_low                        48.7 
# 
loop_
_refine_ls_restr.type 
_refine_ls_restr.dev_ideal 
_refine_ls_restr.dev_ideal_target 
_refine_ls_restr.weight 
_refine_ls_restr.number 
_refine_ls_restr.pdbx_refine_id 
_refine_ls_restr.pdbx_restraint_function 
c_bond_d  .007 ? ? ? 'X-RAY DIFFRACTION' ? 
c_angle_d 1.35 ? ? ? 'X-RAY DIFFRACTION' ? 
# 
_struct.entry_id                  2P9R 
_struct.title                     
'Human alpha2-macroglogulin is composed of multiple domains, as predicted by homology with complement component C3' 
_struct.pdbx_model_details        ? 
_struct.pdbx_CASP_flag            ? 
_struct.pdbx_model_type_details   ? 
# 
_struct_keywords.entry_id        2P9R 
_struct_keywords.pdbx_keywords   'SIGNALING PROTEIN' 
_struct_keywords.text            'human alpha2-macroglobulin, MG2 domain, SIGNALING PROTEIN' 
# 
loop_
_struct_asym.id 
_struct_asym.pdbx_blank_PDB_chainid_flag 
_struct_asym.pdbx_modified 
_struct_asym.entity_id 
_struct_asym.details 
A N N 1 ? 
B N N 1 ? 
C N N 2 ? 
D N N 2 ? 
# 
_struct_ref.id                         1 
_struct_ref.db_name                    UNP 
_struct_ref.db_code                    A2MG_HUMAN 
_struct_ref.pdbx_db_accession          P01023 
_struct_ref.entity_id                  1 
_struct_ref.pdbx_seq_one_letter_code   
;DSLVFVQTDKSIYKPGQTVKFRVVSMDENFHPLNELIPLVYIQDPKGNRIAQWQSFQLEGGLKQFSFPLSSEPFQGSYKV
VVQKKSGGRTEHPFTVEEFVLP
;
_struct_ref.pdbx_align_begin           126 
_struct_ref.pdbx_db_isoform            ? 
# 
loop_
_struct_ref_seq.align_id 
_struct_ref_seq.ref_id 
_struct_ref_seq.pdbx_PDB_id_code 
_struct_ref_seq.pdbx_strand_id 
_struct_ref_seq.seq_align_beg 
_struct_ref_seq.pdbx_seq_align_beg_ins_code 
_struct_ref_seq.seq_align_end 
_struct_ref_seq.pdbx_seq_align_end_ins_code 
_struct_ref_seq.pdbx_db_accession 
_struct_ref_seq.db_align_beg 
_struct_ref_seq.pdbx_db_align_beg_ins_code 
_struct_ref_seq.db_align_end 
_struct_ref_seq.pdbx_db_align_end_ins_code 
_struct_ref_seq.pdbx_auth_seq_align_beg 
_struct_ref_seq.pdbx_auth_seq_align_end 
1 1 2P9R A 1 ? 102 ? P01023 126 ? 227 ? 103 204 
2 1 2P9R B 1 ? 102 ? P01023 126 ? 227 ? 103 204 
# 
loop_
_pdbx_struct_assembly.id 
_pdbx_struct_assembly.details 
_pdbx_struct_assembly.method_details 
_pdbx_struct_assembly.oligomeric_details 
_pdbx_struct_assembly.oligomeric_count 
1 author_defined_assembly ? monomeric 1 
2 author_defined_assembly ? monomeric 1 
# 
loop_
_pdbx_struct_assembly_gen.assembly_id 
_pdbx_struct_assembly_gen.oper_expression 
_pdbx_struct_assembly_gen.asym_id_list 
1 1 A,C 
2 1 B,D 
# 
_pdbx_struct_oper_list.id                   1 
_pdbx_struct_oper_list.type                 'identity operation' 
_pdbx_struct_oper_list.name                 1_555 
_pdbx_struct_oper_list.symmetry_operation   x,y,z 
_pdbx_struct_oper_list.matrix[1][1]         1.0000000000 
_pdbx_struct_oper_list.matrix[1][2]         0.0000000000 
_pdbx_struct_oper_list.matrix[1][3]         0.0000000000 
_pdbx_struct_oper_list.vector[1]            0.0000000000 
_pdbx_struct_oper_list.matrix[2][1]         0.0000000000 
_pdbx_struct_oper_list.matrix[2][2]         1.0000000000 
_pdbx_struct_oper_list.matrix[2][3]         0.0000000000 
_pdbx_struct_oper_list.vector[2]            0.0000000000 
_pdbx_struct_oper_list.matrix[3][1]         0.0000000000 
_pdbx_struct_oper_list.matrix[3][2]         0.0000000000 
_pdbx_struct_oper_list.matrix[3][3]         1.0000000000 
_pdbx_struct_oper_list.vector[3]            0.0000000000 
# 
loop_
_struct_biol.id 
_struct_biol.details 
1 'Biological assembly is a monomer.' 
2 ?                                   
# 
_struct_conf.conf_type_id            HELX_P 
_struct_conf.id                      HELX_P1 
_struct_conf.pdbx_PDB_helix_id       1 
_struct_conf.beg_label_comp_id       ASP 
_struct_conf.beg_label_asym_id       A 
_struct_conf.beg_label_seq_id        27 
_struct_conf.pdbx_beg_PDB_ins_code   ? 
_struct_conf.end_label_comp_id       HIS 
_struct_conf.end_label_asym_id       A 
_struct_conf.end_label_seq_id        31 
_struct_conf.pdbx_end_PDB_ins_code   ? 
_struct_conf.beg_auth_comp_id        ASP 
_struct_conf.beg_auth_asym_id        A 
_struct_conf.beg_auth_seq_id         129 
_struct_conf.end_auth_comp_id        HIS 
_struct_conf.end_auth_asym_id        A 
_struct_conf.end_auth_seq_id         133 
_struct_conf.pdbx_PDB_helix_class    5 
_struct_conf.details                 ? 
_struct_conf.pdbx_PDB_helix_length   5 
# 
_struct_conf_type.id          HELX_P 
_struct_conf_type.criteria    ? 
_struct_conf_type.reference   ? 
# 
loop_
_struct_sheet.id 
_struct_sheet.type 
_struct_sheet.number_strands 
_struct_sheet.details 
A ? 3  ? 
B ? 10 ? 
C ? 3  ? 
# 
loop_
_struct_sheet_order.sheet_id 
_struct_sheet_order.range_id_1 
_struct_sheet_order.range_id_2 
_struct_sheet_order.offset 
_struct_sheet_order.sense 
A 1 2  ? anti-parallel 
A 2 3  ? anti-parallel 
B 1 2  ? parallel      
B 2 3  ? anti-parallel 
B 3 4  ? anti-parallel 
B 4 5  ? anti-parallel 
B 5 6  ? anti-parallel 
B 6 7  ? anti-parallel 
B 7 8  ? anti-parallel 
B 8 9  ? anti-parallel 
B 9 10 ? parallel      
C 1 2  ? anti-parallel 
C 2 3  ? anti-parallel 
# 
loop_
_struct_sheet_range.sheet_id 
_struct_sheet_range.id 
_struct_sheet_range.beg_label_comp_id 
_struct_sheet_range.beg_label_asym_id 
_struct_sheet_range.beg_label_seq_id 
_struct_sheet_range.pdbx_beg_PDB_ins_code 
_struct_sheet_range.end_label_comp_id 
_struct_sheet_range.end_label_asym_id 
_struct_sheet_range.end_label_seq_id 
_struct_sheet_range.pdbx_end_PDB_ins_code 
_struct_sheet_range.beg_auth_comp_id 
_struct_sheet_range.beg_auth_asym_id 
_struct_sheet_range.beg_auth_seq_id 
_struct_sheet_range.end_auth_comp_id 
_struct_sheet_range.end_auth_asym_id 
_struct_sheet_range.end_auth_seq_id 
A 1  LEU A 3  ? THR A 8  ? LEU A 105 THR A 110 
A 2  THR A 18 ? MET A 26 ? THR A 120 MET A 128 
A 3  LEU A 62 ? PRO A 68 ? LEU A 164 PRO A 170 
B 1  ILE A 12 ? TYR A 13 ? ILE A 114 TYR A 115 
B 2  ARG A 89 ? VAL A 96 ? ARG A 191 VAL A 198 
B 3  GLY A 76 ? GLN A 83 ? GLY A 178 GLN A 185 
B 4  LEU A 36 ? GLN A 43 ? LEU A 138 GLN A 145 
B 5  ARG A 49 ? GLN A 57 ? ARG A 151 GLN A 159 
B 6  ARG B 49 ? GLN B 57 ? ARG B 151 GLN B 159 
B 7  LEU B 36 ? GLN B 43 ? LEU B 138 GLN B 145 
B 8  GLY B 76 ? GLN B 83 ? GLY B 178 GLN B 185 
B 9  ARG B 89 ? VAL B 96 ? ARG B 191 VAL B 198 
B 10 ILE B 12 ? TYR B 13 ? ILE B 114 TYR B 115 
C 1  LEU B 3  ? THR B 8  ? LEU B 105 THR B 110 
C 2  THR B 18 ? MET B 26 ? THR B 120 MET B 128 
C 3  LEU B 62 ? PRO B 68 ? LEU B 164 PRO B 170 
# 
loop_
_pdbx_struct_sheet_hbond.sheet_id 
_pdbx_struct_sheet_hbond.range_id_1 
_pdbx_struct_sheet_hbond.range_id_2 
_pdbx_struct_sheet_hbond.range_1_label_atom_id 
_pdbx_struct_sheet_hbond.range_1_label_comp_id 
_pdbx_struct_sheet_hbond.range_1_label_asym_id 
_pdbx_struct_sheet_hbond.range_1_label_seq_id 
_pdbx_struct_sheet_hbond.range_1_PDB_ins_code 
_pdbx_struct_sheet_hbond.range_1_auth_atom_id 
_pdbx_struct_sheet_hbond.range_1_auth_comp_id 
_pdbx_struct_sheet_hbond.range_1_auth_asym_id 
_pdbx_struct_sheet_hbond.range_1_auth_seq_id 
_pdbx_struct_sheet_hbond.range_2_label_atom_id 
_pdbx_struct_sheet_hbond.range_2_label_comp_id 
_pdbx_struct_sheet_hbond.range_2_label_asym_id 
_pdbx_struct_sheet_hbond.range_2_label_seq_id 
_pdbx_struct_sheet_hbond.range_2_PDB_ins_code 
_pdbx_struct_sheet_hbond.range_2_auth_atom_id 
_pdbx_struct_sheet_hbond.range_2_auth_comp_id 
_pdbx_struct_sheet_hbond.range_2_auth_asym_id 
_pdbx_struct_sheet_hbond.range_2_auth_seq_id 
A 1 2  N LEU A 3  ? N LEU A 105 O MET A 26 ? O MET A 128 
A 2 3  N PHE A 21 ? N PHE A 123 O PHE A 65 ? O PHE A 167 
B 1 2  N TYR A 13 ? N TYR A 115 O THR A 95 ? O THR A 197 
B 2 3  O PHE A 94 ? O PHE A 196 N TYR A 78 ? N TYR A 180 
B 3 4  O VAL A 81 ? O VAL A 183 N TYR A 41 ? N TYR A 143 
B 4 5  N VAL A 40 ? N VAL A 142 O TRP A 53 ? O TRP A 155 
B 5 6  N GLN A 52 ? N GLN A 154 O GLN B 52 ? O GLN B 154 
B 6 7  O TRP B 53 ? O TRP B 155 N VAL B 40 ? N VAL B 142 
B 7 8  N TYR B 41 ? N TYR B 143 O VAL B 81 ? O VAL B 183 
B 8 9  N TYR B 78 ? N TYR B 180 O PHE B 94 ? O PHE B 196 
B 9 10 O THR B 95 ? O THR B 197 N TYR B 13 ? N TYR B 115 
C 1 2  N PHE B 5  ? N PHE B 107 O VAL B 24 ? O VAL B 126 
C 2 3  N VAL B 19 ? N VAL B 121 O PHE B 67 ? O PHE B 169 
# 
_pdbx_validate_close_contact.id               1 
_pdbx_validate_close_contact.PDB_model_num    1 
_pdbx_validate_close_contact.auth_atom_id_1   O 
_pdbx_validate_close_contact.auth_asym_id_1   B 
_pdbx_validate_close_contact.auth_comp_id_1   ASP 
_pdbx_validate_close_contact.auth_seq_id_1    129 
_pdbx_validate_close_contact.PDB_ins_code_1   ? 
_pdbx_validate_close_contact.label_alt_id_1   ? 
_pdbx_validate_close_contact.auth_atom_id_2   N 
_pdbx_validate_close_contact.auth_asym_id_2   B 
_pdbx_validate_close_contact.auth_comp_id_2   ASN 
_pdbx_validate_close_contact.auth_seq_id_2    131 
_pdbx_validate_close_contact.PDB_ins_code_2   ? 
_pdbx_validate_close_contact.label_alt_id_2   ? 
_pdbx_validate_close_contact.dist             2.14 
# 
loop_
_pdbx_validate_torsion.id 
_pdbx_validate_torsion.PDB_model_num 
_pdbx_validate_torsion.auth_comp_id 
_pdbx_validate_torsion.auth_asym_id 
_pdbx_validate_torsion.auth_seq_id 
_pdbx_validate_torsion.PDB_ins_code 
_pdbx_validate_torsion.label_alt_id 
_pdbx_validate_torsion.phi 
_pdbx_validate_torsion.psi 
1  1 ASN A 131 ? ? 83.80   8.41    
2  1 SER A 157 ? ? 34.50   63.09   
3  1 GLU A 200 ? ? -149.80 -31.73  
4  1 PHE A 201 ? ? 75.52   131.99  
5  1 ASP B 129 ? ? -59.72  178.18  
6  1 GLU B 130 ? ? -45.84  76.77   
7  1 ASN B 131 ? ? 65.70   149.04  
8  1 PHE B 132 ? ? 80.02   -142.53 
9  1 HIS B 133 ? ? -14.89  146.33  
10 1 ASN B 136 ? ? -100.09 66.29   
11 1 SER B 157 ? ? 27.69   73.19   
# 
loop_
_pdbx_unobs_or_zero_occ_residues.id 
_pdbx_unobs_or_zero_occ_residues.PDB_model_num 
_pdbx_unobs_or_zero_occ_residues.polymer_flag 
_pdbx_unobs_or_zero_occ_residues.occupancy_flag 
_pdbx_unobs_or_zero_occ_residues.auth_asym_id 
_pdbx_unobs_or_zero_occ_residues.auth_comp_id 
_pdbx_unobs_or_zero_occ_residues.auth_seq_id 
_pdbx_unobs_or_zero_occ_residues.PDB_ins_code 
_pdbx_unobs_or_zero_occ_residues.label_asym_id 
_pdbx_unobs_or_zero_occ_residues.label_comp_id 
_pdbx_unobs_or_zero_occ_residues.label_seq_id 
1 1 Y 1 B GLU 200 ? B GLU 98  
2 1 Y 1 B PHE 201 ? B PHE 99  
3 1 Y 1 B VAL 202 ? B VAL 100 
4 1 Y 1 B LEU 203 ? B LEU 101 
5 1 Y 1 B PRO 204 ? B PRO 102 
# 
loop_
_chem_comp_atom.comp_id 
_chem_comp_atom.atom_id 
_chem_comp_atom.type_symbol 
_chem_comp_atom.pdbx_aromatic_flag 
_chem_comp_atom.pdbx_stereo_config 
_chem_comp_atom.pdbx_ordinal 
ALA N    N N N 1   
ALA CA   C N S 2   
ALA C    C N N 3   
ALA O    O N N 4   
ALA CB   C N N 5   
ALA OXT  O N N 6   
ALA H    H N N 7   
ALA H2   H N N 8   
ALA HA   H N N 9   
ALA HB1  H N N 10  
ALA HB2  H N N 11  
ALA HB3  H N N 12  
ALA HXT  H N N 13  
ARG N    N N N 14  
ARG CA   C N S 15  
ARG C    C N N 16  
ARG O    O N N 17  
ARG CB   C N N 18  
ARG CG   C N N 19  
ARG CD   C N N 20  
ARG NE   N N N 21  
ARG CZ   C N N 22  
ARG NH1  N N N 23  
ARG NH2  N N N 24  
ARG OXT  O N N 25  
ARG H    H N N 26  
ARG H2   H N N 27  
ARG HA   H N N 28  
ARG HB2  H N N 29  
ARG HB3  H N N 30  
ARG HG2  H N N 31  
ARG HG3  H N N 32  
ARG HD2  H N N 33  
ARG HD3  H N N 34  
ARG HE   H N N 35  
ARG HH11 H N N 36  
ARG HH12 H N N 37  
ARG HH21 H N N 38  
ARG HH22 H N N 39  
ARG HXT  H N N 40  
ASN N    N N N 41  
ASN CA   C N S 42  
ASN C    C N N 43  
ASN O    O N N 44  
ASN CB   C N N 45  
ASN CG   C N N 46  
ASN OD1  O N N 47  
ASN ND2  N N N 48  
ASN OXT  O N N 49  
ASN H    H N N 50  
ASN H2   H N N 51  
ASN HA   H N N 52  
ASN HB2  H N N 53  
ASN HB3  H N N 54  
ASN HD21 H N N 55  
ASN HD22 H N N 56  
ASN HXT  H N N 57  
ASP N    N N N 58  
ASP CA   C N S 59  
ASP C    C N N 60  
ASP O    O N N 61  
ASP CB   C N N 62  
ASP CG   C N N 63  
ASP OD1  O N N 64  
ASP OD2  O N N 65  
ASP OXT  O N N 66  
ASP H    H N N 67  
ASP H2   H N N 68  
ASP HA   H N N 69  
ASP HB2  H N N 70  
ASP HB3  H N N 71  
ASP HD2  H N N 72  
ASP HXT  H N N 73  
GLN N    N N N 74  
GLN CA   C N S 75  
GLN C    C N N 76  
GLN O    O N N 77  
GLN CB   C N N 78  
GLN CG   C N N 79  
GLN CD   C N N 80  
GLN OE1  O N N 81  
GLN NE2  N N N 82  
GLN OXT  O N N 83  
GLN H    H N N 84  
GLN H2   H N N 85  
GLN HA   H N N 86  
GLN HB2  H N N 87  
GLN HB3  H N N 88  
GLN HG2  H N N 89  
GLN HG3  H N N 90  
GLN HE21 H N N 91  
GLN HE22 H N N 92  
GLN HXT  H N N 93  
GLU N    N N N 94  
GLU CA   C N S 95  
GLU C    C N N 96  
GLU O    O N N 97  
GLU CB   C N N 98  
GLU CG   C N N 99  
GLU CD   C N N 100 
GLU OE1  O N N 101 
GLU OE2  O N N 102 
GLU OXT  O N N 103 
GLU H    H N N 104 
GLU H2   H N N 105 
GLU HA   H N N 106 
GLU HB2  H N N 107 
GLU HB3  H N N 108 
GLU HG2  H N N 109 
GLU HG3  H N N 110 
GLU HE2  H N N 111 
GLU HXT  H N N 112 
GLY N    N N N 113 
GLY CA   C N N 114 
GLY C    C N N 115 
GLY O    O N N 116 
GLY OXT  O N N 117 
GLY H    H N N 118 
GLY H2   H N N 119 
GLY HA2  H N N 120 
GLY HA3  H N N 121 
GLY HXT  H N N 122 
HIS N    N N N 123 
HIS CA   C N S 124 
HIS C    C N N 125 
HIS O    O N N 126 
HIS CB   C N N 127 
HIS CG   C Y N 128 
HIS ND1  N Y N 129 
HIS CD2  C Y N 130 
HIS CE1  C Y N 131 
HIS NE2  N Y N 132 
HIS OXT  O N N 133 
HIS H    H N N 134 
HIS H2   H N N 135 
HIS HA   H N N 136 
HIS HB2  H N N 137 
HIS HB3  H N N 138 
HIS HD1  H N N 139 
HIS HD2  H N N 140 
HIS HE1  H N N 141 
HIS HE2  H N N 142 
HIS HXT  H N N 143 
HOH O    O N N 144 
HOH H1   H N N 145 
HOH H2   H N N 146 
ILE N    N N N 147 
ILE CA   C N S 148 
ILE C    C N N 149 
ILE O    O N N 150 
ILE CB   C N S 151 
ILE CG1  C N N 152 
ILE CG2  C N N 153 
ILE CD1  C N N 154 
ILE OXT  O N N 155 
ILE H    H N N 156 
ILE H2   H N N 157 
ILE HA   H N N 158 
ILE HB   H N N 159 
ILE HG12 H N N 160 
ILE HG13 H N N 161 
ILE HG21 H N N 162 
ILE HG22 H N N 163 
ILE HG23 H N N 164 
ILE HD11 H N N 165 
ILE HD12 H N N 166 
ILE HD13 H N N 167 
ILE HXT  H N N 168 
LEU N    N N N 169 
LEU CA   C N S 170 
LEU C    C N N 171 
LEU O    O N N 172 
LEU CB   C N N 173 
LEU CG   C N N 174 
LEU CD1  C N N 175 
LEU CD2  C N N 176 
LEU OXT  O N N 177 
LEU H    H N N 178 
LEU H2   H N N 179 
LEU HA   H N N 180 
LEU HB2  H N N 181 
LEU HB3  H N N 182 
LEU HG   H N N 183 
LEU HD11 H N N 184 
LEU HD12 H N N 185 
LEU HD13 H N N 186 
LEU HD21 H N N 187 
LEU HD22 H N N 188 
LEU HD23 H N N 189 
LEU HXT  H N N 190 
LYS N    N N N 191 
LYS CA   C N S 192 
LYS C    C N N 193 
LYS O    O N N 194 
LYS CB   C N N 195 
LYS CG   C N N 196 
LYS CD   C N N 197 
LYS CE   C N N 198 
LYS NZ   N N N 199 
LYS OXT  O N N 200 
LYS H    H N N 201 
LYS H2   H N N 202 
LYS HA   H N N 203 
LYS HB2  H N N 204 
LYS HB3  H N N 205 
LYS HG2  H N N 206 
LYS HG3  H N N 207 
LYS HD2  H N N 208 
LYS HD3  H N N 209 
LYS HE2  H N N 210 
LYS HE3  H N N 211 
LYS HZ1  H N N 212 
LYS HZ2  H N N 213 
LYS HZ3  H N N 214 
LYS HXT  H N N 215 
MET N    N N N 216 
MET CA   C N S 217 
MET C    C N N 218 
MET O    O N N 219 
MET CB   C N N 220 
MET CG   C N N 221 
MET SD   S N N 222 
MET CE   C N N 223 
MET OXT  O N N 224 
MET H    H N N 225 
MET H2   H N N 226 
MET HA   H N N 227 
MET HB2  H N N 228 
MET HB3  H N N 229 
MET HG2  H N N 230 
MET HG3  H N N 231 
MET HE1  H N N 232 
MET HE2  H N N 233 
MET HE3  H N N 234 
MET HXT  H N N 235 
PHE N    N N N 236 
PHE CA   C N S 237 
PHE C    C N N 238 
PHE O    O N N 239 
PHE CB   C N N 240 
PHE CG   C Y N 241 
PHE CD1  C Y N 242 
PHE CD2  C Y N 243 
PHE CE1  C Y N 244 
PHE CE2  C Y N 245 
PHE CZ   C Y N 246 
PHE OXT  O N N 247 
PHE H    H N N 248 
PHE H2   H N N 249 
PHE HA   H N N 250 
PHE HB2  H N N 251 
PHE HB3  H N N 252 
PHE HD1  H N N 253 
PHE HD2  H N N 254 
PHE HE1  H N N 255 
PHE HE2  H N N 256 
PHE HZ   H N N 257 
PHE HXT  H N N 258 
PRO N    N N N 259 
PRO CA   C N S 260 
PRO C    C N N 261 
PRO O    O N N 262 
PRO CB   C N N 263 
PRO CG   C N N 264 
PRO CD   C N N 265 
PRO OXT  O N N 266 
PRO H    H N N 267 
PRO HA   H N N 268 
PRO HB2  H N N 269 
PRO HB3  H N N 270 
PRO HG2  H N N 271 
PRO HG3  H N N 272 
PRO HD2  H N N 273 
PRO HD3  H N N 274 
PRO HXT  H N N 275 
SER N    N N N 276 
SER CA   C N S 277 
SER C    C N N 278 
SER O    O N N 279 
SER CB   C N N 280 
SER OG   O N N 281 
SER OXT  O N N 282 
SER H    H N N 283 
SER H2   H N N 284 
SER HA   H N N 285 
SER HB2  H N N 286 
SER HB3  H N N 287 
SER HG   H N N 288 
SER HXT  H N N 289 
THR N    N N N 290 
THR CA   C N S 291 
THR C    C N N 292 
THR O    O N N 293 
THR CB   C N R 294 
THR OG1  O N N 295 
THR CG2  C N N 296 
THR OXT  O N N 297 
THR H    H N N 298 
THR H2   H N N 299 
THR HA   H N N 300 
THR HB   H N N 301 
THR HG1  H N N 302 
THR HG21 H N N 303 
THR HG22 H N N 304 
THR HG23 H N N 305 
THR HXT  H N N 306 
TRP N    N N N 307 
TRP CA   C N S 308 
TRP C    C N N 309 
TRP O    O N N 310 
TRP CB   C N N 311 
TRP CG   C Y N 312 
TRP CD1  C Y N 313 
TRP CD2  C Y N 314 
TRP NE1  N Y N 315 
TRP CE2  C Y N 316 
TRP CE3  C Y N 317 
TRP CZ2  C Y N 318 
TRP CZ3  C Y N 319 
TRP CH2  C Y N 320 
TRP OXT  O N N 321 
TRP H    H N N 322 
TRP H2   H N N 323 
TRP HA   H N N 324 
TRP HB2  H N N 325 
TRP HB3  H N N 326 
TRP HD1  H N N 327 
TRP HE1  H N N 328 
TRP HE3  H N N 329 
TRP HZ2  H N N 330 
TRP HZ3  H N N 331 
TRP HH2  H N N 332 
TRP HXT  H N N 333 
TYR N    N N N 334 
TYR CA   C N S 335 
TYR C    C N N 336 
TYR O    O N N 337 
TYR CB   C N N 338 
TYR CG   C Y N 339 
TYR CD1  C Y N 340 
TYR CD2  C Y N 341 
TYR CE1  C Y N 342 
TYR CE2  C Y N 343 
TYR CZ   C Y N 344 
TYR OH   O N N 345 
TYR OXT  O N N 346 
TYR H    H N N 347 
TYR H2   H N N 348 
TYR HA   H N N 349 
TYR HB2  H N N 350 
TYR HB3  H N N 351 
TYR HD1  H N N 352 
TYR HD2  H N N 353 
TYR HE1  H N N 354 
TYR HE2  H N N 355 
TYR HH   H N N 356 
TYR HXT  H N N 357 
VAL N    N N N 358 
VAL CA   C N S 359 
VAL C    C N N 360 
VAL O    O N N 361 
VAL CB   C N N 362 
VAL CG1  C N N 363 
VAL CG2  C N N 364 
VAL OXT  O N N 365 
VAL H    H N N 366 
VAL H2   H N N 367 
VAL HA   H N N 368 
VAL HB   H N N 369 
VAL HG11 H N N 370 
VAL HG12 H N N 371 
VAL HG13 H N N 372 
VAL HG21 H N N 373 
VAL HG22 H N N 374 
VAL HG23 H N N 375 
VAL HXT  H N N 376 
# 
loop_
_chem_comp_bond.comp_id 
_chem_comp_bond.atom_id_1 
_chem_comp_bond.atom_id_2 
_chem_comp_bond.value_order 
_chem_comp_bond.pdbx_aromatic_flag 
_chem_comp_bond.pdbx_stereo_config 
_chem_comp_bond.pdbx_ordinal 
ALA N   CA   sing N N 1   
ALA N   H    sing N N 2   
ALA N   H2   sing N N 3   
ALA CA  C    sing N N 4   
ALA CA  CB   sing N N 5   
ALA CA  HA   sing N N 6   
ALA C   O    doub N N 7   
ALA C   OXT  sing N N 8   
ALA CB  HB1  sing N N 9   
ALA CB  HB2  sing N N 10  
ALA CB  HB3  sing N N 11  
ALA OXT HXT  sing N N 12  
ARG N   CA   sing N N 13  
ARG N   H    sing N N 14  
ARG N   H2   sing N N 15  
ARG CA  C    sing N N 16  
ARG CA  CB   sing N N 17  
ARG CA  HA   sing N N 18  
ARG C   O    doub N N 19  
ARG C   OXT  sing N N 20  
ARG CB  CG   sing N N 21  
ARG CB  HB2  sing N N 22  
ARG CB  HB3  sing N N 23  
ARG CG  CD   sing N N 24  
ARG CG  HG2  sing N N 25  
ARG CG  HG3  sing N N 26  
ARG CD  NE   sing N N 27  
ARG CD  HD2  sing N N 28  
ARG CD  HD3  sing N N 29  
ARG NE  CZ   sing N N 30  
ARG NE  HE   sing N N 31  
ARG CZ  NH1  sing N N 32  
ARG CZ  NH2  doub N N 33  
ARG NH1 HH11 sing N N 34  
ARG NH1 HH12 sing N N 35  
ARG NH2 HH21 sing N N 36  
ARG NH2 HH22 sing N N 37  
ARG OXT HXT  sing N N 38  
ASN N   CA   sing N N 39  
ASN N   H    sing N N 40  
ASN N   H2   sing N N 41  
ASN CA  C    sing N N 42  
ASN CA  CB   sing N N 43  
ASN CA  HA   sing N N 44  
ASN C   O    doub N N 45  
ASN C   OXT  sing N N 46  
ASN CB  CG   sing N N 47  
ASN CB  HB2  sing N N 48  
ASN CB  HB3  sing N N 49  
ASN CG  OD1  doub N N 50  
ASN CG  ND2  sing N N 51  
ASN ND2 HD21 sing N N 52  
ASN ND2 HD22 sing N N 53  
ASN OXT HXT  sing N N 54  
ASP N   CA   sing N N 55  
ASP N   H    sing N N 56  
ASP N   H2   sing N N 57  
ASP CA  C    sing N N 58  
ASP CA  CB   sing N N 59  
ASP CA  HA   sing N N 60  
ASP C   O    doub N N 61  
ASP C   OXT  sing N N 62  
ASP CB  CG   sing N N 63  
ASP CB  HB2  sing N N 64  
ASP CB  HB3  sing N N 65  
ASP CG  OD1  doub N N 66  
ASP CG  OD2  sing N N 67  
ASP OD2 HD2  sing N N 68  
ASP OXT HXT  sing N N 69  
GLN N   CA   sing N N 70  
GLN N   H    sing N N 71  
GLN N   H2   sing N N 72  
GLN CA  C    sing N N 73  
GLN CA  CB   sing N N 74  
GLN CA  HA   sing N N 75  
GLN C   O    doub N N 76  
GLN C   OXT  sing N N 77  
GLN CB  CG   sing N N 78  
GLN CB  HB2  sing N N 79  
GLN CB  HB3  sing N N 80  
GLN CG  CD   sing N N 81  
GLN CG  HG2  sing N N 82  
GLN CG  HG3  sing N N 83  
GLN CD  OE1  doub N N 84  
GLN CD  NE2  sing N N 85  
GLN NE2 HE21 sing N N 86  
GLN NE2 HE22 sing N N 87  
GLN OXT HXT  sing N N 88  
GLU N   CA   sing N N 89  
GLU N   H    sing N N 90  
GLU N   H2   sing N N 91  
GLU CA  C    sing N N 92  
GLU CA  CB   sing N N 93  
GLU CA  HA   sing N N 94  
GLU C   O    doub N N 95  
GLU C   OXT  sing N N 96  
GLU CB  CG   sing N N 97  
GLU CB  HB2  sing N N 98  
GLU CB  HB3  sing N N 99  
GLU CG  CD   sing N N 100 
GLU CG  HG2  sing N N 101 
GLU CG  HG3  sing N N 102 
GLU CD  OE1  doub N N 103 
GLU CD  OE2  sing N N 104 
GLU OE2 HE2  sing N N 105 
GLU OXT HXT  sing N N 106 
GLY N   CA   sing N N 107 
GLY N   H    sing N N 108 
GLY N   H2   sing N N 109 
GLY CA  C    sing N N 110 
GLY CA  HA2  sing N N 111 
GLY CA  HA3  sing N N 112 
GLY C   O    doub N N 113 
GLY C   OXT  sing N N 114 
GLY OXT HXT  sing N N 115 
HIS N   CA   sing N N 116 
HIS N   H    sing N N 117 
HIS N   H2   sing N N 118 
HIS CA  C    sing N N 119 
HIS CA  CB   sing N N 120 
HIS CA  HA   sing N N 121 
HIS C   O    doub N N 122 
HIS C   OXT  sing N N 123 
HIS CB  CG   sing N N 124 
HIS CB  HB2  sing N N 125 
HIS CB  HB3  sing N N 126 
HIS CG  ND1  sing Y N 127 
HIS CG  CD2  doub Y N 128 
HIS ND1 CE1  doub Y N 129 
HIS ND1 HD1  sing N N 130 
HIS CD2 NE2  sing Y N 131 
HIS CD2 HD2  sing N N 132 
HIS CE1 NE2  sing Y N 133 
HIS CE1 HE1  sing N N 134 
HIS NE2 HE2  sing N N 135 
HIS OXT HXT  sing N N 136 
HOH O   H1   sing N N 137 
HOH O   H2   sing N N 138 
ILE N   CA   sing N N 139 
ILE N   H    sing N N 140 
ILE N   H2   sing N N 141 
ILE CA  C    sing N N 142 
ILE CA  CB   sing N N 143 
ILE CA  HA   sing N N 144 
ILE C   O    doub N N 145 
ILE C   OXT  sing N N 146 
ILE CB  CG1  sing N N 147 
ILE CB  CG2  sing N N 148 
ILE CB  HB   sing N N 149 
ILE CG1 CD1  sing N N 150 
ILE CG1 HG12 sing N N 151 
ILE CG1 HG13 sing N N 152 
ILE CG2 HG21 sing N N 153 
ILE CG2 HG22 sing N N 154 
ILE CG2 HG23 sing N N 155 
ILE CD1 HD11 sing N N 156 
ILE CD1 HD12 sing N N 157 
ILE CD1 HD13 sing N N 158 
ILE OXT HXT  sing N N 159 
LEU N   CA   sing N N 160 
LEU N   H    sing N N 161 
LEU N   H2   sing N N 162 
LEU CA  C    sing N N 163 
LEU CA  CB   sing N N 164 
LEU CA  HA   sing N N 165 
LEU C   O    doub N N 166 
LEU C   OXT  sing N N 167 
LEU CB  CG   sing N N 168 
LEU CB  HB2  sing N N 169 
LEU CB  HB3  sing N N 170 
LEU CG  CD1  sing N N 171 
LEU CG  CD2  sing N N 172 
LEU CG  HG   sing N N 173 
LEU CD1 HD11 sing N N 174 
LEU CD1 HD12 sing N N 175 
LEU CD1 HD13 sing N N 176 
LEU CD2 HD21 sing N N 177 
LEU CD2 HD22 sing N N 178 
LEU CD2 HD23 sing N N 179 
LEU OXT HXT  sing N N 180 
LYS N   CA   sing N N 181 
LYS N   H    sing N N 182 
LYS N   H2   sing N N 183 
LYS CA  C    sing N N 184 
LYS CA  CB   sing N N 185 
LYS CA  HA   sing N N 186 
LYS C   O    doub N N 187 
LYS C   OXT  sing N N 188 
LYS CB  CG   sing N N 189 
LYS CB  HB2  sing N N 190 
LYS CB  HB3  sing N N 191 
LYS CG  CD   sing N N 192 
LYS CG  HG2  sing N N 193 
LYS CG  HG3  sing N N 194 
LYS CD  CE   sing N N 195 
LYS CD  HD2  sing N N 196 
LYS CD  HD3  sing N N 197 
LYS CE  NZ   sing N N 198 
LYS CE  HE2  sing N N 199 
LYS CE  HE3  sing N N 200 
LYS NZ  HZ1  sing N N 201 
LYS NZ  HZ2  sing N N 202 
LYS NZ  HZ3  sing N N 203 
LYS OXT HXT  sing N N 204 
MET N   CA   sing N N 205 
MET N   H    sing N N 206 
MET N   H2   sing N N 207 
MET CA  C    sing N N 208 
MET CA  CB   sing N N 209 
MET CA  HA   sing N N 210 
MET C   O    doub N N 211 
MET C   OXT  sing N N 212 
MET CB  CG   sing N N 213 
MET CB  HB2  sing N N 214 
MET CB  HB3  sing N N 215 
MET CG  SD   sing N N 216 
MET CG  HG2  sing N N 217 
MET CG  HG3  sing N N 218 
MET SD  CE   sing N N 219 
MET CE  HE1  sing N N 220 
MET CE  HE2  sing N N 221 
MET CE  HE3  sing N N 222 
MET OXT HXT  sing N N 223 
PHE N   CA   sing N N 224 
PHE N   H    sing N N 225 
PHE N   H2   sing N N 226 
PHE CA  C    sing N N 227 
PHE CA  CB   sing N N 228 
PHE CA  HA   sing N N 229 
PHE C   O    doub N N 230 
PHE C   OXT  sing N N 231 
PHE CB  CG   sing N N 232 
PHE CB  HB2  sing N N 233 
PHE CB  HB3  sing N N 234 
PHE CG  CD1  doub Y N 235 
PHE CG  CD2  sing Y N 236 
PHE CD1 CE1  sing Y N 237 
PHE CD1 HD1  sing N N 238 
PHE CD2 CE2  doub Y N 239 
PHE CD2 HD2  sing N N 240 
PHE CE1 CZ   doub Y N 241 
PHE CE1 HE1  sing N N 242 
PHE CE2 CZ   sing Y N 243 
PHE CE2 HE2  sing N N 244 
PHE CZ  HZ   sing N N 245 
PHE OXT HXT  sing N N 246 
PRO N   CA   sing N N 247 
PRO N   CD   sing N N 248 
PRO N   H    sing N N 249 
PRO CA  C    sing N N 250 
PRO CA  CB   sing N N 251 
PRO CA  HA   sing N N 252 
PRO C   O    doub N N 253 
PRO C   OXT  sing N N 254 
PRO CB  CG   sing N N 255 
PRO CB  HB2  sing N N 256 
PRO CB  HB3  sing N N 257 
PRO CG  CD   sing N N 258 
PRO CG  HG2  sing N N 259 
PRO CG  HG3  sing N N 260 
PRO CD  HD2  sing N N 261 
PRO CD  HD3  sing N N 262 
PRO OXT HXT  sing N N 263 
SER N   CA   sing N N 264 
SER N   H    sing N N 265 
SER N   H2   sing N N 266 
SER CA  C    sing N N 267 
SER CA  CB   sing N N 268 
SER CA  HA   sing N N 269 
SER C   O    doub N N 270 
SER C   OXT  sing N N 271 
SER CB  OG   sing N N 272 
SER CB  HB2  sing N N 273 
SER CB  HB3  sing N N 274 
SER OG  HG   sing N N 275 
SER OXT HXT  sing N N 276 
THR N   CA   sing N N 277 
THR N   H    sing N N 278 
THR N   H2   sing N N 279 
THR CA  C    sing N N 280 
THR CA  CB   sing N N 281 
THR CA  HA   sing N N 282 
THR C   O    doub N N 283 
THR C   OXT  sing N N 284 
THR CB  OG1  sing N N 285 
THR CB  CG2  sing N N 286 
THR CB  HB   sing N N 287 
THR OG1 HG1  sing N N 288 
THR CG2 HG21 sing N N 289 
THR CG2 HG22 sing N N 290 
THR CG2 HG23 sing N N 291 
THR OXT HXT  sing N N 292 
TRP N   CA   sing N N 293 
TRP N   H    sing N N 294 
TRP N   H2   sing N N 295 
TRP CA  C    sing N N 296 
TRP CA  CB   sing N N 297 
TRP CA  HA   sing N N 298 
TRP C   O    doub N N 299 
TRP C   OXT  sing N N 300 
TRP CB  CG   sing N N 301 
TRP CB  HB2  sing N N 302 
TRP CB  HB3  sing N N 303 
TRP CG  CD1  doub Y N 304 
TRP CG  CD2  sing Y N 305 
TRP CD1 NE1  sing Y N 306 
TRP CD1 HD1  sing N N 307 
TRP CD2 CE2  doub Y N 308 
TRP CD2 CE3  sing Y N 309 
TRP NE1 CE2  sing Y N 310 
TRP NE1 HE1  sing N N 311 
TRP CE2 CZ2  sing Y N 312 
TRP CE3 CZ3  doub Y N 313 
TRP CE3 HE3  sing N N 314 
TRP CZ2 CH2  doub Y N 315 
TRP CZ2 HZ2  sing N N 316 
TRP CZ3 CH2  sing Y N 317 
TRP CZ3 HZ3  sing N N 318 
TRP CH2 HH2  sing N N 319 
TRP OXT HXT  sing N N 320 
TYR N   CA   sing N N 321 
TYR N   H    sing N N 322 
TYR N   H2   sing N N 323 
TYR CA  C    sing N N 324 
TYR CA  CB   sing N N 325 
TYR CA  HA   sing N N 326 
TYR C   O    doub N N 327 
TYR C   OXT  sing N N 328 
TYR CB  CG   sing N N 329 
TYR CB  HB2  sing N N 330 
TYR CB  HB3  sing N N 331 
TYR CG  CD1  doub Y N 332 
TYR CG  CD2  sing Y N 333 
TYR CD1 CE1  sing Y N 334 
TYR CD1 HD1  sing N N 335 
TYR CD2 CE2  doub Y N 336 
TYR CD2 HD2  sing N N 337 
TYR CE1 CZ   doub Y N 338 
TYR CE1 HE1  sing N N 339 
TYR CE2 CZ   sing Y N 340 
TYR CE2 HE2  sing N N 341 
TYR CZ  OH   sing N N 342 
TYR OH  HH   sing N N 343 
TYR OXT HXT  sing N N 344 
VAL N   CA   sing N N 345 
VAL N   H    sing N N 346 
VAL N   H2   sing N N 347 
VAL CA  C    sing N N 348 
VAL CA  CB   sing N N 349 
VAL CA  HA   sing N N 350 
VAL C   O    doub N N 351 
VAL C   OXT  sing N N 352 
VAL CB  CG1  sing N N 353 
VAL CB  CG2  sing N N 354 
VAL CB  HB   sing N N 355 
VAL CG1 HG11 sing N N 356 
VAL CG1 HG12 sing N N 357 
VAL CG1 HG13 sing N N 358 
VAL CG2 HG21 sing N N 359 
VAL CG2 HG22 sing N N 360 
VAL CG2 HG23 sing N N 361 
VAL OXT HXT  sing N N 362 
# 
_atom_sites.entry_id                    2P9R 
_atom_sites.fract_transf_matrix[1][1]   0.01175354 
_atom_sites.fract_transf_matrix[1][2]   0.00575077 
_atom_sites.fract_transf_matrix[1][3]   0.00632384 
_atom_sites.fract_transf_matrix[2][1]   -0.00814065 
_atom_sites.fract_transf_matrix[2][2]   0.01080941 
_atom_sites.fract_transf_matrix[2][3]   0.00530043 
_atom_sites.fract_transf_matrix[3][1]   -0.00149344 
_atom_sites.fract_transf_matrix[3][2]   -0.00448634 
_atom_sites.fract_transf_matrix[3][3]   0.00685551 
_atom_sites.fract_transf_vector[1]      0.141823 
_atom_sites.fract_transf_vector[2]      0.268046 
_atom_sites.fract_transf_vector[3]      -0.197937 
# 
loop_
_atom_type.symbol 
C 
N 
O 
S 
# 
loop_
_atom_site.group_PDB 
_atom_site.id 
_atom_site.type_symbol 
_atom_site.label_atom_id 
_atom_site.label_alt_id 
_atom_site.label_comp_id 
_atom_site.label_asym_id 
_atom_site.label_entity_id 
_atom_site.label_seq_id 
_atom_site.pdbx_PDB_ins_code 
_atom_site.Cartn_x 
_atom_site.Cartn_y 
_atom_site.Cartn_z 
_atom_site.occupancy 
_atom_site.B_iso_or_equiv 
_atom_site.pdbx_formal_charge 
_atom_site.auth_seq_id 
_atom_site.auth_comp_id 
_atom_site.auth_asym_id 
_atom_site.auth_atom_id 
_atom_site.pdbx_PDB_model_num 
ATOM   1    N N   . ASP A 1 1   ? 3.097   25.204  8.459   1.00 53.70 ? 103 ASP A N   1 
ATOM   2    C CA  . ASP A 1 1   ? 3.601   25.446  7.074   1.00 52.90 ? 103 ASP A CA  1 
ATOM   3    C C   . ASP A 1 1   ? 4.987   24.820  6.868   1.00 51.79 ? 103 ASP A C   1 
ATOM   4    O O   . ASP A 1 1   ? 6.006   25.406  7.248   1.00 52.10 ? 103 ASP A O   1 
ATOM   5    C CB  . ASP A 1 1   ? 3.677   26.949  6.806   1.00 54.41 ? 103 ASP A CB  1 
ATOM   6    C CG  . ASP A 1 1   ? 3.882   27.273  5.335   1.00 57.62 ? 103 ASP A CG  1 
ATOM   7    O OD1 . ASP A 1 1   ? 4.710   26.599  4.683   1.00 58.12 ? 103 ASP A OD1 1 
ATOM   8    O OD2 . ASP A 1 1   ? 3.221   28.211  4.831   1.00 57.98 ? 103 ASP A OD2 1 
ATOM   9    N N   . SER A 1 2   ? 5.022   23.629  6.277   1.00 48.45 ? 104 SER A N   1 
ATOM   10   C CA  . SER A 1 2   ? 6.288   22.949  6.008   1.00 44.62 ? 104 SER A CA  1 
ATOM   11   C C   . SER A 1 2   ? 6.326   22.602  4.524   1.00 43.19 ? 104 SER A C   1 
ATOM   12   O O   . SER A 1 2   ? 5.311   22.706  3.836   1.00 43.17 ? 104 SER A O   1 
ATOM   13   C CB  . SER A 1 2   ? 6.400   21.666  6.837   1.00 43.89 ? 104 SER A CB  1 
ATOM   14   O OG  . SER A 1 2   ? 5.479   20.684  6.390   1.00 43.77 ? 104 SER A OG  1 
ATOM   15   N N   . LEU A 1 3   ? 7.493   22.203  4.026   1.00 40.67 ? 105 LEU A N   1 
ATOM   16   C CA  . LEU A 1 3   ? 7.626   21.842  2.620   1.00 40.09 ? 105 LEU A CA  1 
ATOM   17   C C   . LEU A 1 3   ? 7.640   20.326  2.439   1.00 38.98 ? 105 LEU A C   1 
ATOM   18   O O   . LEU A 1 3   ? 8.643   19.674  2.740   1.00 37.68 ? 105 LEU A O   1 
ATOM   19   C CB  . LEU A 1 3   ? 8.909   22.426  2.025   1.00 41.21 ? 105 LEU A CB  1 
ATOM   20   C CG  . LEU A 1 3   ? 9.084   23.948  2.041   1.00 45.02 ? 105 LEU A CG  1 
ATOM   21   C CD1 . LEU A 1 3   ? 7.807   24.636  1.547   1.00 44.27 ? 105 LEU A CD1 1 
ATOM   22   C CD2 . LEU A 1 3   ? 9.408   24.402  3.458   1.00 46.97 ? 105 LEU A CD2 1 
ATOM   23   N N   . VAL A 1 4   ? 6.529   19.768  1.960   1.00 36.62 ? 106 VAL A N   1 
ATOM   24   C CA  . VAL A 1 4   ? 6.453   18.328  1.724   1.00 37.52 ? 106 VAL A CA  1 
ATOM   25   C C   . VAL A 1 4   ? 6.453   18.088  0.225   1.00 36.56 ? 106 VAL A C   1 
ATOM   26   O O   . VAL A 1 4   ? 5.874   18.868  -0.539  1.00 36.45 ? 106 VAL A O   1 
ATOM   27   C CB  . VAL A 1 4   ? 5.155   17.676  2.298   1.00 38.09 ? 106 VAL A CB  1 
ATOM   28   C CG1 . VAL A 1 4   ? 5.004   17.992  3.771   1.00 38.80 ? 106 VAL A CG1 1 
ATOM   29   C CG2 . VAL A 1 4   ? 3.943   18.155  1.522   1.00 39.06 ? 106 VAL A CG2 1 
ATOM   30   N N   . PHE A 1 5   ? 7.120   17.021  -0.194  1.00 35.17 ? 107 PHE A N   1 
ATOM   31   C CA  . PHE A 1 5   ? 7.155   16.671  -1.606  1.00 35.98 ? 107 PHE A CA  1 
ATOM   32   C C   . PHE A 1 5   ? 7.309   15.164  -1.811  1.00 35.66 ? 107 PHE A C   1 
ATOM   33   O O   . PHE A 1 5   ? 7.700   14.431  -0.898  1.00 32.89 ? 107 PHE A O   1 
ATOM   34   C CB  . PHE A 1 5   ? 8.254   17.460  -2.339  1.00 37.17 ? 107 PHE A CB  1 
ATOM   35   C CG  . PHE A 1 5   ? 9.631   17.295  -1.763  1.00 39.69 ? 107 PHE A CG  1 
ATOM   36   C CD1 . PHE A 1 5   ? 10.435  16.221  -2.135  1.00 41.00 ? 107 PHE A CD1 1 
ATOM   37   C CD2 . PHE A 1 5   ? 10.136  18.230  -0.862  1.00 41.64 ? 107 PHE A CD2 1 
ATOM   38   C CE1 . PHE A 1 5   ? 11.738  16.081  -1.618  1.00 42.23 ? 107 PHE A CE1 1 
ATOM   39   C CE2 . PHE A 1 5   ? 11.435  18.100  -0.335  1.00 41.60 ? 107 PHE A CE2 1 
ATOM   40   C CZ  . PHE A 1 5   ? 12.237  17.025  -0.716  1.00 40.20 ? 107 PHE A CZ  1 
ATOM   41   N N   . VAL A 1 6   ? 6.973   14.705  -3.011  1.00 37.17 ? 108 VAL A N   1 
ATOM   42   C CA  . VAL A 1 6   ? 7.049   13.291  -3.344  1.00 37.74 ? 108 VAL A CA  1 
ATOM   43   C C   . VAL A 1 6   ? 8.098   13.014  -4.424  1.00 38.51 ? 108 VAL A C   1 
ATOM   44   O O   . VAL A 1 6   ? 8.325   13.836  -5.310  1.00 39.82 ? 108 VAL A O   1 
ATOM   45   C CB  . VAL A 1 6   ? 5.684   12.782  -3.861  1.00 38.50 ? 108 VAL A CB  1 
ATOM   46   C CG1 . VAL A 1 6   ? 5.670   11.262  -3.910  1.00 39.22 ? 108 VAL A CG1 1 
ATOM   47   C CG2 . VAL A 1 6   ? 4.570   13.305  -2.986  1.00 38.15 ? 108 VAL A CG2 1 
ATOM   48   N N   . GLN A 1 7   ? 8.731   11.849  -4.338  1.00 38.72 ? 109 GLN A N   1 
ATOM   49   C CA  . GLN A 1 7   ? 9.727   11.433  -5.312  1.00 38.77 ? 109 GLN A CA  1 
ATOM   50   C C   . GLN A 1 7   ? 9.612   9.939   -5.567  1.00 37.00 ? 109 GLN A C   1 
ATOM   51   O O   . GLN A 1 7   ? 9.503   9.153   -4.631  1.00 36.83 ? 109 GLN A O   1 
ATOM   52   C CB  . GLN A 1 7   ? 11.147  11.688  -4.812  1.00 40.75 ? 109 GLN A CB  1 
ATOM   53   C CG  . GLN A 1 7   ? 11.476  13.096  -4.378  1.00 45.84 ? 109 GLN A CG  1 
ATOM   54   C CD  . GLN A 1 7   ? 12.940  13.219  -3.984  1.00 46.99 ? 109 GLN A CD  1 
ATOM   55   O OE1 . GLN A 1 7   ? 13.827  13.241  -4.844  1.00 49.51 ? 109 GLN A OE1 1 
ATOM   56   N NE2 . GLN A 1 7   ? 13.202  13.274  -2.684  1.00 47.44 ? 109 GLN A NE2 1 
ATOM   57   N N   . THR A 1 8   ? 9.631   9.550   -6.834  1.00 37.22 ? 110 THR A N   1 
ATOM   58   C CA  . THR A 1 8   ? 9.598   8.141   -7.186  1.00 36.61 ? 110 THR A CA  1 
ATOM   59   C C   . THR A 1 8   ? 11.022  7.821   -7.636  1.00 37.03 ? 110 THR A C   1 
ATOM   60   O O   . THR A 1 8   ? 11.770  8.728   -8.009  1.00 36.16 ? 110 THR A O   1 
ATOM   61   C CB  . THR A 1 8   ? 8.631   7.861   -8.334  1.00 35.97 ? 110 THR A CB  1 
ATOM   62   O OG1 . THR A 1 8   ? 8.845   8.819   -9.377  1.00 38.61 ? 110 THR A OG1 1 
ATOM   63   C CG2 . THR A 1 8   ? 7.196   7.937   -7.848  1.00 34.78 ? 110 THR A CG2 1 
ATOM   64   N N   . ASP A 1 9   ? 11.408  6.546   -7.582  1.00 35.61 ? 111 ASP A N   1 
ATOM   65   C CA  . ASP A 1 9   ? 12.749  6.160   -7.995  1.00 35.25 ? 111 ASP A CA  1 
ATOM   66   C C   . ASP A 1 9   ? 12.884  6.203   -9.522  1.00 34.80 ? 111 ASP A C   1 
ATOM   67   O O   . ASP A 1 9   ? 13.995  6.157   -10.047 1.00 36.33 ? 111 ASP A O   1 
ATOM   68   C CB  . ASP A 1 9   ? 13.112  4.768   -7.443  1.00 36.13 ? 111 ASP A CB  1 
ATOM   69   C CG  . ASP A 1 9   ? 12.191  3.655   -7.956  1.00 38.60 ? 111 ASP A CG  1 
ATOM   70   O OD1 . ASP A 1 9   ? 10.952  3.829   -7.948  1.00 38.47 ? 111 ASP A OD1 1 
ATOM   71   O OD2 . ASP A 1 9   ? 12.706  2.588   -8.351  1.00 38.47 ? 111 ASP A OD2 1 
ATOM   72   N N   . LYS A 1 10  ? 11.755  6.304   -10.223 1.00 33.40 ? 112 LYS A N   1 
ATOM   73   C CA  . LYS A 1 10  ? 11.745  6.381   -11.685 1.00 33.39 ? 112 LYS A CA  1 
ATOM   74   C C   . LYS A 1 10  ? 10.569  7.211   -12.186 1.00 34.45 ? 112 LYS A C   1 
ATOM   75   O O   . LYS A 1 10  ? 9.616   7.467   -11.450 1.00 34.88 ? 112 LYS A O   1 
ATOM   76   C CB  . LYS A 1 10  ? 11.666  4.980   -12.310 1.00 34.08 ? 112 LYS A CB  1 
ATOM   77   C CG  . LYS A 1 10  ? 12.880  4.103   -12.026 1.00 36.65 ? 112 LYS A CG  1 
ATOM   78   C CD  . LYS A 1 10  ? 13.015  2.974   -13.026 1.00 40.19 ? 112 LYS A CD  1 
ATOM   79   C CE  . LYS A 1 10  ? 11.880  1.990   -12.911 1.00 41.99 ? 112 LYS A CE  1 
ATOM   80   N NZ  . LYS A 1 10  ? 12.058  0.864   -13.869 1.00 45.53 ? 112 LYS A NZ  1 
ATOM   81   N N   . SER A 1 11  ? 10.645  7.635   -13.442 1.00 34.20 ? 113 SER A N   1 
ATOM   82   C CA  . SER A 1 11  ? 9.579   8.413   -14.054 1.00 34.83 ? 113 SER A CA  1 
ATOM   83   C C   . SER A 1 11  ? 8.682   7.459   -14.849 1.00 33.58 ? 113 SER A C   1 
ATOM   84   O O   . SER A 1 11  ? 7.481   7.689   -15.004 1.00 31.42 ? 113 SER A O   1 
ATOM   85   C CB  . SER A 1 11  ? 10.162  9.463   -15.001 1.00 36.22 ? 113 SER A CB  1 
ATOM   86   O OG  . SER A 1 11  ? 11.193  10.195  -14.365 1.00 40.62 ? 113 SER A OG  1 
ATOM   87   N N   . ILE A 1 12  ? 9.288   6.385   -15.347 1.00 33.55 ? 114 ILE A N   1 
ATOM   88   C CA  . ILE A 1 12  ? 8.574   5.386   -16.139 1.00 32.61 ? 114 ILE A CA  1 
ATOM   89   C C   . ILE A 1 12  ? 8.850   3.962   -15.648 1.00 31.32 ? 114 ILE A C   1 
ATOM   90   O O   . ILE A 1 12  ? 10.002  3.542   -15.557 1.00 29.42 ? 114 ILE A O   1 
ATOM   91   C CB  . ILE A 1 12  ? 8.985   5.471   -17.631 1.00 34.06 ? 114 ILE A CB  1 
ATOM   92   C CG1 . ILE A 1 12  ? 8.816   6.909   -18.135 1.00 35.38 ? 114 ILE A CG1 1 
ATOM   93   C CG2 . ILE A 1 12  ? 8.134   4.513   -18.467 1.00 32.65 ? 114 ILE A CG2 1 
ATOM   94   C CD1 . ILE A 1 12  ? 9.222   7.120   -19.586 1.00 35.93 ? 114 ILE A CD1 1 
ATOM   95   N N   . TYR A 1 13  ? 7.786   3.234   -15.321 1.00 30.04 ? 115 TYR A N   1 
ATOM   96   C CA  . TYR A 1 13  ? 7.910   1.845   -14.882 1.00 32.01 ? 115 TYR A CA  1 
ATOM   97   C C   . TYR A 1 13  ? 7.264   0.937   -15.914 1.00 32.39 ? 115 TYR A C   1 
ATOM   98   O O   . TYR A 1 13  ? 6.351   1.347   -16.636 1.00 33.33 ? 115 TYR A O   1 
ATOM   99   C CB  . TYR A 1 13  ? 7.217   1.610   -13.535 1.00 31.49 ? 115 TYR A CB  1 
ATOM   100  C CG  . TYR A 1 13  ? 7.757   2.442   -12.402 1.00 31.53 ? 115 TYR A CG  1 
ATOM   101  C CD1 . TYR A 1 13  ? 7.374   3.771   -12.249 1.00 31.96 ? 115 TYR A CD1 1 
ATOM   102  C CD2 . TYR A 1 13  ? 8.657   1.904   -11.486 1.00 31.47 ? 115 TYR A CD2 1 
ATOM   103  C CE1 . TYR A 1 13  ? 7.872   4.543   -11.206 1.00 34.03 ? 115 TYR A CE1 1 
ATOM   104  C CE2 . TYR A 1 13  ? 9.159   2.664   -10.445 1.00 31.41 ? 115 TYR A CE2 1 
ATOM   105  C CZ  . TYR A 1 13  ? 8.763   3.975   -10.310 1.00 32.45 ? 115 TYR A CZ  1 
ATOM   106  O OH  . TYR A 1 13  ? 9.235   4.728   -9.275  1.00 36.10 ? 115 TYR A OH  1 
ATOM   107  N N   . LYS A 1 14  ? 7.745   -0.298  -15.971 1.00 33.47 ? 116 LYS A N   1 
ATOM   108  C CA  . LYS A 1 14  ? 7.232   -1.306  -16.891 1.00 34.93 ? 116 LYS A CA  1 
ATOM   109  C C   . LYS A 1 14  ? 6.449   -2.339  -16.074 1.00 33.81 ? 116 LYS A C   1 
ATOM   110  O O   . LYS A 1 14  ? 6.678   -2.483  -14.866 1.00 32.32 ? 116 LYS A O   1 
ATOM   111  C CB  . LYS A 1 14  ? 8.398   -2.001  -17.610 1.00 37.93 ? 116 LYS A CB  1 
ATOM   112  C CG  . LYS A 1 14  ? 8.861   -1.343  -18.912 1.00 43.24 ? 116 LYS A CG  1 
ATOM   113  C CD  . LYS A 1 14  ? 9.331   0.098   -18.718 1.00 48.03 ? 116 LYS A CD  1 
ATOM   114  C CE  . LYS A 1 14  ? 10.748  0.184   -18.149 1.00 50.64 ? 116 LYS A CE  1 
ATOM   115  N NZ  . LYS A 1 14  ? 11.780  -0.229  -19.146 1.00 51.48 ? 116 LYS A NZ  1 
ATOM   116  N N   . PRO A 1 15  ? 5.503   -3.058  -16.715 1.00 32.58 ? 117 PRO A N   1 
ATOM   117  C CA  . PRO A 1 15  ? 4.708   -4.078  -16.022 1.00 30.60 ? 117 PRO A CA  1 
ATOM   118  C C   . PRO A 1 15  ? 5.614   -4.973  -15.185 1.00 28.19 ? 117 PRO A C   1 
ATOM   119  O O   . PRO A 1 15  ? 6.733   -5.274  -15.591 1.00 27.10 ? 117 PRO A O   1 
ATOM   120  C CB  . PRO A 1 15  ? 4.064   -4.847  -17.176 1.00 30.36 ? 117 PRO A CB  1 
ATOM   121  C CG  . PRO A 1 15  ? 3.801   -3.765  -18.166 1.00 31.03 ? 117 PRO A CG  1 
ATOM   122  C CD  . PRO A 1 15  ? 5.082   -2.942  -18.127 1.00 32.02 ? 117 PRO A CD  1 
ATOM   123  N N   . GLY A 1 16  ? 5.136   -5.387  -14.017 1.00 28.69 ? 118 GLY A N   1 
ATOM   124  C CA  . GLY A 1 16  ? 5.933   -6.252  -13.166 1.00 27.87 ? 118 GLY A CA  1 
ATOM   125  C C   . GLY A 1 16  ? 6.937   -5.571  -12.248 1.00 28.79 ? 118 GLY A C   1 
ATOM   126  O O   . GLY A 1 16  ? 7.519   -6.224  -11.379 1.00 28.55 ? 118 GLY A O   1 
ATOM   127  N N   . GLN A 1 17  ? 7.155   -4.272  -12.420 1.00 27.77 ? 119 GLN A N   1 
ATOM   128  C CA  . GLN A 1 17  ? 8.115   -3.588  -11.569 1.00 28.94 ? 119 GLN A CA  1 
ATOM   129  C C   . GLN A 1 17  ? 7.484   -3.035  -10.308 1.00 28.76 ? 119 GLN A C   1 
ATOM   130  O O   . GLN A 1 17  ? 6.278   -2.812  -10.243 1.00 29.98 ? 119 GLN A O   1 
ATOM   131  C CB  . GLN A 1 17  ? 8.794   -2.441  -12.320 1.00 28.31 ? 119 GLN A CB  1 
ATOM   132  C CG  . GLN A 1 17  ? 9.604   -2.871  -13.513 1.00 29.16 ? 119 GLN A CG  1 
ATOM   133  C CD  . GLN A 1 17  ? 10.379  -1.718  -14.101 1.00 31.06 ? 119 GLN A CD  1 
ATOM   134  O OE1 . GLN A 1 17  ? 9.813   -0.670  -14.422 1.00 30.66 ? 119 GLN A OE1 1 
ATOM   135  N NE2 . GLN A 1 17  ? 11.688  -1.899  -14.244 1.00 31.74 ? 119 GLN A NE2 1 
ATOM   136  N N   . THR A 1 18  ? 8.306   -2.817  -9.295  1.00 29.23 ? 120 THR A N   1 
ATOM   137  C CA  . THR A 1 18  ? 7.801   -2.272  -8.052  1.00 30.66 ? 120 THR A CA  1 
ATOM   138  C C   . THR A 1 18  ? 8.074   -0.776  -8.022  1.00 29.40 ? 120 THR A C   1 
ATOM   139  O O   . THR A 1 18  ? 9.219   -0.353  -8.150  1.00 29.09 ? 120 THR A O   1 
ATOM   140  C CB  . THR A 1 18  ? 8.463   -2.941  -6.832  1.00 31.72 ? 120 THR A CB  1 
ATOM   141  O OG1 . THR A 1 18  ? 8.257   -2.127  -5.670  1.00 37.34 ? 120 THR A OG1 1 
ATOM   142  C CG2 . THR A 1 18  ? 9.937   -3.103  -7.060  1.00 34.23 ? 120 THR A CG2 1 
ATOM   143  N N   . VAL A 1 19  ? 7.015   0.019   -7.885  1.00 28.70 ? 121 VAL A N   1 
ATOM   144  C CA  . VAL A 1 19  ? 7.147   1.475   -7.815  1.00 29.66 ? 121 VAL A CA  1 
ATOM   145  C C   . VAL A 1 19  ? 7.617   1.856   -6.408  1.00 29.83 ? 121 VAL A C   1 
ATOM   146  O O   . VAL A 1 19  ? 7.011   1.456   -5.419  1.00 30.79 ? 121 VAL A O   1 
ATOM   147  C CB  . VAL A 1 19  ? 5.793   2.180   -8.095  1.00 29.59 ? 121 VAL A CB  1 
ATOM   148  C CG1 . VAL A 1 19  ? 5.933   3.684   -7.914  1.00 30.97 ? 121 VAL A CG1 1 
ATOM   149  C CG2 . VAL A 1 19  ? 5.323   1.861   -9.512  1.00 30.70 ? 121 VAL A CG2 1 
ATOM   150  N N   . LYS A 1 20  ? 8.709   2.603   -6.316  1.00 30.80 ? 122 LYS A N   1 
ATOM   151  C CA  . LYS A 1 20  ? 9.230   3.031   -5.019  1.00 31.20 ? 122 LYS A CA  1 
ATOM   152  C C   . LYS A 1 20  ? 9.191   4.549   -4.923  1.00 31.45 ? 122 LYS A C   1 
ATOM   153  O O   . LYS A 1 20  ? 9.695   5.248   -5.807  1.00 31.22 ? 122 LYS A O   1 
ATOM   154  C CB  . LYS A 1 20  ? 10.666  2.552   -4.833  1.00 31.74 ? 122 LYS A CB  1 
ATOM   155  C CG  . LYS A 1 20  ? 10.801  1.045   -4.783  1.00 35.51 ? 122 LYS A CG  1 
ATOM   156  C CD  . LYS A 1 20  ? 12.210  0.652   -4.396  1.00 39.56 ? 122 LYS A CD  1 
ATOM   157  C CE  . LYS A 1 20  ? 12.383  -0.856  -4.321  1.00 41.92 ? 122 LYS A CE  1 
ATOM   158  N NZ  . LYS A 1 20  ? 13.797  -1.213  -3.980  1.00 43.32 ? 122 LYS A NZ  1 
ATOM   159  N N   . PHE A 1 21  ? 8.579   5.071   -3.866  1.00 30.77 ? 123 PHE A N   1 
ATOM   160  C CA  . PHE A 1 21  ? 8.516   6.513   -3.723  1.00 30.37 ? 123 PHE A CA  1 
ATOM   161  C C   . PHE A 1 21  ? 8.822   6.936   -2.303  1.00 31.51 ? 123 PHE A C   1 
ATOM   162  O O   . PHE A 1 21  ? 8.783   6.129   -1.374  1.00 31.43 ? 123 PHE A O   1 
ATOM   163  C CB  . PHE A 1 21  ? 7.152   7.047   -4.199  1.00 29.17 ? 123 PHE A CB  1 
ATOM   164  C CG  . PHE A 1 21  ? 6.011   6.798   -3.245  1.00 29.86 ? 123 PHE A CG  1 
ATOM   165  C CD1 . PHE A 1 21  ? 5.795   7.643   -2.156  1.00 28.42 ? 123 PHE A CD1 1 
ATOM   166  C CD2 . PHE A 1 21  ? 5.147   5.719   -3.440  1.00 30.21 ? 123 PHE A CD2 1 
ATOM   167  C CE1 . PHE A 1 21  ? 4.740   7.417   -1.279  1.00 27.55 ? 123 PHE A CE1 1 
ATOM   168  C CE2 . PHE A 1 21  ? 4.081   5.479   -2.565  1.00 29.72 ? 123 PHE A CE2 1 
ATOM   169  C CZ  . PHE A 1 21  ? 3.877   6.329   -1.483  1.00 29.68 ? 123 PHE A CZ  1 
ATOM   170  N N   . ARG A 1 22  ? 9.149   8.209   -2.145  1.00 33.01 ? 124 ARG A N   1 
ATOM   171  C CA  . ARG A 1 22  ? 9.489   8.750   -0.841  1.00 34.54 ? 124 ARG A CA  1 
ATOM   172  C C   . ARG A 1 22  ? 8.716   10.018  -0.556  1.00 33.85 ? 124 ARG A C   1 
ATOM   173  O O   . ARG A 1 22  ? 8.487   10.828  -1.453  1.00 33.00 ? 124 ARG A O   1 
ATOM   174  C CB  . ARG A 1 22  ? 10.988  9.056   -0.785  1.00 37.49 ? 124 ARG A CB  1 
ATOM   175  C CG  . ARG A 1 22  ? 11.867  7.823   -0.680  1.00 41.91 ? 124 ARG A CG  1 
ATOM   176  C CD  . ARG A 1 22  ? 13.316  8.083   -1.100  1.00 46.24 ? 124 ARG A CD  1 
ATOM   177  N NE  . ARG A 1 22  ? 13.887  9.307   -0.536  1.00 48.01 ? 124 ARG A NE  1 
ATOM   178  C CZ  . ARG A 1 22  ? 13.747  10.521  -1.066  1.00 49.94 ? 124 ARG A CZ  1 
ATOM   179  N NH1 . ARG A 1 22  ? 13.046  10.691  -2.181  1.00 49.96 ? 124 ARG A NH1 1 
ATOM   180  N NH2 . ARG A 1 22  ? 14.330  11.567  -0.492  1.00 49.81 ? 124 ARG A NH2 1 
ATOM   181  N N   . VAL A 1 23  ? 8.286   10.177  0.687   1.00 32.93 ? 125 VAL A N   1 
ATOM   182  C CA  . VAL A 1 23  ? 7.593   11.392  1.071   1.00 31.94 ? 125 VAL A CA  1 
ATOM   183  C C   . VAL A 1 23  ? 8.605   12.137  1.929   1.00 31.80 ? 125 VAL A C   1 
ATOM   184  O O   . VAL A 1 23  ? 9.151   11.582  2.890   1.00 31.54 ? 125 VAL A O   1 
ATOM   185  C CB  . VAL A 1 23  ? 6.302   11.100  1.865   1.00 31.84 ? 125 VAL A CB  1 
ATOM   186  C CG1 . VAL A 1 23  ? 5.270   10.443  0.948   1.00 30.43 ? 125 VAL A CG1 1 
ATOM   187  C CG2 . VAL A 1 23  ? 6.606   10.188  3.038   1.00 34.95 ? 125 VAL A CG2 1 
ATOM   188  N N   . VAL A 1 24  ? 8.888   13.381  1.561   1.00 31.71 ? 126 VAL A N   1 
ATOM   189  C CA  . VAL A 1 24  ? 9.860   14.167  2.297   1.00 31.74 ? 126 VAL A CA  1 
ATOM   190  C C   . VAL A 1 24  ? 9.280   15.466  2.831   1.00 32.23 ? 126 VAL A C   1 
ATOM   191  O O   . VAL A 1 24  ? 8.411   16.076  2.223   1.00 30.31 ? 126 VAL A O   1 
ATOM   192  C CB  . VAL A 1 24  ? 11.095  14.486  1.414   1.00 31.94 ? 126 VAL A CB  1 
ATOM   193  C CG1 . VAL A 1 24  ? 12.164  15.199  2.233   1.00 32.04 ? 126 VAL A CG1 1 
ATOM   194  C CG2 . VAL A 1 24  ? 11.661  13.195  0.825   1.00 32.89 ? 126 VAL A CG2 1 
ATOM   195  N N   . SER A 1 25  ? 9.759   15.872  3.996   1.00 33.50 ? 127 SER A N   1 
ATOM   196  C CA  . SER A 1 25  ? 9.310   17.105  4.597   1.00 35.77 ? 127 SER A CA  1 
ATOM   197  C C   . SER A 1 25  ? 10.499  17.885  5.111   1.00 36.54 ? 127 SER A C   1 
ATOM   198  O O   . SER A 1 25  ? 11.482  17.318  5.574   1.00 35.59 ? 127 SER A O   1 
ATOM   199  C CB  . SER A 1 25  ? 8.360   16.847  5.748   1.00 35.11 ? 127 SER A CB  1 
ATOM   200  O OG  . SER A 1 25  ? 8.061   18.082  6.363   1.00 38.87 ? 127 SER A OG  1 
ATOM   201  N N   . MET A 1 26  ? 10.406  19.198  5.017   1.00 38.72 ? 128 MET A N   1 
ATOM   202  C CA  . MET A 1 26  ? 11.478  20.052  5.470   1.00 40.81 ? 128 MET A CA  1 
ATOM   203  C C   . MET A 1 26  ? 10.921  21.444  5.670   1.00 41.84 ? 128 MET A C   1 
ATOM   204  O O   . MET A 1 26  ? 9.769   21.717  5.330   1.00 42.38 ? 128 MET A O   1 
ATOM   205  C CB  . MET A 1 26  ? 12.615  20.066  4.440   1.00 41.92 ? 128 MET A CB  1 
ATOM   206  C CG  . MET A 1 26  ? 12.209  20.529  3.047   1.00 44.65 ? 128 MET A CG  1 
ATOM   207  S SD  . MET A 1 26  ? 13.629  20.630  1.914   1.00 47.66 ? 128 MET A SD  1 
ATOM   208  C CE  . MET A 1 26  ? 13.926  18.910  1.574   1.00 49.11 ? 128 MET A CE  1 
ATOM   209  N N   . ASP A 1 27  ? 11.736  22.315  6.250   1.00 43.22 ? 129 ASP A N   1 
ATOM   210  C CA  . ASP A 1 27  ? 11.338  23.692  6.482   1.00 44.66 ? 129 ASP A CA  1 
ATOM   211  C C   . ASP A 1 27  ? 12.285  24.561  5.673   1.00 45.92 ? 129 ASP A C   1 
ATOM   212  O O   . ASP A 1 27  ? 13.178  24.050  4.992   1.00 44.29 ? 129 ASP A O   1 
ATOM   213  C CB  . ASP A 1 27  ? 11.462  24.047  7.968   1.00 44.47 ? 129 ASP A CB  1 
ATOM   214  C CG  . ASP A 1 27  ? 12.842  23.739  8.525   1.00 46.42 ? 129 ASP A CG  1 
ATOM   215  O OD1 . ASP A 1 27  ? 13.822  23.773  7.750   1.00 44.40 ? 129 ASP A OD1 1 
ATOM   216  O OD2 . ASP A 1 27  ? 12.950  23.472  9.744   1.00 48.94 ? 129 ASP A OD2 1 
ATOM   217  N N   . GLU A 1 28  ? 12.088  25.875  5.741   1.00 49.57 ? 130 GLU A N   1 
ATOM   218  C CA  . GLU A 1 28  ? 12.969  26.790  5.034   1.00 52.85 ? 130 GLU A CA  1 
ATOM   219  C C   . GLU A 1 28  ? 14.318  26.450  5.650   1.00 53.30 ? 130 GLU A C   1 
ATOM   220  O O   . GLU A 1 28  ? 14.373  26.098  6.824   1.00 52.72 ? 130 GLU A O   1 
ATOM   221  C CB  . GLU A 1 28  ? 12.595  28.245  5.330   1.00 54.57 ? 130 GLU A CB  1 
ATOM   222  C CG  . GLU A 1 28  ? 11.174  28.648  4.923   1.00 57.71 ? 130 GLU A CG  1 
ATOM   223  C CD  . GLU A 1 28  ? 10.094  27.869  5.660   1.00 60.40 ? 130 GLU A CD  1 
ATOM   224  O OE1 . GLU A 1 28  ? 10.287  27.569  6.860   1.00 61.81 ? 130 GLU A OE1 1 
ATOM   225  O OE2 . GLU A 1 28  ? 9.043   27.571  5.047   1.00 61.20 ? 130 GLU A OE2 1 
ATOM   226  N N   . ASN A 1 29  ? 15.388  26.544  4.869   1.00 54.26 ? 131 ASN A N   1 
ATOM   227  C CA  . ASN A 1 29  ? 16.737  26.212  5.341   1.00 55.15 ? 131 ASN A CA  1 
ATOM   228  C C   . ASN A 1 29  ? 16.921  24.703  5.211   1.00 54.53 ? 131 ASN A C   1 
ATOM   229  O O   . ASN A 1 29  ? 17.909  24.131  5.685   1.00 54.16 ? 131 ASN A O   1 
ATOM   230  C CB  . ASN A 1 29  ? 16.955  26.640  6.804   1.00 57.10 ? 131 ASN A CB  1 
ATOM   231  C CG  . ASN A 1 29  ? 16.745  28.137  7.022   1.00 59.20 ? 131 ASN A CG  1 
ATOM   232  O OD1 . ASN A 1 29  ? 17.270  28.966  6.274   1.00 60.12 ? 131 ASN A OD1 1 
ATOM   233  N ND2 . ASN A 1 29  ? 15.982  28.486  8.058   1.00 59.76 ? 131 ASN A ND2 1 
ATOM   234  N N   . PHE A 1 30  ? 15.942  24.073  4.562   1.00 53.63 ? 132 PHE A N   1 
ATOM   235  C CA  . PHE A 1 30  ? 15.928  22.635  4.302   1.00 51.46 ? 132 PHE A CA  1 
ATOM   236  C C   . PHE A 1 30  ? 16.192  21.742  5.504   1.00 49.54 ? 132 PHE A C   1 
ATOM   237  O O   . PHE A 1 30  ? 16.841  20.706  5.382   1.00 50.19 ? 132 PHE A O   1 
ATOM   238  C CB  . PHE A 1 30  ? 16.923  22.298  3.189   1.00 52.31 ? 132 PHE A CB  1 
ATOM   239  C CG  . PHE A 1 30  ? 16.870  23.246  2.026   1.00 53.86 ? 132 PHE A CG  1 
ATOM   240  C CD1 . PHE A 1 30  ? 15.654  23.752  1.578   1.00 54.44 ? 132 PHE A CD1 1 
ATOM   241  C CD2 . PHE A 1 30  ? 18.039  23.636  1.380   1.00 55.02 ? 132 PHE A CD2 1 
ATOM   242  C CE1 . PHE A 1 30  ? 15.602  24.637  0.502   1.00 57.03 ? 132 PHE A CE1 1 
ATOM   243  C CE2 . PHE A 1 30  ? 17.999  24.518  0.302   1.00 55.55 ? 132 PHE A CE2 1 
ATOM   244  C CZ  . PHE A 1 30  ? 16.781  25.021  -0.138  1.00 56.86 ? 132 PHE A CZ  1 
ATOM   245  N N   . HIS A 1 31  ? 15.680  22.133  6.664   1.00 47.61 ? 133 HIS A N   1 
ATOM   246  C CA  . HIS A 1 31  ? 15.865  21.336  7.873   1.00 45.68 ? 133 HIS A CA  1 
ATOM   247  C C   . HIS A 1 31  ? 14.879  20.172  7.841   1.00 42.27 ? 133 HIS A C   1 
ATOM   248  O O   . HIS A 1 31  ? 13.668  20.380  7.733   1.00 40.43 ? 133 HIS A O   1 
ATOM   249  C CB  . HIS A 1 31  ? 15.603  22.187  9.129   1.00 46.75 ? 133 HIS A CB  1 
ATOM   250  C CG  . HIS A 1 31  ? 16.630  23.249  9.376   1.00 48.51 ? 133 HIS A CG  1 
ATOM   251  N ND1 . HIS A 1 31  ? 16.361  24.386  10.110  1.00 48.89 ? 133 HIS A ND1 1 
ATOM   252  C CD2 . HIS A 1 31  ? 17.931  23.336  9.012   1.00 49.86 ? 133 HIS A CD2 1 
ATOM   253  C CE1 . HIS A 1 31  ? 17.452  25.128  10.186  1.00 48.76 ? 133 HIS A CE1 1 
ATOM   254  N NE2 . HIS A 1 31  ? 18.419  24.513  9.528   1.00 49.91 ? 133 HIS A NE2 1 
ATOM   255  N N   . PRO A 1 32  ? 15.387  18.931  7.927   1.00 40.81 ? 134 PRO A N   1 
ATOM   256  C CA  . PRO A 1 32  ? 14.504  17.759  7.910   1.00 39.76 ? 134 PRO A CA  1 
ATOM   257  C C   . PRO A 1 32  ? 13.455  17.849  9.013   1.00 39.04 ? 134 PRO A C   1 
ATOM   258  O O   . PRO A 1 32  ? 13.743  18.293  10.125  1.00 39.48 ? 134 PRO A O   1 
ATOM   259  C CB  . PRO A 1 32  ? 15.468  16.590  8.110   1.00 38.54 ? 134 PRO A CB  1 
ATOM   260  C CG  . PRO A 1 32  ? 16.585  17.201  8.887   1.00 40.49 ? 134 PRO A CG  1 
ATOM   261  C CD  . PRO A 1 32  ? 16.779  18.528  8.193   1.00 40.37 ? 134 PRO A CD  1 
ATOM   262  N N   . LEU A 1 33  ? 12.231  17.448  8.686   1.00 38.43 ? 135 LEU A N   1 
ATOM   263  C CA  . LEU A 1 33  ? 11.130  17.475  9.635   1.00 37.37 ? 135 LEU A CA  1 
ATOM   264  C C   . LEU A 1 33  ? 10.500  16.093  9.796   1.00 37.89 ? 135 LEU A C   1 
ATOM   265  O O   . LEU A 1 33  ? 10.221  15.407  8.810   1.00 37.60 ? 135 LEU A O   1 
ATOM   266  C CB  . LEU A 1 33  ? 10.064  18.462  9.175   1.00 36.12 ? 135 LEU A CB  1 
ATOM   267  C CG  . LEU A 1 33  ? 10.442  19.944  9.169   1.00 39.83 ? 135 LEU A CG  1 
ATOM   268  C CD1 . LEU A 1 33  ? 9.212   20.759  8.763   1.00 37.96 ? 135 LEU A CD1 1 
ATOM   269  C CD2 . LEU A 1 33  ? 10.939  20.378  10.563  1.00 38.12 ? 135 LEU A CD2 1 
ATOM   270  N N   . ASN A 1 34  ? 10.292  15.685  11.043  1.00 37.18 ? 136 ASN A N   1 
ATOM   271  C CA  . ASN A 1 34  ? 9.669   14.402  11.334  1.00 37.77 ? 136 ASN A CA  1 
ATOM   272  C C   . ASN A 1 34  ? 8.179   14.680  11.452  1.00 37.56 ? 136 ASN A C   1 
ATOM   273  O O   . ASN A 1 34  ? 7.598   14.629  12.531  1.00 37.21 ? 136 ASN A O   1 
ATOM   274  C CB  . ASN A 1 34  ? 10.223  13.817  12.635  1.00 36.77 ? 136 ASN A CB  1 
ATOM   275  C CG  . ASN A 1 34  ? 11.625  13.254  12.469  1.00 39.39 ? 136 ASN A CG  1 
ATOM   276  O OD1 . ASN A 1 34  ? 12.209  12.711  13.415  1.00 41.56 ? 136 ASN A OD1 1 
ATOM   277  N ND2 . ASN A 1 34  ? 12.174  13.373  11.261  1.00 39.40 ? 136 ASN A ND2 1 
ATOM   278  N N   . GLU A 1 35  ? 7.575   14.987  10.311  1.00 37.96 ? 137 GLU A N   1 
ATOM   279  C CA  . GLU A 1 35  ? 6.163   15.320  10.233  1.00 38.29 ? 137 GLU A CA  1 
ATOM   280  C C   . GLU A 1 35  ? 5.235   14.114  10.202  1.00 37.93 ? 137 GLU A C   1 
ATOM   281  O O   . GLU A 1 35  ? 5.582   13.054  9.679   1.00 39.17 ? 137 GLU A O   1 
ATOM   282  C CB  . GLU A 1 35  ? 5.925   16.195  8.995   1.00 39.12 ? 137 GLU A CB  1 
ATOM   283  C CG  . GLU A 1 35  ? 4.482   16.651  8.764   1.00 40.94 ? 137 GLU A CG  1 
ATOM   284  C CD  . GLU A 1 35  ? 4.394   17.824  7.784   1.00 43.13 ? 137 GLU A CD  1 
ATOM   285  O OE1 . GLU A 1 35  ? 3.268   18.226  7.424   1.00 43.77 ? 137 GLU A OE1 1 
ATOM   286  O OE2 . GLU A 1 35  ? 5.454   18.351  7.378   1.00 40.96 ? 137 GLU A OE2 1 
ATOM   287  N N   . LEU A 1 36  ? 4.053   14.284  10.783  1.00 37.22 ? 138 LEU A N   1 
ATOM   288  C CA  . LEU A 1 36  ? 3.059   13.231  10.787  1.00 37.05 ? 138 LEU A CA  1 
ATOM   289  C C   . LEU A 1 36  ? 2.150   13.559  9.611   1.00 37.26 ? 138 LEU A C   1 
ATOM   290  O O   . LEU A 1 36  ? 1.432   14.561  9.633   1.00 37.85 ? 138 LEU A O   1 
ATOM   291  C CB  . LEU A 1 36  ? 2.263   13.227  12.100  1.00 37.54 ? 138 LEU A CB  1 
ATOM   292  C CG  . LEU A 1 36  ? 1.006   12.333  12.166  1.00 39.10 ? 138 LEU A CG  1 
ATOM   293  C CD1 . LEU A 1 36  ? 1.324   10.902  11.788  1.00 39.22 ? 138 LEU A CD1 1 
ATOM   294  C CD2 . LEU A 1 36  ? 0.438   12.373  13.573  1.00 40.75 ? 138 LEU A CD2 1 
ATOM   295  N N   . ILE A 1 37  ? 2.214   12.721  8.578   1.00 35.56 ? 139 ILE A N   1 
ATOM   296  C CA  . ILE A 1 37  ? 1.420   12.891  7.367   1.00 33.81 ? 139 ILE A CA  1 
ATOM   297  C C   . ILE A 1 37  ? 0.121   12.094  7.476   1.00 33.50 ? 139 ILE A C   1 
ATOM   298  O O   . ILE A 1 37  ? 0.140   10.900  7.759   1.00 35.78 ? 139 ILE A O   1 
ATOM   299  C CB  . ILE A 1 37  ? 2.195   12.387  6.132   1.00 32.73 ? 139 ILE A CB  1 
ATOM   300  C CG1 . ILE A 1 37  ? 3.561   13.074  6.044   1.00 32.67 ? 139 ILE A CG1 1 
ATOM   301  C CG2 . ILE A 1 37  ? 1.382   12.619  4.890   1.00 29.99 ? 139 ILE A CG2 1 
ATOM   302  C CD1 . ILE A 1 37  ? 3.516   14.578  5.918   1.00 31.36 ? 139 ILE A CD1 1 
ATOM   303  N N   . PRO A 1 38  ? -1.024  12.740  7.240   1.00 32.23 ? 140 PRO A N   1 
ATOM   304  C CA  . PRO A 1 38  ? -2.318  12.051  7.325   1.00 31.42 ? 140 PRO A CA  1 
ATOM   305  C C   . PRO A 1 38  ? -2.648  11.087  6.176   1.00 32.28 ? 140 PRO A C   1 
ATOM   306  O O   . PRO A 1 38  ? -3.313  10.067  6.381   1.00 31.92 ? 140 PRO A O   1 
ATOM   307  C CB  . PRO A 1 38  ? -3.324  13.204  7.384   1.00 30.58 ? 140 PRO A CB  1 
ATOM   308  C CG  . PRO A 1 38  ? -2.523  14.359  7.892   1.00 31.43 ? 140 PRO A CG  1 
ATOM   309  C CD  . PRO A 1 38  ? -1.215  14.197  7.170   1.00 32.39 ? 140 PRO A CD  1 
ATOM   310  N N   . LEU A 1 39  ? -2.191  11.401  4.968   1.00 31.44 ? 141 LEU A N   1 
ATOM   311  C CA  . LEU A 1 39  ? -2.513  10.553  3.830   1.00 31.14 ? 141 LEU A CA  1 
ATOM   312  C C   . LEU A 1 39  ? -1.566  10.609  2.633   1.00 31.47 ? 141 LEU A C   1 
ATOM   313  O O   . LEU A 1 39  ? -1.046  11.669  2.272   1.00 31.92 ? 141 LEU A O   1 
ATOM   314  C CB  . LEU A 1 39  ? -3.924  10.904  3.347   1.00 31.75 ? 141 LEU A CB  1 
ATOM   315  C CG  . LEU A 1 39  ? -4.494  10.173  2.131   1.00 31.77 ? 141 LEU A CG  1 
ATOM   316  C CD1 . LEU A 1 39  ? -4.575  8.690   2.417   1.00 31.54 ? 141 LEU A CD1 1 
ATOM   317  C CD2 . LEU A 1 39  ? -5.889  10.724  1.819   1.00 32.40 ? 141 LEU A CD2 1 
ATOM   318  N N   . VAL A 1 40  ? -1.345  9.447   2.027   1.00 29.13 ? 142 VAL A N   1 
ATOM   319  C CA  . VAL A 1 40  ? -0.542  9.345   0.818   1.00 26.80 ? 142 VAL A CA  1 
ATOM   320  C C   . VAL A 1 40  ? -1.098  8.157   0.046   1.00 27.06 ? 142 VAL A C   1 
ATOM   321  O O   . VAL A 1 40  ? -1.338  7.089   0.612   1.00 25.93 ? 142 VAL A O   1 
ATOM   322  C CB  . VAL A 1 40  ? 0.977   9.128   1.090   1.00 26.91 ? 142 VAL A CB  1 
ATOM   323  C CG1 . VAL A 1 40  ? 1.252   7.728   1.600   1.00 24.74 ? 142 VAL A CG1 1 
ATOM   324  C CG2 . VAL A 1 40  ? 1.758   9.363   -0.206  1.00 25.16 ? 142 VAL A CG2 1 
ATOM   325  N N   . TYR A 1 41  ? -1.343  8.339   -1.239  1.00 26.76 ? 143 TYR A N   1 
ATOM   326  C CA  . TYR A 1 41  ? -1.863  7.230   -2.018  1.00 28.06 ? 143 TYR A CA  1 
ATOM   327  C C   . TYR A 1 41  ? -1.446  7.312   -3.467  1.00 28.17 ? 143 TYR A C   1 
ATOM   328  O O   . TYR A 1 41  ? -0.962  8.346   -3.934  1.00 27.52 ? 143 TYR A O   1 
ATOM   329  C CB  . TYR A 1 41  ? -3.394  7.158   -1.906  1.00 26.30 ? 143 TYR A CB  1 
ATOM   330  C CG  . TYR A 1 41  ? -4.138  8.327   -2.503  1.00 28.02 ? 143 TYR A CG  1 
ATOM   331  C CD1 . TYR A 1 41  ? -4.479  8.349   -3.858  1.00 26.84 ? 143 TYR A CD1 1 
ATOM   332  C CD2 . TYR A 1 41  ? -4.516  9.412   -1.708  1.00 27.13 ? 143 TYR A CD2 1 
ATOM   333  C CE1 . TYR A 1 41  ? -5.182  9.425   -4.408  1.00 28.28 ? 143 TYR A CE1 1 
ATOM   334  C CE2 . TYR A 1 41  ? -5.217  10.487  -2.246  1.00 28.12 ? 143 TYR A CE2 1 
ATOM   335  C CZ  . TYR A 1 41  ? -5.547  10.487  -3.590  1.00 29.85 ? 143 TYR A CZ  1 
ATOM   336  O OH  . TYR A 1 41  ? -6.246  11.550  -4.104  1.00 30.33 ? 143 TYR A OH  1 
ATOM   337  N N   . ILE A 1 42  ? -1.609  6.188   -4.156  1.00 29.27 ? 144 ILE A N   1 
ATOM   338  C CA  . ILE A 1 42  ? -1.285  6.082   -5.565  1.00 28.06 ? 144 ILE A CA  1 
ATOM   339  C C   . ILE A 1 42  ? -2.591  5.937   -6.317  1.00 28.24 ? 144 ILE A C   1 
ATOM   340  O O   . ILE A 1 42  ? -3.433  5.127   -5.940  1.00 28.63 ? 144 ILE A O   1 
ATOM   341  C CB  . ILE A 1 42  ? -0.427  4.835   -5.863  1.00 28.07 ? 144 ILE A CB  1 
ATOM   342  C CG1 . ILE A 1 42  ? 0.897   4.904   -5.094  1.00 28.98 ? 144 ILE A CG1 1 
ATOM   343  C CG2 . ILE A 1 42  ? -0.195  4.721   -7.355  1.00 26.27 ? 144 ILE A CG2 1 
ATOM   344  C CD1 . ILE A 1 42  ? 1.847   3.752   -5.397  1.00 28.90 ? 144 ILE A CD1 1 
ATOM   345  N N   . GLN A 1 43  ? -2.759  6.726   -7.371  1.00 29.48 ? 145 GLN A N   1 
ATOM   346  C CA  . GLN A 1 43  ? -3.955  6.659   -8.195  1.00 30.53 ? 145 GLN A CA  1 
ATOM   347  C C   . GLN A 1 43  ? -3.542  6.198   -9.591  1.00 30.63 ? 145 GLN A C   1 
ATOM   348  O O   . GLN A 1 43  ? -2.587  6.720   -10.152 1.00 33.38 ? 145 GLN A O   1 
ATOM   349  C CB  . GLN A 1 43  ? -4.627  8.033   -8.270  1.00 31.01 ? 145 GLN A CB  1 
ATOM   350  C CG  . GLN A 1 43  ? -5.903  8.058   -9.111  1.00 32.89 ? 145 GLN A CG  1 
ATOM   351  C CD  . GLN A 1 43  ? -6.611  9.404   -9.062  1.00 34.63 ? 145 GLN A CD  1 
ATOM   352  O OE1 . GLN A 1 43  ? -7.108  9.821   -8.012  1.00 34.88 ? 145 GLN A OE1 1 
ATOM   353  N NE2 . GLN A 1 43  ? -6.657  10.094  -10.200 1.00 35.64 ? 145 GLN A NE2 1 
ATOM   354  N N   . ASP A 1 44  ? -4.256  5.222   -10.148 1.00 32.63 ? 146 ASP A N   1 
ATOM   355  C CA  . ASP A 1 44  ? -3.942  4.698   -11.481 1.00 33.20 ? 146 ASP A CA  1 
ATOM   356  C C   . ASP A 1 44  ? -4.636  5.500   -12.591 1.00 33.27 ? 146 ASP A C   1 
ATOM   357  O O   . ASP A 1 44  ? -5.388  6.433   -12.301 1.00 34.08 ? 146 ASP A O   1 
ATOM   358  C CB  . ASP A 1 44  ? -4.300  3.200   -11.569 1.00 32.45 ? 146 ASP A CB  1 
ATOM   359  C CG  . ASP A 1 44  ? -5.788  2.939   -11.530 1.00 31.21 ? 146 ASP A CG  1 
ATOM   360  O OD1 . ASP A 1 44  ? -6.578  3.843   -11.868 1.00 32.96 ? 146 ASP A OD1 1 
ATOM   361  O OD2 . ASP A 1 44  ? -6.167  1.804   -11.178 1.00 30.97 ? 146 ASP A OD2 1 
ATOM   362  N N   . PRO A 1 45  ? -4.409  5.142   -13.872 1.00 34.31 ? 147 PRO A N   1 
ATOM   363  C CA  . PRO A 1 45  ? -5.027  5.872   -14.993 1.00 35.93 ? 147 PRO A CA  1 
ATOM   364  C C   . PRO A 1 45  ? -6.550  5.967   -14.997 1.00 37.94 ? 147 PRO A C   1 
ATOM   365  O O   . PRO A 1 45  ? -7.111  6.873   -15.614 1.00 35.88 ? 147 PRO A O   1 
ATOM   366  C CB  . PRO A 1 45  ? -4.507  5.126   -16.223 1.00 35.41 ? 147 PRO A CB  1 
ATOM   367  C CG  . PRO A 1 45  ? -3.209  4.540   -15.763 1.00 34.27 ? 147 PRO A CG  1 
ATOM   368  C CD  . PRO A 1 45  ? -3.568  4.044   -14.383 1.00 33.39 ? 147 PRO A CD  1 
ATOM   369  N N   . LYS A 1 46  ? -7.211  5.025   -14.329 1.00 40.55 ? 148 LYS A N   1 
ATOM   370  C CA  . LYS A 1 46  ? -8.670  5.002   -14.267 1.00 43.70 ? 148 LYS A CA  1 
ATOM   371  C C   . LYS A 1 46  ? -9.210  5.873   -13.129 1.00 45.40 ? 148 LYS A C   1 
ATOM   372  O O   . LYS A 1 46  ? -10.415 6.126   -13.048 1.00 46.14 ? 148 LYS A O   1 
ATOM   373  C CB  . LYS A 1 46  ? -9.174  3.564   -14.073 1.00 45.50 ? 148 LYS A CB  1 
ATOM   374  C CG  . LYS A 1 46  ? -8.871  2.601   -15.217 1.00 47.20 ? 148 LYS A CG  1 
ATOM   375  C CD  . LYS A 1 46  ? -9.580  3.017   -16.503 1.00 48.42 ? 148 LYS A CD  1 
ATOM   376  C CE  . LYS A 1 46  ? -9.573  1.895   -17.542 1.00 49.45 ? 148 LYS A CE  1 
ATOM   377  N NZ  . LYS A 1 46  ? -8.205  1.406   -17.869 1.00 50.04 ? 148 LYS A NZ  1 
ATOM   378  N N   . GLY A 1 47  ? -8.320  6.325   -12.250 1.00 45.42 ? 149 GLY A N   1 
ATOM   379  C CA  . GLY A 1 47  ? -8.742  7.151   -11.134 1.00 44.72 ? 149 GLY A CA  1 
ATOM   380  C C   . GLY A 1 47  ? -8.964  6.325   -9.882  1.00 44.73 ? 149 GLY A C   1 
ATOM   381  O O   . GLY A 1 47  ? -9.674  6.742   -8.972  1.00 44.34 ? 149 GLY A O   1 
ATOM   382  N N   . ASN A 1 48  ? -8.352  5.149   -9.830  1.00 44.92 ? 150 ASN A N   1 
ATOM   383  C CA  . ASN A 1 48  ? -8.493  4.270   -8.677  1.00 44.19 ? 150 ASN A CA  1 
ATOM   384  C C   . ASN A 1 48  ? -7.369  4.449   -7.666  1.00 42.97 ? 150 ASN A C   1 
ATOM   385  O O   . ASN A 1 48  ? -6.223  4.725   -8.037  1.00 41.97 ? 150 ASN A O   1 
ATOM   386  C CB  . ASN A 1 48  ? -8.489  2.797   -9.104  1.00 46.75 ? 150 ASN A CB  1 
ATOM   387  C CG  . ASN A 1 48  ? -9.556  2.469   -10.123 1.00 49.88 ? 150 ASN A CG  1 
ATOM   388  O OD1 . ASN A 1 48  ? -10.664 3.017   -10.089 1.00 51.36 ? 150 ASN A OD1 1 
ATOM   389  N ND2 . ASN A 1 48  ? -9.236  1.547   -11.028 1.00 48.90 ? 150 ASN A ND2 1 
ATOM   390  N N   . ARG A 1 49  ? -7.703  4.292   -6.388  1.00 40.11 ? 151 ARG A N   1 
ATOM   391  C CA  . ARG A 1 49  ? -6.707  4.363   -5.336  1.00 38.57 ? 151 ARG A CA  1 
ATOM   392  C C   . ARG A 1 49  ? -6.291  2.917   -5.138  1.00 36.71 ? 151 ARG A C   1 
ATOM   393  O O   . ARG A 1 49  ? -6.917  2.168   -4.396  1.00 37.36 ? 151 ARG A O   1 
ATOM   394  C CB  . ARG A 1 49  ? -7.297  4.914   -4.042  1.00 38.00 ? 151 ARG A CB  1 
ATOM   395  C CG  . ARG A 1 49  ? -7.684  6.356   -4.137  1.00 38.59 ? 151 ARG A CG  1 
ATOM   396  C CD  . ARG A 1 49  ? -7.829  6.947   -2.765  1.00 37.56 ? 151 ARG A CD  1 
ATOM   397  N NE  . ARG A 1 49  ? -8.131  8.366   -2.841  1.00 38.82 ? 151 ARG A NE  1 
ATOM   398  C CZ  . ARG A 1 49  ? -8.302  9.144   -1.782  1.00 38.68 ? 151 ARG A CZ  1 
ATOM   399  N NH1 . ARG A 1 49  ? -8.200  8.634   -0.562  1.00 36.36 ? 151 ARG A NH1 1 
ATOM   400  N NH2 . ARG A 1 49  ? -8.569  10.435  -1.947  1.00 38.19 ? 151 ARG A NH2 1 
ATOM   401  N N   . ILE A 1 50  ? -5.234  2.529   -5.825  1.00 34.24 ? 152 ILE A N   1 
ATOM   402  C CA  . ILE A 1 50  ? -4.750  1.164   -5.768  1.00 33.03 ? 152 ILE A CA  1 
ATOM   403  C C   . ILE A 1 50  ? -3.894  0.880   -4.538  1.00 33.18 ? 152 ILE A C   1 
ATOM   404  O O   . ILE A 1 50  ? -3.574  -0.275  -4.255  1.00 34.14 ? 152 ILE A O   1 
ATOM   405  C CB  . ILE A 1 50  ? -3.969  0.850   -7.052  1.00 32.01 ? 152 ILE A CB  1 
ATOM   406  C CG1 . ILE A 1 50  ? -2.765  1.787   -7.175  1.00 31.88 ? 152 ILE A CG1 1 
ATOM   407  C CG2 . ILE A 1 50  ? -4.880  1.063   -8.264  1.00 27.29 ? 152 ILE A CG2 1 
ATOM   408  C CD1 . ILE A 1 50  ? -1.950  1.583   -8.443  1.00 33.95 ? 152 ILE A CD1 1 
ATOM   409  N N   . ALA A 1 51  ? -3.538  1.936   -3.812  1.00 30.98 ? 153 ALA A N   1 
ATOM   410  C CA  . ALA A 1 51  ? -2.722  1.828   -2.607  1.00 29.85 ? 153 ALA A CA  1 
ATOM   411  C C   . ALA A 1 51  ? -2.892  3.099   -1.785  1.00 30.89 ? 153 ALA A C   1 
ATOM   412  O O   . ALA A 1 51  ? -3.061  4.190   -2.338  1.00 30.25 ? 153 ALA A O   1 
ATOM   413  C CB  . ALA A 1 51  ? -1.262  1.632   -2.966  1.00 29.22 ? 153 ALA A CB  1 
ATOM   414  N N   . GLN A 1 52  ? -2.812  2.961   -0.467  1.00 30.06 ? 154 GLN A N   1 
ATOM   415  C CA  . GLN A 1 52  ? -3.017  4.088   0.418   1.00 29.82 ? 154 GLN A CA  1 
ATOM   416  C C   . GLN A 1 52  ? -2.490  3.812   1.826   1.00 30.02 ? 154 GLN A C   1 
ATOM   417  O O   . GLN A 1 52  ? -2.734  2.760   2.412   1.00 29.58 ? 154 GLN A O   1 
ATOM   418  C CB  . GLN A 1 52  ? -4.511  4.379   0.459   1.00 31.04 ? 154 GLN A CB  1 
ATOM   419  C CG  . GLN A 1 52  ? -4.931  5.518   1.327   1.00 35.00 ? 154 GLN A CG  1 
ATOM   420  C CD  . GLN A 1 52  ? -6.437  5.572   1.449   1.00 37.82 ? 154 GLN A CD  1 
ATOM   421  O OE1 . GLN A 1 52  ? -7.155  5.596   0.444   1.00 39.37 ? 154 GLN A OE1 1 
ATOM   422  N NE2 . GLN A 1 52  ? -6.929  5.577   2.680   1.00 36.80 ? 154 GLN A NE2 1 
ATOM   423  N N   . TRP A 1 53  ? -1.777  4.784   2.369   1.00 29.05 ? 155 TRP A N   1 
ATOM   424  C CA  . TRP A 1 53  ? -1.193  4.670   3.691   1.00 27.90 ? 155 TRP A CA  1 
ATOM   425  C C   . TRP A 1 53  ? -1.661  5.843   4.526   1.00 29.68 ? 155 TRP A C   1 
ATOM   426  O O   . TRP A 1 53  ? -1.600  6.993   4.087   1.00 31.09 ? 155 TRP A O   1 
ATOM   427  C CB  . TRP A 1 53  ? 0.323   4.684   3.568   1.00 25.40 ? 155 TRP A CB  1 
ATOM   428  C CG  . TRP A 1 53  ? 0.844   3.526   2.787   1.00 25.98 ? 155 TRP A CG  1 
ATOM   429  C CD1 . TRP A 1 53  ? 1.320   2.350   3.291   1.00 24.36 ? 155 TRP A CD1 1 
ATOM   430  C CD2 . TRP A 1 53  ? 0.980   3.437   1.362   1.00 24.97 ? 155 TRP A CD2 1 
ATOM   431  N NE1 . TRP A 1 53  ? 1.751   1.540   2.272   1.00 24.38 ? 155 TRP A NE1 1 
ATOM   432  C CE2 . TRP A 1 53  ? 1.557   2.182   1.077   1.00 24.72 ? 155 TRP A CE2 1 
ATOM   433  C CE3 . TRP A 1 53  ? 0.672   4.299   0.298   1.00 25.96 ? 155 TRP A CE3 1 
ATOM   434  C CZ2 . TRP A 1 53  ? 1.837   1.762   -0.229  1.00 23.12 ? 155 TRP A CZ2 1 
ATOM   435  C CZ3 . TRP A 1 53  ? 0.947   3.884   -1.006  1.00 24.63 ? 155 TRP A CZ3 1 
ATOM   436  C CH2 . TRP A 1 53  ? 1.526   2.623   -1.257  1.00 24.70 ? 155 TRP A CH2 1 
ATOM   437  N N   . GLN A 1 54  ? -2.132  5.562   5.731   1.00 31.00 ? 156 GLN A N   1 
ATOM   438  C CA  . GLN A 1 54  ? -2.616  6.632   6.572   1.00 31.84 ? 156 GLN A CA  1 
ATOM   439  C C   . GLN A 1 54  ? -1.799  6.855   7.839   1.00 31.94 ? 156 GLN A C   1 
ATOM   440  O O   . GLN A 1 54  ? -1.065  5.979   8.298   1.00 31.05 ? 156 GLN A O   1 
ATOM   441  C CB  . GLN A 1 54  ? -4.083  6.382   6.934   1.00 33.75 ? 156 GLN A CB  1 
ATOM   442  C CG  . GLN A 1 54  ? -5.004  6.183   5.735   1.00 36.62 ? 156 GLN A CG  1 
ATOM   443  C CD  . GLN A 1 54  ? -6.478  6.158   6.122   1.00 39.65 ? 156 GLN A CD  1 
ATOM   444  O OE1 . GLN A 1 54  ? -6.867  5.501   7.083   1.00 41.61 ? 156 GLN A OE1 1 
ATOM   445  N NE2 . GLN A 1 54  ? -7.306  6.872   5.365   1.00 42.64 ? 156 GLN A NE2 1 
ATOM   446  N N   . SER A 1 55  ? -1.922  8.070   8.363   1.00 32.72 ? 157 SER A N   1 
ATOM   447  C CA  . SER A 1 55  ? -1.280  8.506   9.598   1.00 32.95 ? 157 SER A CA  1 
ATOM   448  C C   . SER A 1 55  ? 0.098   7.939   9.902   1.00 32.74 ? 157 SER A C   1 
ATOM   449  O O   . SER A 1 55  ? 0.288   7.246   10.900  1.00 32.97 ? 157 SER A O   1 
ATOM   450  C CB  . SER A 1 55  ? -2.220  8.207   10.756  1.00 33.09 ? 157 SER A CB  1 
ATOM   451  O OG  . SER A 1 55  ? -3.532  8.622   10.411  1.00 36.39 ? 157 SER A OG  1 
ATOM   452  N N   . PHE A 1 56  ? 1.060   8.247   9.045   1.00 33.04 ? 158 PHE A N   1 
ATOM   453  C CA  . PHE A 1 56  ? 2.422   7.781   9.242   1.00 32.92 ? 158 PHE A CA  1 
ATOM   454  C C   . PHE A 1 56  ? 3.307   8.979   9.587   1.00 33.16 ? 158 PHE A C   1 
ATOM   455  O O   . PHE A 1 56  ? 3.042   10.101  9.160   1.00 34.23 ? 158 PHE A O   1 
ATOM   456  C CB  . PHE A 1 56  ? 2.929   7.066   7.982   1.00 29.95 ? 158 PHE A CB  1 
ATOM   457  C CG  . PHE A 1 56  ? 2.883   7.909   6.736   1.00 29.54 ? 158 PHE A CG  1 
ATOM   458  C CD1 . PHE A 1 56  ? 3.999   8.626   6.319   1.00 29.70 ? 158 PHE A CD1 1 
ATOM   459  C CD2 . PHE A 1 56  ? 1.727   7.971   5.968   1.00 29.76 ? 158 PHE A CD2 1 
ATOM   460  C CE1 . PHE A 1 56  ? 3.964   9.392   5.151   1.00 28.26 ? 158 PHE A CE1 1 
ATOM   461  C CE2 . PHE A 1 56  ? 1.683   8.736   4.798   1.00 27.17 ? 158 PHE A CE2 1 
ATOM   462  C CZ  . PHE A 1 56  ? 2.806   9.447   4.391   1.00 25.98 ? 158 PHE A CZ  1 
ATOM   463  N N   . GLN A 1 57  ? 4.348   8.740   10.369  1.00 33.32 ? 159 GLN A N   1 
ATOM   464  C CA  . GLN A 1 57  ? 5.241   9.814   10.767  1.00 35.31 ? 159 GLN A CA  1 
ATOM   465  C C   . GLN A 1 57  ? 6.603   9.659   10.117  1.00 33.97 ? 159 GLN A C   1 
ATOM   466  O O   . GLN A 1 57  ? 7.214   8.594   10.165  1.00 34.23 ? 159 GLN A O   1 
ATOM   467  C CB  . GLN A 1 57  ? 5.402   9.827   12.288  1.00 37.11 ? 159 GLN A CB  1 
ATOM   468  C CG  . GLN A 1 57  ? 6.117   11.057  12.808  1.00 41.79 ? 159 GLN A CG  1 
ATOM   469  C CD  . GLN A 1 57  ? 6.409   10.969  14.289  1.00 44.79 ? 159 GLN A CD  1 
ATOM   470  O OE1 . GLN A 1 57  ? 5.507   10.765  15.105  1.00 45.65 ? 159 GLN A OE1 1 
ATOM   471  N NE2 . GLN A 1 57  ? 7.679   11.121  14.646  1.00 45.84 ? 159 GLN A NE2 1 
ATOM   472  N N   . LEU A 1 58  ? 7.078   10.734  9.511   1.00 32.99 ? 160 LEU A N   1 
ATOM   473  C CA  . LEU A 1 58  ? 8.372   10.728  8.855   1.00 32.63 ? 160 LEU A CA  1 
ATOM   474  C C   . LEU A 1 58  ? 9.530   10.546  9.849   1.00 33.21 ? 160 LEU A C   1 
ATOM   475  O O   . LEU A 1 58  ? 9.453   10.993  10.993  1.00 34.02 ? 160 LEU A O   1 
ATOM   476  C CB  . LEU A 1 58  ? 8.535   12.039  8.074   1.00 31.72 ? 160 LEU A CB  1 
ATOM   477  C CG  . LEU A 1 58  ? 8.009   12.119  6.631   1.00 31.73 ? 160 LEU A CG  1 
ATOM   478  C CD1 . LEU A 1 58  ? 6.783   11.252  6.428   1.00 27.66 ? 160 LEU A CD1 1 
ATOM   479  C CD2 . LEU A 1 58  ? 7.723   13.574  6.290   1.00 29.68 ? 160 LEU A CD2 1 
ATOM   480  N N   . GLU A 1 59  ? 10.591  9.877   9.413   1.00 34.22 ? 161 GLU A N   1 
ATOM   481  C CA  . GLU A 1 59  ? 11.775  9.666   10.251  1.00 36.11 ? 161 GLU A CA  1 
ATOM   482  C C   . GLU A 1 59  ? 12.980  10.179  9.461   1.00 35.52 ? 161 GLU A C   1 
ATOM   483  O O   . GLU A 1 59  ? 13.260  9.697   8.366   1.00 36.16 ? 161 GLU A O   1 
ATOM   484  C CB  . GLU A 1 59  ? 11.959  8.172   10.583  1.00 37.93 ? 161 GLU A CB  1 
ATOM   485  C CG  . GLU A 1 59  ? 10.770  7.526   11.307  1.00 40.51 ? 161 GLU A CG  1 
ATOM   486  C CD  . GLU A 1 59  ? 10.951  6.024   11.550  1.00 43.74 ? 161 GLU A CD  1 
ATOM   487  O OE1 . GLU A 1 59  ? 10.019  5.387   12.096  1.00 42.46 ? 161 GLU A OE1 1 
ATOM   488  O OE2 . GLU A 1 59  ? 12.023  5.479   11.200  1.00 43.68 ? 161 GLU A OE2 1 
ATOM   489  N N   . GLY A 1 60  ? 13.694  11.153  10.018  1.00 35.90 ? 162 GLY A N   1 
ATOM   490  C CA  . GLY A 1 60  ? 14.841  11.715  9.322   1.00 34.22 ? 162 GLY A CA  1 
ATOM   491  C C   . GLY A 1 60  ? 14.347  12.661  8.240   1.00 34.89 ? 162 GLY A C   1 
ATOM   492  O O   . GLY A 1 60  ? 15.081  13.012  7.310   1.00 36.26 ? 162 GLY A O   1 
ATOM   493  N N   . GLY A 1 61  ? 13.088  13.072  8.357   1.00 33.14 ? 163 GLY A N   1 
ATOM   494  C CA  . GLY A 1 61  ? 12.512  13.968  7.373   1.00 34.65 ? 163 GLY A CA  1 
ATOM   495  C C   . GLY A 1 61  ? 11.808  13.269  6.215   1.00 34.41 ? 163 GLY A C   1 
ATOM   496  O O   . GLY A 1 61  ? 11.220  13.927  5.356   1.00 33.40 ? 163 GLY A O   1 
ATOM   497  N N   . LEU A 1 62  ? 11.844  11.941  6.190   1.00 34.87 ? 164 LEU A N   1 
ATOM   498  C CA  . LEU A 1 62  ? 11.206  11.210  5.098   1.00 36.86 ? 164 LEU A CA  1 
ATOM   499  C C   . LEU A 1 62  ? 10.751  9.800   5.436   1.00 36.18 ? 164 LEU A C   1 
ATOM   500  O O   . LEU A 1 62  ? 11.103  9.245   6.476   1.00 35.85 ? 164 LEU A O   1 
ATOM   501  C CB  . LEU A 1 62  ? 12.156  11.123  3.897   1.00 39.06 ? 164 LEU A CB  1 
ATOM   502  C CG  . LEU A 1 62  ? 13.532  10.483  4.127   1.00 41.27 ? 164 LEU A CG  1 
ATOM   503  C CD1 . LEU A 1 62  ? 14.193  10.159  2.794   1.00 42.31 ? 164 LEU A CD1 1 
ATOM   504  C CD2 . LEU A 1 62  ? 14.410  11.436  4.923   1.00 44.36 ? 164 LEU A CD2 1 
ATOM   505  N N   . LYS A 1 63  ? 9.957   9.232   4.534   1.00 35.82 ? 165 LYS A N   1 
ATOM   506  C CA  . LYS A 1 63  ? 9.484   7.866   4.675   1.00 35.23 ? 165 LYS A CA  1 
ATOM   507  C C   . LYS A 1 63  ? 9.373   7.269   3.281   1.00 34.90 ? 165 LYS A C   1 
ATOM   508  O O   . LYS A 1 63  ? 8.894   7.923   2.355   1.00 36.83 ? 165 LYS A O   1 
ATOM   509  C CB  . LYS A 1 63  ? 8.129   7.790   5.396   1.00 33.35 ? 165 LYS A CB  1 
ATOM   510  C CG  . LYS A 1 63  ? 7.733   6.338   5.699   1.00 32.93 ? 165 LYS A CG  1 
ATOM   511  C CD  . LYS A 1 63  ? 6.545   6.207   6.650   1.00 34.97 ? 165 LYS A CD  1 
ATOM   512  C CE  . LYS A 1 63  ? 6.184   4.742   6.926   1.00 33.33 ? 165 LYS A CE  1 
ATOM   513  N NZ  . LYS A 1 63  ? 7.295   3.976   7.560   1.00 35.83 ? 165 LYS A NZ  1 
ATOM   514  N N   . GLN A 1 64  ? 9.822   6.028   3.137   1.00 35.10 ? 166 GLN A N   1 
ATOM   515  C CA  . GLN A 1 64  ? 9.788   5.338   1.854   1.00 34.44 ? 166 GLN A CA  1 
ATOM   516  C C   . GLN A 1 64  ? 8.656   4.312   1.764   1.00 33.81 ? 166 GLN A C   1 
ATOM   517  O O   . GLN A 1 64  ? 8.320   3.639   2.744   1.00 33.60 ? 166 GLN A O   1 
ATOM   518  C CB  . GLN A 1 64  ? 11.134  4.640   1.599   1.00 35.06 ? 166 GLN A CB  1 
ATOM   519  C CG  . GLN A 1 64  ? 11.328  4.193   0.147   1.00 40.75 ? 166 GLN A CG  1 
ATOM   520  C CD  . GLN A 1 64  ? 12.780  3.881   -0.184  1.00 43.22 ? 166 GLN A CD  1 
ATOM   521  O OE1 . GLN A 1 64  ? 13.274  2.779   0.077   1.00 41.52 ? 166 GLN A OE1 1 
ATOM   522  N NE2 . GLN A 1 64  ? 13.477  4.863   -0.757  1.00 44.36 ? 166 GLN A NE2 1 
ATOM   523  N N   . PHE A 1 65  ? 8.065   4.209   0.578   1.00 31.65 ? 167 PHE A N   1 
ATOM   524  C CA  . PHE A 1 65  ? 6.993   3.252   0.335   1.00 29.26 ? 167 PHE A CA  1 
ATOM   525  C C   . PHE A 1 65  ? 7.298   2.541   -0.979  1.00 28.79 ? 167 PHE A C   1 
ATOM   526  O O   . PHE A 1 65  ? 8.108   3.009   -1.786  1.00 26.23 ? 167 PHE A O   1 
ATOM   527  C CB  . PHE A 1 65  ? 5.634   3.952   0.185   1.00 28.98 ? 167 PHE A CB  1 
ATOM   528  C CG  . PHE A 1 65  ? 5.217   4.758   1.378   1.00 30.26 ? 167 PHE A CG  1 
ATOM   529  C CD1 . PHE A 1 65  ? 5.736   6.037   1.593   1.00 31.60 ? 167 PHE A CD1 1 
ATOM   530  C CD2 . PHE A 1 65  ? 4.294   4.243   2.291   1.00 32.72 ? 167 PHE A CD2 1 
ATOM   531  C CE1 . PHE A 1 65  ? 5.340   6.795   2.699   1.00 32.74 ? 167 PHE A CE1 1 
ATOM   532  C CE2 . PHE A 1 65  ? 3.893   4.990   3.399   1.00 33.80 ? 167 PHE A CE2 1 
ATOM   533  C CZ  . PHE A 1 65  ? 4.419   6.273   3.604   1.00 32.66 ? 167 PHE A CZ  1 
ATOM   534  N N   . SER A 1 66  ? 6.647   1.407   -1.195  1.00 27.07 ? 168 SER A N   1 
ATOM   535  C CA  . SER A 1 66  ? 6.825   0.686   -2.436  1.00 27.36 ? 168 SER A CA  1 
ATOM   536  C C   . SER A 1 66  ? 5.502   0.035   -2.790  1.00 29.72 ? 168 SER A C   1 
ATOM   537  O O   . SER A 1 66  ? 4.709   -0.318  -1.910  1.00 28.31 ? 168 SER A O   1 
ATOM   538  C CB  . SER A 1 66  ? 7.929   -0.375  -2.322  1.00 25.54 ? 168 SER A CB  1 
ATOM   539  O OG  . SER A 1 66  ? 7.516   -1.467  -1.528  1.00 26.18 ? 168 SER A OG  1 
ATOM   540  N N   . PHE A 1 67  ? 5.246   -0.081  -4.089  1.00 30.98 ? 169 PHE A N   1 
ATOM   541  C CA  . PHE A 1 67  ? 4.026   -0.702  -4.559  1.00 32.76 ? 169 PHE A CA  1 
ATOM   542  C C   . PHE A 1 67  ? 4.315   -1.576  -5.773  1.00 32.59 ? 169 PHE A C   1 
ATOM   543  O O   . PHE A 1 67  ? 4.628   -1.070  -6.855  1.00 33.24 ? 169 PHE A O   1 
ATOM   544  C CB  . PHE A 1 67  ? 2.992   0.349   -4.928  1.00 34.58 ? 169 PHE A CB  1 
ATOM   545  C CG  . PHE A 1 67  ? 1.737   -0.231  -5.488  1.00 36.58 ? 169 PHE A CG  1 
ATOM   546  C CD1 . PHE A 1 67  ? 0.827   -0.875  -4.659  1.00 38.26 ? 169 PHE A CD1 1 
ATOM   547  C CD2 . PHE A 1 67  ? 1.470   -0.159  -6.848  1.00 37.10 ? 169 PHE A CD2 1 
ATOM   548  C CE1 . PHE A 1 67  ? -0.340  -1.442  -5.182  1.00 39.06 ? 169 PHE A CE1 1 
ATOM   549  C CE2 . PHE A 1 67  ? 0.307   -0.720  -7.379  1.00 39.05 ? 169 PHE A CE2 1 
ATOM   550  C CZ  . PHE A 1 67  ? -0.598  -1.363  -6.544  1.00 38.08 ? 169 PHE A CZ  1 
ATOM   551  N N   . PRO A 1 68  ? 4.206   -2.901  -5.606  1.00 31.75 ? 170 PRO A N   1 
ATOM   552  C CA  . PRO A 1 68  ? 4.462   -3.847  -6.696  1.00 31.67 ? 170 PRO A CA  1 
ATOM   553  C C   . PRO A 1 68  ? 3.374   -3.808  -7.772  1.00 31.27 ? 170 PRO A C   1 
ATOM   554  O O   . PRO A 1 68  ? 2.225   -4.139  -7.509  1.00 31.02 ? 170 PRO A O   1 
ATOM   555  C CB  . PRO A 1 68  ? 4.496   -5.204  -5.986  1.00 31.61 ? 170 PRO A CB  1 
ATOM   556  C CG  . PRO A 1 68  ? 4.776   -4.863  -4.543  1.00 31.94 ? 170 PRO A CG  1 
ATOM   557  C CD  . PRO A 1 68  ? 3.954   -3.616  -4.345  1.00 31.15 ? 170 PRO A CD  1 
ATOM   558  N N   . LEU A 1 69  ? 3.737   -3.395  -8.978  1.00 30.46 ? 171 LEU A N   1 
ATOM   559  C CA  . LEU A 1 69  ? 2.780   -3.361  -10.082 1.00 31.75 ? 171 LEU A CA  1 
ATOM   560  C C   . LEU A 1 69  ? 2.486   -4.810  -10.504 1.00 33.27 ? 171 LEU A C   1 
ATOM   561  O O   . LEU A 1 69  ? 3.352   -5.683  -10.387 1.00 34.65 ? 171 LEU A O   1 
ATOM   562  C CB  . LEU A 1 69  ? 3.372   -2.593  -11.270 1.00 29.32 ? 171 LEU A CB  1 
ATOM   563  C CG  . LEU A 1 69  ? 3.556   -1.076  -11.141 1.00 27.09 ? 171 LEU A CG  1 
ATOM   564  C CD1 . LEU A 1 69  ? 4.512   -0.581  -12.204 1.00 23.26 ? 171 LEU A CD1 1 
ATOM   565  C CD2 . LEU A 1 69  ? 2.211   -0.388  -11.273 1.00 24.38 ? 171 LEU A CD2 1 
ATOM   566  N N   . SER A 1 70  ? 1.270   -5.074  -10.974 1.00 35.55 ? 172 SER A N   1 
ATOM   567  C CA  . SER A 1 70  ? 0.928   -6.425  -11.418 1.00 38.76 ? 172 SER A CA  1 
ATOM   568  C C   . SER A 1 70  ? 1.599   -6.715  -12.758 1.00 38.53 ? 172 SER A C   1 
ATOM   569  O O   . SER A 1 70  ? 2.333   -5.878  -13.293 1.00 37.19 ? 172 SER A O   1 
ATOM   570  C CB  . SER A 1 70  ? -0.593  -6.590  -11.549 1.00 40.11 ? 172 SER A CB  1 
ATOM   571  O OG  . SER A 1 70  ? -1.174  -6.950  -10.299 1.00 44.28 ? 172 SER A OG  1 
ATOM   572  N N   . SER A 1 71  ? 1.353   -7.902  -13.299 1.00 38.72 ? 173 SER A N   1 
ATOM   573  C CA  . SER A 1 71  ? 1.956   -8.269  -14.575 1.00 39.50 ? 173 SER A CA  1 
ATOM   574  C C   . SER A 1 71  ? 1.209   -7.651  -15.752 1.00 38.77 ? 173 SER A C   1 
ATOM   575  O O   . SER A 1 71  ? 1.803   -7.413  -16.800 1.00 39.23 ? 173 SER A O   1 
ATOM   576  C CB  . SER A 1 71  ? 2.002   -9.789  -14.723 1.00 40.43 ? 173 SER A CB  1 
ATOM   577  O OG  . SER A 1 71  ? 0.696   -10.334 -14.669 1.00 43.98 ? 173 SER A OG  1 
ATOM   578  N N   . GLU A 1 72  ? -0.085  -7.387  -15.570 1.00 38.99 ? 174 GLU A N   1 
ATOM   579  C CA  . GLU A 1 72  ? -0.922  -6.779  -16.614 1.00 39.36 ? 174 GLU A CA  1 
ATOM   580  C C   . GLU A 1 72  ? -1.630  -5.549  -16.040 1.00 37.73 ? 174 GLU A C   1 
ATOM   581  O O   . GLU A 1 72  ? -2.855  -5.519  -15.948 1.00 38.02 ? 174 GLU A O   1 
ATOM   582  C CB  . GLU A 1 72  ? -1.994  -7.769  -17.091 1.00 43.09 ? 174 GLU A CB  1 
ATOM   583  C CG  . GLU A 1 72  ? -1.477  -9.136  -17.526 1.00 48.32 ? 174 GLU A CG  1 
ATOM   584  C CD  . GLU A 1 72  ? -0.654  -9.078  -18.796 1.00 51.73 ? 174 GLU A CD  1 
ATOM   585  O OE1 . GLU A 1 72  ? -0.074  -10.119 -19.173 1.00 54.71 ? 174 GLU A OE1 1 
ATOM   586  O OE2 . GLU A 1 72  ? -0.592  -7.998  -19.423 1.00 54.56 ? 174 GLU A OE2 1 
ATOM   587  N N   . PRO A 1 73  ? -0.868  -4.513  -15.659 1.00 35.82 ? 175 PRO A N   1 
ATOM   588  C CA  . PRO A 1 73  ? -1.451  -3.296  -15.089 1.00 34.26 ? 175 PRO A CA  1 
ATOM   589  C C   . PRO A 1 73  ? -1.966  -2.309  -16.129 1.00 34.13 ? 175 PRO A C   1 
ATOM   590  O O   . PRO A 1 73  ? -1.519  -2.316  -17.268 1.00 33.91 ? 175 PRO A O   1 
ATOM   591  C CB  . PRO A 1 73  ? -0.284  -2.715  -14.315 1.00 34.54 ? 175 PRO A CB  1 
ATOM   592  C CG  . PRO A 1 73  ? 0.845   -2.961  -15.279 1.00 34.67 ? 175 PRO A CG  1 
ATOM   593  C CD  . PRO A 1 73  ? 0.603   -4.407  -15.702 1.00 34.90 ? 175 PRO A CD  1 
ATOM   594  N N   . PHE A 1 74  ? -2.909  -1.464  -15.731 1.00 34.13 ? 176 PHE A N   1 
ATOM   595  C CA  . PHE A 1 74  ? -3.417  -0.439  -16.638 1.00 34.94 ? 176 PHE A CA  1 
ATOM   596  C C   . PHE A 1 74  ? -2.192  0.398   -16.983 1.00 34.11 ? 176 PHE A C   1 
ATOM   597  O O   . PHE A 1 74  ? -1.351  0.660   -16.121 1.00 32.95 ? 176 PHE A O   1 
ATOM   598  C CB  . PHE A 1 74  ? -4.445  0.455   -15.942 1.00 34.33 ? 176 PHE A CB  1 
ATOM   599  C CG  . PHE A 1 74  ? -5.740  -0.231  -15.635 1.00 37.88 ? 176 PHE A CG  1 
ATOM   600  C CD1 . PHE A 1 74  ? -6.255  -0.223  -14.342 1.00 37.42 ? 176 PHE A CD1 1 
ATOM   601  C CD2 . PHE A 1 74  ? -6.460  -0.867  -16.643 1.00 37.96 ? 176 PHE A CD2 1 
ATOM   602  C CE1 . PHE A 1 74  ? -7.468  -0.836  -14.054 1.00 36.79 ? 176 PHE A CE1 1 
ATOM   603  C CE2 . PHE A 1 74  ? -7.675  -1.481  -16.369 1.00 37.85 ? 176 PHE A CE2 1 
ATOM   604  C CZ  . PHE A 1 74  ? -8.182  -1.469  -15.069 1.00 37.25 ? 176 PHE A CZ  1 
ATOM   605  N N   . GLN A 1 75  ? -2.071  0.801   -18.239 1.00 32.73 ? 177 GLN A N   1 
ATOM   606  C CA  . GLN A 1 75  ? -0.935  1.604   -18.629 1.00 32.01 ? 177 GLN A CA  1 
ATOM   607  C C   . GLN A 1 75  ? -1.341  3.051   -18.799 1.00 32.30 ? 177 GLN A C   1 
ATOM   608  O O   . GLN A 1 75  ? -2.485  3.347   -19.131 1.00 33.04 ? 177 GLN A O   1 
ATOM   609  C CB  . GLN A 1 75  ? -0.306  1.048   -19.899 1.00 31.58 ? 177 GLN A CB  1 
ATOM   610  C CG  . GLN A 1 75  ? 0.583   -0.152  -19.611 1.00 31.87 ? 177 GLN A CG  1 
ATOM   611  C CD  . GLN A 1 75  ? 1.340   -0.630  -20.830 1.00 33.69 ? 177 GLN A CD  1 
ATOM   612  O OE1 . GLN A 1 75  ? 1.846   0.179   -21.622 1.00 33.69 ? 177 GLN A OE1 1 
ATOM   613  N NE2 . GLN A 1 75  ? 1.441   -1.948  -20.980 1.00 33.04 ? 177 GLN A NE2 1 
ATOM   614  N N   . GLY A 1 76  ? -0.401  3.952   -18.544 1.00 31.75 ? 178 GLY A N   1 
ATOM   615  C CA  . GLY A 1 76  ? -0.691  5.368   -18.655 1.00 31.28 ? 178 GLY A CA  1 
ATOM   616  C C   . GLY A 1 76  ? -0.130  6.125   -17.469 1.00 30.28 ? 178 GLY A C   1 
ATOM   617  O O   . GLY A 1 76  ? 0.787   5.657   -16.792 1.00 30.00 ? 178 GLY A O   1 
ATOM   618  N N   . SER A 1 77  ? -0.687  7.294   -17.197 1.00 29.34 ? 179 SER A N   1 
ATOM   619  C CA  . SER A 1 77  ? -0.186  8.100   -16.096 1.00 30.40 ? 179 SER A CA  1 
ATOM   620  C C   . SER A 1 77  ? -0.880  7.897   -14.761 1.00 30.33 ? 179 SER A C   1 
ATOM   621  O O   . SER A 1 77  ? -2.105  7.984   -14.642 1.00 30.36 ? 179 SER A O   1 
ATOM   622  C CB  . SER A 1 77  ? -0.220  9.581   -16.477 1.00 30.97 ? 179 SER A CB  1 
ATOM   623  O OG  . SER A 1 77  ? -1.490  9.928   -16.979 1.00 31.66 ? 179 SER A OG  1 
ATOM   624  N N   . TYR A 1 78  ? -0.062  7.606   -13.758 1.00 29.26 ? 180 TYR A N   1 
ATOM   625  C CA  . TYR A 1 78  ? -0.529  7.410   -12.395 1.00 29.99 ? 180 TYR A CA  1 
ATOM   626  C C   . TYR A 1 78  ? -0.126  8.661   -11.628 1.00 30.02 ? 180 TYR A C   1 
ATOM   627  O O   . TYR A 1 78  ? 0.371   9.625   -12.199 1.00 30.03 ? 180 TYR A O   1 
ATOM   628  C CB  . TYR A 1 78  ? 0.187   6.222   -11.753 1.00 28.23 ? 180 TYR A CB  1 
ATOM   629  C CG  . TYR A 1 78  ? -0.186  4.857   -12.282 1.00 29.40 ? 180 TYR A CG  1 
ATOM   630  C CD1 . TYR A 1 78  ? -0.113  4.555   -13.648 1.00 28.76 ? 180 TYR A CD1 1 
ATOM   631  C CD2 . TYR A 1 78  ? -0.556  3.843   -11.403 1.00 28.14 ? 180 TYR A CD2 1 
ATOM   632  C CE1 . TYR A 1 78  ? -0.399  3.270   -14.111 1.00 27.64 ? 180 TYR A CE1 1 
ATOM   633  C CE2 . TYR A 1 78  ? -0.835  2.567   -11.853 1.00 28.69 ? 180 TYR A CE2 1 
ATOM   634  C CZ  . TYR A 1 78  ? -0.758  2.283   -13.199 1.00 27.04 ? 180 TYR A CZ  1 
ATOM   635  O OH  . TYR A 1 78  ? -1.042  1.009   -13.605 1.00 29.47 ? 180 TYR A OH  1 
ATOM   636  N N   . LYS A 1 79  ? -0.337  8.644   -10.324 1.00 31.32 ? 181 LYS A N   1 
ATOM   637  C CA  . LYS A 1 79  ? 0.099   9.762   -9.514  1.00 30.87 ? 181 LYS A CA  1 
ATOM   638  C C   . LYS A 1 79  ? 0.090   9.438   -8.042  1.00 30.93 ? 181 LYS A C   1 
ATOM   639  O O   . LYS A 1 79  ? -0.776  8.716   -7.556  1.00 31.04 ? 181 LYS A O   1 
ATOM   640  C CB  . LYS A 1 79  ? -0.734  11.008  -9.793  1.00 31.31 ? 181 LYS A CB  1 
ATOM   641  C CG  . LYS A 1 79  ? -2.185  10.910  -9.461  1.00 31.60 ? 181 LYS A CG  1 
ATOM   642  C CD  . LYS A 1 79  ? -2.837  12.215  -9.847  1.00 34.13 ? 181 LYS A CD  1 
ATOM   643  C CE  . LYS A 1 79  ? -4.311  12.244  -9.488  1.00 36.31 ? 181 LYS A CE  1 
ATOM   644  N NZ  . LYS A 1 79  ? -4.902  13.547  -9.895  1.00 36.46 ? 181 LYS A NZ  1 
ATOM   645  N N   . VAL A 1 80  ? 1.097   9.946   -7.343  1.00 29.66 ? 182 VAL A N   1 
ATOM   646  C CA  . VAL A 1 80  ? 1.201   9.755   -5.914  1.00 28.45 ? 182 VAL A CA  1 
ATOM   647  C C   . VAL A 1 80  ? 0.675   11.048  -5.345  1.00 28.19 ? 182 VAL A C   1 
ATOM   648  O O   . VAL A 1 80  ? 1.067   12.118  -5.782  1.00 29.48 ? 182 VAL A O   1 
ATOM   649  C CB  . VAL A 1 80  ? 2.659   9.584   -5.464  1.00 28.05 ? 182 VAL A CB  1 
ATOM   650  C CG1 . VAL A 1 80  ? 2.697   9.123   -4.033  1.00 24.63 ? 182 VAL A CG1 1 
ATOM   651  C CG2 . VAL A 1 80  ? 3.370   8.604   -6.364  1.00 27.84 ? 182 VAL A CG2 1 
ATOM   652  N N   . VAL A 1 81  ? -0.219  10.956  -4.375  1.00 28.09 ? 183 VAL A N   1 
ATOM   653  C CA  . VAL A 1 81  ? -0.786  12.144  -3.772  1.00 28.59 ? 183 VAL A CA  1 
ATOM   654  C C   . VAL A 1 81  ? -0.590  12.117  -2.275  1.00 29.28 ? 183 VAL A C   1 
ATOM   655  O O   . VAL A 1 81  ? -0.914  11.130  -1.622  1.00 28.57 ? 183 VAL A O   1 
ATOM   656  C CB  . VAL A 1 81  ? -2.290  12.251  -4.069  1.00 29.58 ? 183 VAL A CB  1 
ATOM   657  C CG1 . VAL A 1 81  ? -2.875  13.444  -3.331  1.00 28.67 ? 183 VAL A CG1 1 
ATOM   658  C CG2 . VAL A 1 81  ? -2.514  12.385  -5.571  1.00 29.74 ? 183 VAL A CG2 1 
ATOM   659  N N   . VAL A 1 82  ? -0.052  13.211  -1.744  1.00 30.56 ? 184 VAL A N   1 
ATOM   660  C CA  . VAL A 1 82  ? 0.198   13.349  -0.319  1.00 31.86 ? 184 VAL A CA  1 
ATOM   661  C C   . VAL A 1 82  ? -0.599  14.510  0.221   1.00 33.67 ? 184 VAL A C   1 
ATOM   662  O O   . VAL A 1 82  ? -0.693  15.568  -0.401  1.00 34.36 ? 184 VAL A O   1 
ATOM   663  C CB  . VAL A 1 82  ? 1.685   13.632  -0.006  1.00 31.90 ? 184 VAL A CB  1 
ATOM   664  C CG1 . VAL A 1 82  ? 1.872   13.874  1.491   1.00 29.49 ? 184 VAL A CG1 1 
ATOM   665  C CG2 . VAL A 1 82  ? 2.533   12.466  -0.438  1.00 33.82 ? 184 VAL A CG2 1 
ATOM   666  N N   . GLN A 1 83  ? -1.169  14.304  1.393   1.00 36.36 ? 185 GLN A N   1 
ATOM   667  C CA  . GLN A 1 83  ? -1.952  15.336  2.037   1.00 39.00 ? 185 GLN A CA  1 
ATOM   668  C C   . GLN A 1 83  ? -1.334  15.621  3.392   1.00 39.09 ? 185 GLN A C   1 
ATOM   669  O O   . GLN A 1 83  ? -1.215  14.719  4.223   1.00 37.89 ? 185 GLN A O   1 
ATOM   670  C CB  . GLN A 1 83  ? -3.383  14.857  2.203   1.00 39.94 ? 185 GLN A CB  1 
ATOM   671  C CG  . GLN A 1 83  ? -4.276  15.847  2.885   1.00 45.28 ? 185 GLN A CG  1 
ATOM   672  C CD  . GLN A 1 83  ? -5.629  15.889  2.231   1.00 47.68 ? 185 GLN A CD  1 
ATOM   673  O OE1 . GLN A 1 83  ? -6.180  14.846  1.862   1.00 47.77 ? 185 GLN A OE1 1 
ATOM   674  N NE2 . GLN A 1 83  ? -6.180  17.092  2.076   1.00 49.74 ? 185 GLN A NE2 1 
ATOM   675  N N   . LYS A 1 84  ? -0.924  16.868  3.603   1.00 40.14 ? 186 LYS A N   1 
ATOM   676  C CA  . LYS A 1 84  ? -0.317  17.262  4.864   1.00 41.27 ? 186 LYS A CA  1 
ATOM   677  C C   . LYS A 1 84  ? -1.387  17.779  5.823   1.00 41.53 ? 186 LYS A C   1 
ATOM   678  O O   . LYS A 1 84  ? -2.493  18.138  5.409   1.00 41.68 ? 186 LYS A O   1 
ATOM   679  C CB  . LYS A 1 84  ? 0.783   18.319  4.629   1.00 42.34 ? 186 LYS A CB  1 
ATOM   680  C CG  . LYS A 1 84  ? 0.309   19.659  4.061   1.00 43.94 ? 186 LYS A CG  1 
ATOM   681  C CD  . LYS A 1 84  ? 1.441   20.429  3.355   1.00 44.27 ? 186 LYS A CD  1 
ATOM   682  C CE  . LYS A 1 84  ? 2.609   20.769  4.275   1.00 47.13 ? 186 LYS A CE  1 
ATOM   683  N NZ  . LYS A 1 84  ? 2.270   21.758  5.336   1.00 46.84 ? 186 LYS A NZ  1 
ATOM   684  N N   . LYS A 1 85  ? -1.050  17.782  7.107   1.00 41.71 ? 187 LYS A N   1 
ATOM   685  C CA  . LYS A 1 85  ? -1.947  18.231  8.168   1.00 42.39 ? 187 LYS A CA  1 
ATOM   686  C C   . LYS A 1 85  ? -2.551  19.607  7.890   1.00 41.27 ? 187 LYS A C   1 
ATOM   687  O O   . LYS A 1 85  ? -3.736  19.833  8.124   1.00 40.60 ? 187 LYS A O   1 
ATOM   688  C CB  . LYS A 1 85  ? -1.181  18.258  9.496   1.00 44.52 ? 187 LYS A CB  1 
ATOM   689  C CG  . LYS A 1 85  ? -2.001  18.661  10.713  1.00 44.61 ? 187 LYS A CG  1 
ATOM   690  C CD  . LYS A 1 85  ? -1.097  18.768  11.937  1.00 45.15 ? 187 LYS A CD  1 
ATOM   691  C CE  . LYS A 1 85  ? -1.852  19.243  13.168  1.00 45.83 ? 187 LYS A CE  1 
ATOM   692  N NZ  . LYS A 1 85  ? -0.950  19.346  14.349  1.00 43.67 ? 187 LYS A NZ  1 
ATOM   693  N N   . SER A 1 86  ? -1.736  20.524  7.388   1.00 41.20 ? 188 SER A N   1 
ATOM   694  C CA  . SER A 1 86  ? -2.204  21.875  7.093   1.00 41.13 ? 188 SER A CA  1 
ATOM   695  C C   . SER A 1 86  ? -3.279  21.931  6.008   1.00 39.55 ? 188 SER A C   1 
ATOM   696  O O   . SER A 1 86  ? -3.812  22.997  5.716   1.00 38.80 ? 188 SER A O   1 
ATOM   697  C CB  . SER A 1 86  ? -1.019  22.772  6.695   1.00 42.59 ? 188 SER A CB  1 
ATOM   698  O OG  . SER A 1 86  ? -0.411  22.333  5.492   1.00 46.86 ? 188 SER A OG  1 
ATOM   699  N N   . GLY A 1 87  ? -3.605  20.785  5.416   1.00 38.22 ? 189 GLY A N   1 
ATOM   700  C CA  . GLY A 1 87  ? -4.620  20.760  4.375   1.00 35.23 ? 189 GLY A CA  1 
ATOM   701  C C   . GLY A 1 87  ? -4.043  20.867  2.975   1.00 33.95 ? 189 GLY A C   1 
ATOM   702  O O   . GLY A 1 87  ? -4.755  20.699  1.988   1.00 34.62 ? 189 GLY A O   1 
ATOM   703  N N   . GLY A 1 88  ? -2.747  21.146  2.889   1.00 34.05 ? 190 GLY A N   1 
ATOM   704  C CA  . GLY A 1 88  ? -2.099  21.251  1.595   1.00 35.18 ? 190 GLY A CA  1 
ATOM   705  C C   . GLY A 1 88  ? -1.911  19.874  0.977   1.00 36.38 ? 190 GLY A C   1 
ATOM   706  O O   . GLY A 1 88  ? -1.761  18.877  1.692   1.00 35.80 ? 190 GLY A O   1 
ATOM   707  N N   . ARG A 1 89  ? -1.937  19.805  -0.350  1.00 35.29 ? 191 ARG A N   1 
ATOM   708  C CA  . ARG A 1 89  ? -1.744  18.533  -1.024  1.00 36.38 ? 191 ARG A CA  1 
ATOM   709  C C   . ARG A 1 89  ? -0.724  18.667  -2.130  1.00 34.85 ? 191 ARG A C   1 
ATOM   710  O O   . ARG A 1 89  ? -0.534  19.747  -2.682  1.00 34.67 ? 191 ARG A O   1 
ATOM   711  C CB  . ARG A 1 89  ? -3.051  18.011  -1.616  1.00 37.93 ? 191 ARG A CB  1 
ATOM   712  C CG  . ARG A 1 89  ? -4.123  17.698  -0.595  1.00 41.34 ? 191 ARG A CG  1 
ATOM   713  C CD  . ARG A 1 89  ? -5.070  16.656  -1.153  1.00 45.30 ? 191 ARG A CD  1 
ATOM   714  N NE  . ARG A 1 89  ? -5.204  16.779  -2.605  1.00 49.01 ? 191 ARG A NE  1 
ATOM   715  C CZ  . ARG A 1 89  ? -5.862  15.914  -3.376  1.00 51.69 ? 191 ARG A CZ  1 
ATOM   716  N NH1 . ARG A 1 89  ? -6.456  14.851  -2.834  1.00 51.66 ? 191 ARG A NH1 1 
ATOM   717  N NH2 . ARG A 1 89  ? -5.920  16.105  -4.692  1.00 51.27 ? 191 ARG A NH2 1 
ATOM   718  N N   . THR A 1 90  ? -0.053  17.567  -2.443  1.00 34.14 ? 192 THR A N   1 
ATOM   719  C CA  . THR A 1 90  ? 0.929   17.587  -3.509  1.00 34.55 ? 192 THR A CA  1 
ATOM   720  C C   . THR A 1 90  ? 0.803   16.313  -4.344  1.00 33.02 ? 192 THR A C   1 
ATOM   721  O O   . THR A 1 90  ? 0.691   15.208  -3.807  1.00 30.95 ? 192 THR A O   1 
ATOM   722  C CB  . THR A 1 90  ? 2.370   17.740  -2.951  1.00 35.30 ? 192 THR A CB  1 
ATOM   723  O OG1 . THR A 1 90  ? 3.289   17.870  -4.042  1.00 36.98 ? 192 THR A OG1 1 
ATOM   724  C CG2 . THR A 1 90  ? 2.765   16.532  -2.109  1.00 38.18 ? 192 THR A CG2 1 
ATOM   725  N N   . GLU A 1 91  ? 0.783   16.491  -5.661  1.00 33.26 ? 193 GLU A N   1 
ATOM   726  C CA  . GLU A 1 91  ? 0.669   15.382  -6.608  1.00 32.63 ? 193 GLU A CA  1 
ATOM   727  C C   . GLU A 1 91  ? 1.943   15.217  -7.418  1.00 32.33 ? 193 GLU A C   1 
ATOM   728  O O   . GLU A 1 91  ? 2.514   16.185  -7.920  1.00 33.29 ? 193 GLU A O   1 
ATOM   729  C CB  . GLU A 1 91  ? -0.485  15.616  -7.577  1.00 34.22 ? 193 GLU A CB  1 
ATOM   730  C CG  . GLU A 1 91  ? -1.833  15.784  -6.929  1.00 35.78 ? 193 GLU A CG  1 
ATOM   731  C CD  . GLU A 1 91  ? -2.943  15.871  -7.954  1.00 38.10 ? 193 GLU A CD  1 
ATOM   732  O OE1 . GLU A 1 91  ? -4.119  16.016  -7.553  1.00 40.05 ? 193 GLU A OE1 1 
ATOM   733  O OE2 . GLU A 1 91  ? -2.634  15.797  -9.166  1.00 39.54 ? 193 GLU A OE2 1 
ATOM   734  N N   . HIS A 1 92  ? 2.381   13.975  -7.544  1.00 31.96 ? 194 HIS A N   1 
ATOM   735  C CA  . HIS A 1 92  ? 3.579   13.650  -8.301  1.00 29.76 ? 194 HIS A CA  1 
ATOM   736  C C   . HIS A 1 92  ? 3.228   12.529  -9.286  1.00 29.38 ? 194 HIS A C   1 
ATOM   737  O O   . HIS A 1 92  ? 2.954   11.405  -8.884  1.00 28.92 ? 194 HIS A O   1 
ATOM   738  C CB  . HIS A 1 92  ? 4.688   13.201  -7.349  1.00 29.82 ? 194 HIS A CB  1 
ATOM   739  C CG  . HIS A 1 92  ? 5.920   12.717  -8.046  1.00 31.47 ? 194 HIS A CG  1 
ATOM   740  N ND1 . HIS A 1 92  ? 6.194   11.378  -8.229  1.00 32.03 ? 194 HIS A ND1 1 
ATOM   741  C CD2 . HIS A 1 92  ? 6.913   13.392  -8.670  1.00 31.56 ? 194 HIS A CD2 1 
ATOM   742  C CE1 . HIS A 1 92  ? 7.301   11.251  -8.940  1.00 32.50 ? 194 HIS A CE1 1 
ATOM   743  N NE2 . HIS A 1 92  ? 7.756   12.458  -9.222  1.00 32.85 ? 194 HIS A NE2 1 
ATOM   744  N N   . PRO A 1 93  ? 3.207   12.834  -10.590 1.00 29.36 ? 195 PRO A N   1 
ATOM   745  C CA  . PRO A 1 93  ? 2.877   11.805  -11.580 1.00 27.62 ? 195 PRO A CA  1 
ATOM   746  C C   . PRO A 1 93  ? 4.045   10.909  -11.950 1.00 26.49 ? 195 PRO A C   1 
ATOM   747  O O   . PRO A 1 93  ? 5.200   11.245  -11.721 1.00 25.38 ? 195 PRO A O   1 
ATOM   748  C CB  . PRO A 1 93  ? 2.402   12.618  -12.779 1.00 27.69 ? 195 PRO A CB  1 
ATOM   749  C CG  . PRO A 1 93  ? 3.312   13.822  -12.722 1.00 29.79 ? 195 PRO A CG  1 
ATOM   750  C CD  . PRO A 1 93  ? 3.299   14.166  -11.221 1.00 29.37 ? 195 PRO A CD  1 
ATOM   751  N N   . PHE A 1 94  ? 3.712   9.749   -12.501 1.00 26.36 ? 196 PHE A N   1 
ATOM   752  C CA  . PHE A 1 94  ? 4.691   8.794   -12.988 1.00 26.75 ? 196 PHE A CA  1 
ATOM   753  C C   . PHE A 1 94  ? 3.942   7.946   -13.995 1.00 27.91 ? 196 PHE A C   1 
ATOM   754  O O   . PHE A 1 94  ? 2.709   7.842   -13.942 1.00 26.88 ? 196 PHE A O   1 
ATOM   755  C CB  . PHE A 1 94  ? 5.288   7.947   -11.853 1.00 27.80 ? 196 PHE A CB  1 
ATOM   756  C CG  . PHE A 1 94  ? 4.348   6.942   -11.245 1.00 27.07 ? 196 PHE A CG  1 
ATOM   757  C CD1 . PHE A 1 94  ? 4.261   5.654   -11.757 1.00 26.75 ? 196 PHE A CD1 1 
ATOM   758  C CD2 . PHE A 1 94  ? 3.615   7.259   -10.100 1.00 29.64 ? 196 PHE A CD2 1 
ATOM   759  C CE1 . PHE A 1 94  ? 3.470   4.685   -11.137 1.00 26.64 ? 196 PHE A CE1 1 
ATOM   760  C CE2 . PHE A 1 94  ? 2.819   6.300   -9.469  1.00 28.17 ? 196 PHE A CE2 1 
ATOM   761  C CZ  . PHE A 1 94  ? 2.749   5.007   -9.990  1.00 26.37 ? 196 PHE A CZ  1 
ATOM   762  N N   . THR A 1 95  ? 4.652   7.358   -14.942 1.00 28.30 ? 197 THR A N   1 
ATOM   763  C CA  . THR A 1 95  ? 3.932   6.563   -15.912 1.00 30.80 ? 197 THR A CA  1 
ATOM   764  C C   . THR A 1 95  ? 4.322   5.098   -15.922 1.00 29.97 ? 197 THR A C   1 
ATOM   765  O O   . THR A 1 95  ? 5.390   4.713   -15.434 1.00 28.98 ? 197 THR A O   1 
ATOM   766  C CB  . THR A 1 95  ? 4.069   7.170   -17.331 1.00 31.29 ? 197 THR A CB  1 
ATOM   767  O OG1 . THR A 1 95  ? 4.733   6.243   -18.191 1.00 35.49 ? 197 THR A OG1 1 
ATOM   768  C CG2 . THR A 1 95  ? 4.848   8.480   -17.279 1.00 30.89 ? 197 THR A CG2 1 
ATOM   769  N N   . VAL A 1 96  ? 3.419   4.288   -16.458 1.00 31.19 ? 198 VAL A N   1 
ATOM   770  C CA  . VAL A 1 96  ? 3.616   2.850   -16.580 1.00 33.08 ? 198 VAL A CA  1 
ATOM   771  C C   . VAL A 1 96  ? 3.284   2.511   -18.033 1.00 35.08 ? 198 VAL A C   1 
ATOM   772  O O   . VAL A 1 96  ? 2.151   2.687   -18.470 1.00 35.62 ? 198 VAL A O   1 
ATOM   773  C CB  . VAL A 1 96  ? 2.656   2.073   -15.643 1.00 33.45 ? 198 VAL A CB  1 
ATOM   774  C CG1 . VAL A 1 96  ? 2.844   0.579   -15.828 1.00 30.87 ? 198 VAL A CG1 1 
ATOM   775  C CG2 . VAL A 1 96  ? 2.905   2.475   -14.189 1.00 31.42 ? 198 VAL A CG2 1 
ATOM   776  N N   . GLU A 1 97  ? 4.265   2.031   -18.785 1.00 38.78 ? 199 GLU A N   1 
ATOM   777  C CA  . GLU A 1 97  ? 4.033   1.704   -20.189 1.00 41.72 ? 199 GLU A CA  1 
ATOM   778  C C   . GLU A 1 97  ? 5.153   0.854   -20.748 1.00 43.90 ? 199 GLU A C   1 
ATOM   779  O O   . GLU A 1 97  ? 6.284   0.906   -20.261 1.00 45.69 ? 199 GLU A O   1 
ATOM   780  C CB  . GLU A 1 97  ? 3.945   2.976   -21.025 1.00 41.17 ? 199 GLU A CB  1 
ATOM   781  C CG  . GLU A 1 97  ? 5.169   3.858   -20.879 1.00 43.06 ? 199 GLU A CG  1 
ATOM   782  C CD  . GLU A 1 97  ? 5.328   4.868   -22.002 1.00 44.67 ? 199 GLU A CD  1 
ATOM   783  O OE1 . GLU A 1 97  ? 4.303   5.419   -22.469 1.00 43.92 ? 199 GLU A OE1 1 
ATOM   784  O OE2 . GLU A 1 97  ? 6.490   5.116   -22.404 1.00 44.45 ? 199 GLU A OE2 1 
ATOM   785  N N   . GLU A 1 98  ? 4.837   0.083   -21.781 1.00 45.18 ? 200 GLU A N   1 
ATOM   786  C CA  . GLU A 1 98  ? 5.833   -0.761  -22.417 1.00 47.31 ? 200 GLU A CA  1 
ATOM   787  C C   . GLU A 1 98  ? 5.547   -0.967  -23.909 1.00 47.89 ? 200 GLU A C   1 
ATOM   788  O O   . GLU A 1 98  ? 6.476   -1.093  -24.704 1.00 49.28 ? 200 GLU A O   1 
ATOM   789  C CB  . GLU A 1 98  ? 5.921   -2.104  -21.687 1.00 47.52 ? 200 GLU A CB  1 
ATOM   790  C CG  . GLU A 1 98  ? 7.060   -2.999  -22.158 1.00 49.01 ? 200 GLU A CG  1 
ATOM   791  C CD  . GLU A 1 98  ? 7.373   -4.103  -21.165 1.00 50.35 ? 200 GLU A CD  1 
ATOM   792  O OE1 . GLU A 1 98  ? 6.421   -4.656  -20.575 1.00 51.20 ? 200 GLU A OE1 1 
ATOM   793  O OE2 . GLU A 1 98  ? 8.570   -4.426  -20.978 1.00 51.83 ? 200 GLU A OE2 1 
ATOM   794  N N   . PHE A 1 99  ? 4.271   -0.975  -24.287 1.00 48.26 ? 201 PHE A N   1 
ATOM   795  C CA  . PHE A 1 99  ? 3.862   -1.153  -25.690 1.00 49.87 ? 201 PHE A CA  1 
ATOM   796  C C   . PHE A 1 99  ? 3.977   -2.596  -26.201 1.00 48.66 ? 201 PHE A C   1 
ATOM   797  O O   . PHE A 1 99  ? 5.000   -3.260  -26.013 1.00 46.39 ? 201 PHE A O   1 
ATOM   798  C CB  . PHE A 1 99  ? 4.659   -0.222  -26.619 1.00 51.05 ? 201 PHE A CB  1 
ATOM   799  C CG  . PHE A 1 99  ? 4.449   1.237   -26.337 1.00 52.75 ? 201 PHE A CG  1 
ATOM   800  C CD1 . PHE A 1 99  ? 3.164   1.772   -26.304 1.00 53.59 ? 201 PHE A CD1 1 
ATOM   801  C CD2 . PHE A 1 99  ? 5.532   2.072   -26.078 1.00 53.57 ? 201 PHE A CD2 1 
ATOM   802  C CE1 . PHE A 1 99  ? 2.961   3.120   -26.010 1.00 55.11 ? 201 PHE A CE1 1 
ATOM   803  C CE2 . PHE A 1 99  ? 5.340   3.425   -25.782 1.00 55.16 ? 201 PHE A CE2 1 
ATOM   804  C CZ  . PHE A 1 99  ? 4.051   3.950   -25.748 1.00 55.03 ? 201 PHE A CZ  1 
ATOM   805  N N   . VAL A 1 100 ? 2.910   -3.060  -26.847 1.00 49.15 ? 202 VAL A N   1 
ATOM   806  C CA  . VAL A 1 100 ? 2.834   -4.417  -27.390 1.00 50.78 ? 202 VAL A CA  1 
ATOM   807  C C   . VAL A 1 100 ? 4.081   -4.883  -28.129 1.00 52.06 ? 202 VAL A C   1 
ATOM   808  O O   . VAL A 1 100 ? 4.695   -5.881  -27.745 1.00 51.74 ? 202 VAL A O   1 
ATOM   809  C CB  . VAL A 1 100 ? 1.636   -4.572  -28.362 1.00 50.55 ? 202 VAL A CB  1 
ATOM   810  C CG1 . VAL A 1 100 ? 0.344   -4.707  -27.586 1.00 49.44 ? 202 VAL A CG1 1 
ATOM   811  C CG2 . VAL A 1 100 ? 1.569   -3.371  -29.302 1.00 49.18 ? 202 VAL A CG2 1 
ATOM   812  N N   . LEU A 1 101 ? 4.447   -4.169  -29.191 1.00 53.35 ? 203 LEU A N   1 
ATOM   813  C CA  . LEU A 1 101 ? 5.610   -4.548  -29.982 1.00 55.70 ? 203 LEU A CA  1 
ATOM   814  C C   . LEU A 1 101 ? 6.932   -4.105  -29.399 1.00 58.00 ? 203 LEU A C   1 
ATOM   815  O O   . LEU A 1 101 ? 7.138   -2.921  -29.127 1.00 57.65 ? 203 LEU A O   1 
ATOM   816  C CB  . LEU A 1 101 ? 5.493   -4.026  -31.414 1.00 54.41 ? 203 LEU A CB  1 
ATOM   817  C CG  . LEU A 1 101 ? 4.569   -4.842  -32.313 1.00 53.55 ? 203 LEU A CG  1 
ATOM   818  C CD1 . LEU A 1 101 ? 4.619   -4.306  -33.725 1.00 51.78 ? 203 LEU A CD1 1 
ATOM   819  C CD2 . LEU A 1 101 ? 4.994   -6.294  -32.284 1.00 54.50 ? 203 LEU A CD2 1 
ATOM   820  N N   . PRO A 1 102 ? 7.857   -5.064  -29.212 1.00 60.46 ? 204 PRO A N   1 
ATOM   821  C CA  . PRO A 1 102 ? 9.186   -4.802  -28.659 1.00 60.97 ? 204 PRO A CA  1 
ATOM   822  C C   . PRO A 1 102 ? 9.825   -3.593  -29.331 1.00 61.17 ? 204 PRO A C   1 
ATOM   823  O O   . PRO A 1 102 ? 10.201  -2.653  -28.597 1.00 61.92 ? 204 PRO A O   1 
ATOM   824  C CB  . PRO A 1 102 ? 9.934   -6.100  -28.950 1.00 61.42 ? 204 PRO A CB  1 
ATOM   825  C CG  . PRO A 1 102 ? 8.852   -7.135  -28.814 1.00 60.73 ? 204 PRO A CG  1 
ATOM   826  C CD  . PRO A 1 102 ? 7.715   -6.489  -29.577 1.00 60.91 ? 204 PRO A CD  1 
ATOM   827  O OXT . PRO A 1 102 ? 9.932   -3.599  -30.579 1.00 61.06 ? 204 PRO A OXT 1 
ATOM   828  N N   . ASP B 1 1   ? -18.846 -20.149 -5.507  1.00 51.43 ? 103 ASP B N   1 
ATOM   829  C CA  . ASP B 1 1   ? -18.290 -19.134 -4.560  1.00 51.86 ? 103 ASP B CA  1 
ATOM   830  C C   . ASP B 1 1   ? -16.829 -19.436 -4.206  1.00 50.27 ? 103 ASP B C   1 
ATOM   831  O O   . ASP B 1 1   ? -16.508 -20.524 -3.723  1.00 49.96 ? 103 ASP B O   1 
ATOM   832  C CB  . ASP B 1 1   ? -19.130 -19.096 -3.277  1.00 53.55 ? 103 ASP B CB  1 
ATOM   833  C CG  . ASP B 1 1   ? -18.673 -18.011 -2.312  1.00 54.97 ? 103 ASP B CG  1 
ATOM   834  O OD1 . ASP B 1 1   ? -18.749 -16.812 -2.675  1.00 55.37 ? 103 ASP B OD1 1 
ATOM   835  O OD2 . ASP B 1 1   ? -18.234 -18.359 -1.194  1.00 54.61 ? 103 ASP B OD2 1 
ATOM   836  N N   . SER B 1 2   ? -15.950 -18.463 -4.435  1.00 47.78 ? 104 SER B N   1 
ATOM   837  C CA  . SER B 1 2   ? -14.528 -18.640 -4.146  1.00 45.83 ? 104 SER B CA  1 
ATOM   838  C C   . SER B 1 2   ? -14.212 -18.677 -2.647  1.00 43.11 ? 104 SER B C   1 
ATOM   839  O O   . SER B 1 2   ? -14.981 -18.182 -1.824  1.00 41.41 ? 104 SER B O   1 
ATOM   840  C CB  . SER B 1 2   ? -13.717 -17.516 -4.799  1.00 46.63 ? 104 SER B CB  1 
ATOM   841  O OG  . SER B 1 2   ? -14.015 -16.259 -4.209  1.00 46.48 ? 104 SER B OG  1 
ATOM   842  N N   . LEU B 1 3   ? -13.078 -19.286 -2.312  1.00 41.10 ? 105 LEU B N   1 
ATOM   843  C CA  . LEU B 1 3   ? -12.616 -19.379 -0.931  1.00 40.09 ? 105 LEU B CA  1 
ATOM   844  C C   . LEU B 1 3   ? -11.404 -18.472 -0.798  1.00 38.75 ? 105 LEU B C   1 
ATOM   845  O O   . LEU B 1 3   ? -10.337 -18.761 -1.348  1.00 37.73 ? 105 LEU B O   1 
ATOM   846  C CB  . LEU B 1 3   ? -12.206 -20.809 -0.578  1.00 42.09 ? 105 LEU B CB  1 
ATOM   847  C CG  . LEU B 1 3   ? -13.285 -21.852 -0.264  1.00 44.28 ? 105 LEU B CG  1 
ATOM   848  C CD1 . LEU B 1 3   ? -14.268 -21.985 -1.410  1.00 44.88 ? 105 LEU B CD1 1 
ATOM   849  C CD2 . LEU B 1 3   ? -12.596 -23.182 0.002   1.00 44.39 ? 105 LEU B CD2 1 
ATOM   850  N N   . VAL B 1 4   ? -11.578 -17.381 -0.057  1.00 36.43 ? 106 VAL B N   1 
ATOM   851  C CA  . VAL B 1 4   ? -10.532 -16.395 0.154   1.00 34.23 ? 106 VAL B CA  1 
ATOM   852  C C   . VAL B 1 4   ? -9.909  -16.527 1.540   1.00 32.92 ? 106 VAL B C   1 
ATOM   853  O O   . VAL B 1 4   ? -10.621 -16.671 2.532   1.00 32.79 ? 106 VAL B O   1 
ATOM   854  C CB  . VAL B 1 4   ? -11.112 -14.968 -0.009  1.00 34.63 ? 106 VAL B CB  1 
ATOM   855  C CG1 . VAL B 1 4   ? -10.008 -13.926 0.103   1.00 34.88 ? 106 VAL B CG1 1 
ATOM   856  C CG2 . VAL B 1 4   ? -11.805 -14.852 -1.345  1.00 34.50 ? 106 VAL B CG2 1 
ATOM   857  N N   . PHE B 1 5   ? -8.579  -16.480 1.604   1.00 30.49 ? 107 PHE B N   1 
ATOM   858  C CA  . PHE B 1 5   ? -7.866  -16.579 2.875   1.00 27.99 ? 107 PHE B CA  1 
ATOM   859  C C   . PHE B 1 5   ? -6.664  -15.635 2.904   1.00 26.84 ? 107 PHE B C   1 
ATOM   860  O O   . PHE B 1 5   ? -6.110  -15.279 1.865   1.00 24.97 ? 107 PHE B O   1 
ATOM   861  C CB  . PHE B 1 5   ? -7.347  -17.994 3.106   1.00 29.96 ? 107 PHE B CB  1 
ATOM   862  C CG  . PHE B 1 5   ? -8.336  -19.059 2.798   1.00 35.42 ? 107 PHE B CG  1 
ATOM   863  C CD1 . PHE B 1 5   ? -8.390  -19.628 1.532   1.00 35.31 ? 107 PHE B CD1 1 
ATOM   864  C CD2 . PHE B 1 5   ? -9.232  -19.498 3.773   1.00 36.31 ? 107 PHE B CD2 1 
ATOM   865  C CE1 . PHE B 1 5   ? -9.323  -20.623 1.244   1.00 36.07 ? 107 PHE B CE1 1 
ATOM   866  C CE2 . PHE B 1 5   ? -10.169 -20.491 3.487   1.00 36.75 ? 107 PHE B CE2 1 
ATOM   867  C CZ  . PHE B 1 5   ? -10.212 -21.053 2.227   1.00 34.82 ? 107 PHE B CZ  1 
ATOM   868  N N   . VAL B 1 6   ? -6.255  -15.232 4.097   1.00 25.18 ? 108 VAL B N   1 
ATOM   869  C CA  . VAL B 1 6   ? -5.090  -14.374 4.204   1.00 27.85 ? 108 VAL B CA  1 
ATOM   870  C C   . VAL B 1 6   ? -4.113  -14.928 5.232   1.00 28.17 ? 108 VAL B C   1 
ATOM   871  O O   . VAL B 1 6   ? -4.508  -15.520 6.233   1.00 29.08 ? 108 VAL B O   1 
ATOM   872  C CB  . VAL B 1 6   ? -5.479  -12.911 4.546   1.00 27.57 ? 108 VAL B CB  1 
ATOM   873  C CG1 . VAL B 1 6   ? -6.964  -12.810 4.730   1.00 28.86 ? 108 VAL B CG1 1 
ATOM   874  C CG2 . VAL B 1 6   ? -4.742  -12.436 5.786   1.00 26.25 ? 108 VAL B CG2 1 
ATOM   875  N N   . GLN B 1 7   ? -2.827  -14.748 4.961   1.00 30.59 ? 109 GLN B N   1 
ATOM   876  C CA  . GLN B 1 7   ? -1.779  -15.236 5.847   1.00 31.01 ? 109 GLN B CA  1 
ATOM   877  C C   . GLN B 1 7   ? -0.648  -14.223 5.948   1.00 29.40 ? 109 GLN B C   1 
ATOM   878  O O   . GLN B 1 7   ? -0.330  -13.531 4.976   1.00 28.55 ? 109 GLN B O   1 
ATOM   879  C CB  . GLN B 1 7   ? -1.213  -16.560 5.314   1.00 32.46 ? 109 GLN B CB  1 
ATOM   880  C CG  . GLN B 1 7   ? -2.186  -17.729 5.340   1.00 33.59 ? 109 GLN B CG  1 
ATOM   881  C CD  . GLN B 1 7   ? -1.724  -18.888 4.473   1.00 34.80 ? 109 GLN B CD  1 
ATOM   882  O OE1 . GLN B 1 7   ? -2.041  -20.048 4.747   1.00 37.18 ? 109 GLN B OE1 1 
ATOM   883  N NE2 . GLN B 1 7   ? -0.977  -18.579 3.414   1.00 33.16 ? 109 GLN B NE2 1 
ATOM   884  N N   . THR B 1 8   ? -0.063  -14.137 7.138   1.00 27.80 ? 110 THR B N   1 
ATOM   885  C CA  . THR B 1 8   ? 1.068   -13.256 7.393   1.00 27.51 ? 110 THR B CA  1 
ATOM   886  C C   . THR B 1 8   ? 2.254   -14.183 7.621   1.00 28.61 ? 110 THR B C   1 
ATOM   887  O O   . THR B 1 8   ? 2.063   -15.357 7.948   1.00 29.62 ? 110 THR B O   1 
ATOM   888  C CB  . THR B 1 8   ? 0.851   -12.391 8.656   1.00 27.34 ? 110 THR B CB  1 
ATOM   889  O OG1 . THR B 1 8   ? 0.282   -13.194 9.691   1.00 25.11 ? 110 THR B OG1 1 
ATOM   890  C CG2 . THR B 1 8   ? -0.071  -11.215 8.359   1.00 24.99 ? 110 THR B CG2 1 
ATOM   891  N N   . ASP B 1 9   ? 3.471   -13.682 7.435   1.00 28.88 ? 111 ASP B N   1 
ATOM   892  C CA  . ASP B 1 9   ? 4.643   -14.521 7.632   1.00 30.73 ? 111 ASP B CA  1 
ATOM   893  C C   . ASP B 1 9   ? 4.943   -14.776 9.109   1.00 31.05 ? 111 ASP B C   1 
ATOM   894  O O   . ASP B 1 9   ? 5.744   -15.651 9.444   1.00 31.35 ? 111 ASP B O   1 
ATOM   895  C CB  . ASP B 1 9   ? 5.874   -13.921 6.935   1.00 33.28 ? 111 ASP B CB  1 
ATOM   896  C CG  . ASP B 1 9   ? 6.226   -12.518 7.431   1.00 35.00 ? 111 ASP B CG  1 
ATOM   897  O OD1 . ASP B 1 9   ? 7.420   -12.154 7.351   1.00 37.03 ? 111 ASP B OD1 1 
ATOM   898  O OD2 . ASP B 1 9   ? 5.331   -11.774 7.881   1.00 35.49 ? 111 ASP B OD2 1 
ATOM   899  N N   . LYS B 1 10  ? 4.281   -14.034 9.989   1.00 30.14 ? 112 LYS B N   1 
ATOM   900  C CA  . LYS B 1 10  ? 4.489   -14.187 11.428  1.00 31.07 ? 112 LYS B CA  1 
ATOM   901  C C   . LYS B 1 10  ? 3.219   -13.799 12.181  1.00 31.54 ? 112 LYS B C   1 
ATOM   902  O O   . LYS B 1 10  ? 2.384   -13.067 11.652  1.00 32.33 ? 112 LYS B O   1 
ATOM   903  C CB  . LYS B 1 10  ? 5.648   -13.284 11.879  1.00 32.46 ? 112 LYS B CB  1 
ATOM   904  C CG  . LYS B 1 10  ? 7.024   -13.693 11.364  1.00 34.62 ? 112 LYS B CG  1 
ATOM   905  C CD  . LYS B 1 10  ? 7.812   -12.506 10.820  1.00 38.01 ? 112 LYS B CD  1 
ATOM   906  C CE  . LYS B 1 10  ? 8.994   -12.103 11.702  1.00 38.68 ? 112 LYS B CE  1 
ATOM   907  N NZ  . LYS B 1 10  ? 8.602   -11.226 12.836  1.00 41.20 ? 112 LYS B NZ  1 
ATOM   908  N N   . SER B 1 11  ? 3.067   -14.275 13.412  1.00 30.24 ? 113 SER B N   1 
ATOM   909  C CA  . SER B 1 11  ? 1.891   -13.920 14.199  1.00 31.54 ? 113 SER B CA  1 
ATOM   910  C C   . SER B 1 11  ? 2.174   -12.756 15.153  1.00 31.19 ? 113 SER B C   1 
ATOM   911  O O   . SER B 1 11  ? 1.249   -12.113 15.658  1.00 30.34 ? 113 SER B O   1 
ATOM   912  C CB  . SER B 1 11  ? 1.369   -15.139 14.974  1.00 30.61 ? 113 SER B CB  1 
ATOM   913  O OG  . SER B 1 11  ? 2.436   -15.884 15.518  1.00 34.68 ? 113 SER B OG  1 
ATOM   914  N N   . ILE B 1 12  ? 3.456   -12.494 15.397  1.00 32.24 ? 114 ILE B N   1 
ATOM   915  C CA  . ILE B 1 12  ? 3.863   -11.383 16.255  1.00 33.18 ? 114 ILE B CA  1 
ATOM   916  C C   . ILE B 1 12  ? 5.099   -10.713 15.660  1.00 32.51 ? 114 ILE B C   1 
ATOM   917  O O   . ILE B 1 12  ? 6.085   -11.370 15.345  1.00 33.65 ? 114 ILE B O   1 
ATOM   918  C CB  . ILE B 1 12  ? 4.181   -11.848 17.686  1.00 33.99 ? 114 ILE B CB  1 
ATOM   919  C CG1 . ILE B 1 12  ? 4.621   -10.656 18.534  1.00 34.34 ? 114 ILE B CG1 1 
ATOM   920  C CG2 . ILE B 1 12  ? 5.266   -12.898 17.658  1.00 35.32 ? 114 ILE B CG2 1 
ATOM   921  C CD1 . ILE B 1 12  ? 4.838   -10.984 20.003  1.00 35.58 ? 114 ILE B CD1 1 
ATOM   922  N N   . TYR B 1 13  ? 5.033   -9.399  15.491  1.00 33.52 ? 115 TYR B N   1 
ATOM   923  C CA  . TYR B 1 13  ? 6.148   -8.648  14.918  1.00 33.90 ? 115 TYR B CA  1 
ATOM   924  C C   . TYR B 1 13  ? 6.741   -7.670  15.918  1.00 35.06 ? 115 TYR B C   1 
ATOM   925  O O   . TYR B 1 13  ? 6.113   -7.327  16.924  1.00 35.11 ? 115 TYR B O   1 
ATOM   926  C CB  . TYR B 1 13  ? 5.693   -7.858  13.686  1.00 31.00 ? 115 TYR B CB  1 
ATOM   927  C CG  . TYR B 1 13  ? 5.127   -8.710  12.581  1.00 29.77 ? 115 TYR B CG  1 
ATOM   928  C CD1 . TYR B 1 13  ? 3.838   -9.226  12.670  1.00 28.75 ? 115 TYR B CD1 1 
ATOM   929  C CD2 . TYR B 1 13  ? 5.887   -9.016  11.454  1.00 27.79 ? 115 TYR B CD2 1 
ATOM   930  C CE1 . TYR B 1 13  ? 3.314   -10.027 11.667  1.00 28.25 ? 115 TYR B CE1 1 
ATOM   931  C CE2 . TYR B 1 13  ? 5.374   -9.816  10.443  1.00 27.27 ? 115 TYR B CE2 1 
ATOM   932  C CZ  . TYR B 1 13  ? 4.085   -10.318 10.556  1.00 28.40 ? 115 TYR B CZ  1 
ATOM   933  O OH  . TYR B 1 13  ? 3.559   -11.100 9.562   1.00 26.86 ? 115 TYR B OH  1 
ATOM   934  N N   . LYS B 1 14  ? 7.955   -7.219  15.624  1.00 37.11 ? 116 LYS B N   1 
ATOM   935  C CA  . LYS B 1 14  ? 8.639   -6.258  16.472  1.00 38.90 ? 116 LYS B CA  1 
ATOM   936  C C   . LYS B 1 14  ? 8.488   -4.867  15.852  1.00 39.87 ? 116 LYS B C   1 
ATOM   937  O O   . LYS B 1 14  ? 8.097   -4.741  14.691  1.00 39.33 ? 116 LYS B O   1 
ATOM   938  C CB  . LYS B 1 14  ? 10.110  -6.650  16.622  1.00 39.38 ? 116 LYS B CB  1 
ATOM   939  C CG  . LYS B 1 14  ? 10.302  -7.951  17.397  1.00 41.02 ? 116 LYS B CG  1 
ATOM   940  C CD  . LYS B 1 14  ? 11.776  -8.264  17.625  1.00 43.89 ? 116 LYS B CD  1 
ATOM   941  C CE  . LYS B 1 14  ? 11.947  -9.557  18.416  1.00 45.96 ? 116 LYS B CE  1 
ATOM   942  N NZ  . LYS B 1 14  ? 13.383  -9.886  18.647  1.00 46.77 ? 116 LYS B NZ  1 
ATOM   943  N N   . PRO B 1 15  ? 8.792   -3.808  16.623  1.00 41.50 ? 117 PRO B N   1 
ATOM   944  C CA  . PRO B 1 15  ? 8.701   -2.402  16.215  1.00 42.12 ? 117 PRO B CA  1 
ATOM   945  C C   . PRO B 1 15  ? 9.162   -1.986  14.814  1.00 42.87 ? 117 PRO B C   1 
ATOM   946  O O   . PRO B 1 15  ? 8.442   -1.267  14.116  1.00 44.73 ? 117 PRO B O   1 
ATOM   947  C CB  . PRO B 1 15  ? 9.483   -1.681  17.313  1.00 42.01 ? 117 PRO B CB  1 
ATOM   948  C CG  . PRO B 1 15  ? 9.154   -2.486  18.511  1.00 40.82 ? 117 PRO B CG  1 
ATOM   949  C CD  . PRO B 1 15  ? 9.323   -3.902  17.997  1.00 41.79 ? 117 PRO B CD  1 
ATOM   950  N N   . GLY B 1 16  ? 10.341  -2.413  14.383  1.00 41.34 ? 118 GLY B N   1 
ATOM   951  C CA  . GLY B 1 16  ? 10.781  -1.973  13.066  1.00 40.41 ? 118 GLY B CA  1 
ATOM   952  C C   . GLY B 1 16  ? 10.656  -2.951  11.917  1.00 39.37 ? 118 GLY B C   1 
ATOM   953  O O   . GLY B 1 16  ? 11.190  -2.706  10.836  1.00 39.85 ? 118 GLY B O   1 
ATOM   954  N N   . GLN B 1 17  ? 9.943   -4.050  12.129  1.00 36.61 ? 119 GLN B N   1 
ATOM   955  C CA  . GLN B 1 17  ? 9.804   -5.064  11.097  1.00 34.90 ? 119 GLN B CA  1 
ATOM   956  C C   . GLN B 1 17  ? 8.736   -4.788  10.054  1.00 33.79 ? 119 GLN B C   1 
ATOM   957  O O   . GLN B 1 17  ? 7.822   -3.981  10.265  1.00 32.94 ? 119 GLN B O   1 
ATOM   958  C CB  . GLN B 1 17  ? 9.575   -6.426  11.757  1.00 34.77 ? 119 GLN B CB  1 
ATOM   959  C CG  . GLN B 1 17  ? 10.837  -6.978  12.413  1.00 33.15 ? 119 GLN B CG  1 
ATOM   960  C CD  . GLN B 1 17  ? 10.596  -8.214  13.258  1.00 35.25 ? 119 GLN B CD  1 
ATOM   961  O OE1 . GLN B 1 17  ? 11.542  -8.939  13.591  1.00 37.14 ? 119 GLN B OE1 1 
ATOM   962  N NE2 . GLN B 1 17  ? 9.339   -8.456  13.629  1.00 32.73 ? 119 GLN B NE2 1 
ATOM   963  N N   . THR B 1 18  ? 8.872   -5.443  8.907   1.00 31.48 ? 120 THR B N   1 
ATOM   964  C CA  . THR B 1 18  ? 7.909   -5.277  7.834   1.00 31.86 ? 120 THR B CA  1 
ATOM   965  C C   . THR B 1 18  ? 6.974   -6.486  7.789   1.00 30.09 ? 120 THR B C   1 
ATOM   966  O O   . THR B 1 18  ? 7.414   -7.640  7.736   1.00 30.25 ? 120 THR B O   1 
ATOM   967  C CB  . THR B 1 18  ? 8.611   -5.072  6.461   1.00 31.72 ? 120 THR B CB  1 
ATOM   968  O OG1 . THR B 1 18  ? 8.034   -5.950  5.481   1.00 32.59 ? 120 THR B OG1 1 
ATOM   969  C CG2 . THR B 1 18  ? 10.091  -5.333  6.576   1.00 31.02 ? 120 THR B CG2 1 
ATOM   970  N N   . VAL B 1 19  ? 5.679   -6.204  7.843   1.00 28.27 ? 121 VAL B N   1 
ATOM   971  C CA  . VAL B 1 19  ? 4.670   -7.250  7.816   1.00 28.97 ? 121 VAL B CA  1 
ATOM   972  C C   . VAL B 1 19  ? 4.455   -7.726  6.389   1.00 28.59 ? 121 VAL B C   1 
ATOM   973  O O   . VAL B 1 19  ? 4.208   -6.921  5.504   1.00 28.66 ? 121 VAL B O   1 
ATOM   974  C CB  . VAL B 1 19  ? 3.312   -6.740  8.365   1.00 29.08 ? 121 VAL B CB  1 
ATOM   975  C CG1 . VAL B 1 19  ? 2.261   -7.833  8.243   1.00 25.77 ? 121 VAL B CG1 1 
ATOM   976  C CG2 . VAL B 1 19  ? 3.460   -6.306  9.825   1.00 28.61 ? 121 VAL B CG2 1 
ATOM   977  N N   . LYS B 1 20  ? 4.565   -9.031  6.167   1.00 27.67 ? 122 LYS B N   1 
ATOM   978  C CA  . LYS B 1 20  ? 4.336   -9.605  4.843   1.00 29.47 ? 122 LYS B CA  1 
ATOM   979  C C   . LYS B 1 20  ? 3.094   -10.498 4.912   1.00 28.73 ? 122 LYS B C   1 
ATOM   980  O O   . LYS B 1 20  ? 2.951   -11.314 5.814   1.00 29.81 ? 122 LYS B O   1 
ATOM   981  C CB  . LYS B 1 20  ? 5.538   -10.443 4.378   1.00 31.24 ? 122 LYS B CB  1 
ATOM   982  C CG  . LYS B 1 20  ? 6.876   -9.694  4.319   1.00 34.38 ? 122 LYS B CG  1 
ATOM   983  C CD  . LYS B 1 20  ? 7.954   -10.587 3.711   1.00 37.21 ? 122 LYS B CD  1 
ATOM   984  C CE  . LYS B 1 20  ? 9.367   -10.212 4.163   1.00 40.65 ? 122 LYS B CE  1 
ATOM   985  N NZ  . LYS B 1 20  ? 9.826   -8.874  3.695   1.00 41.88 ? 122 LYS B NZ  1 
ATOM   986  N N   . PHE B 1 21  ? 2.182   -10.335 3.970   1.00 27.92 ? 123 PHE B N   1 
ATOM   987  C CA  . PHE B 1 21  ? 1.000   -11.166 3.974   1.00 26.96 ? 123 PHE B CA  1 
ATOM   988  C C   . PHE B 1 21  ? 0.573   -11.423 2.548   1.00 27.82 ? 123 PHE B C   1 
ATOM   989  O O   . PHE B 1 21  ? 1.022   -10.746 1.621   1.00 27.66 ? 123 PHE B O   1 
ATOM   990  C CB  . PHE B 1 21  ? -0.134  -10.503 4.784   1.00 27.12 ? 123 PHE B CB  1 
ATOM   991  C CG  . PHE B 1 21  ? -0.791  -9.325  4.103   1.00 27.66 ? 123 PHE B CG  1 
ATOM   992  C CD1 . PHE B 1 21  ? -1.739  -9.515  3.103   1.00 27.41 ? 123 PHE B CD1 1 
ATOM   993  C CD2 . PHE B 1 21  ? -0.506  -8.021  4.509   1.00 28.19 ? 123 PHE B CD2 1 
ATOM   994  C CE1 . PHE B 1 21  ? -2.398  -8.422  2.524   1.00 28.29 ? 123 PHE B CE1 1 
ATOM   995  C CE2 . PHE B 1 21  ? -1.158  -6.927  3.936   1.00 27.31 ? 123 PHE B CE2 1 
ATOM   996  C CZ  . PHE B 1 21  ? -2.107  -7.130  2.942   1.00 27.60 ? 123 PHE B CZ  1 
ATOM   997  N N   . ARG B 1 22  ? -0.272  -12.425 2.364   1.00 27.72 ? 124 ARG B N   1 
ATOM   998  C CA  . ARG B 1 22  ? -0.759  -12.724 1.036   1.00 28.21 ? 124 ARG B CA  1 
ATOM   999  C C   . ARG B 1 22  ? -2.232  -13.063 1.068   1.00 27.60 ? 124 ARG B C   1 
ATOM   1000 O O   . ARG B 1 22  ? -2.769  -13.496 2.092   1.00 25.84 ? 124 ARG B O   1 
ATOM   1001 C CB  . ARG B 1 22  ? 0.020   -13.874 0.413   1.00 30.16 ? 124 ARG B CB  1 
ATOM   1002 C CG  . ARG B 1 22  ? 0.064   -15.114 1.254   1.00 33.89 ? 124 ARG B CG  1 
ATOM   1003 C CD  . ARG B 1 22  ? 0.365   -16.308 0.384   1.00 38.26 ? 124 ARG B CD  1 
ATOM   1004 N NE  . ARG B 1 22  ? 0.666   -17.485 1.179   1.00 41.64 ? 124 ARG B NE  1 
ATOM   1005 C CZ  . ARG B 1 22  ? 0.899   -18.682 0.659   1.00 44.40 ? 124 ARG B CZ  1 
ATOM   1006 N NH1 . ARG B 1 22  ? 0.851   -18.850 -0.654  1.00 45.16 ? 124 ARG B NH1 1 
ATOM   1007 N NH2 . ARG B 1 22  ? 1.212   -19.696 1.446   1.00 44.10 ? 124 ARG B NH2 1 
ATOM   1008 N N   . VAL B 1 23  ? -2.879  -12.825 -0.065  1.00 26.33 ? 125 VAL B N   1 
ATOM   1009 C CA  . VAL B 1 23  ? -4.284  -13.106 -0.226  1.00 25.16 ? 125 VAL B CA  1 
ATOM   1010 C C   . VAL B 1 23  ? -4.398  -14.279 -1.193  1.00 26.09 ? 125 VAL B C   1 
ATOM   1011 O O   . VAL B 1 23  ? -3.789  -14.284 -2.267  1.00 22.57 ? 125 VAL B O   1 
ATOM   1012 C CB  . VAL B 1 23  ? -5.027  -11.877 -0.776  1.00 26.79 ? 125 VAL B CB  1 
ATOM   1013 C CG1 . VAL B 1 23  ? -6.491  -12.219 -1.041  1.00 25.48 ? 125 VAL B CG1 1 
ATOM   1014 C CG2 . VAL B 1 23  ? -4.909  -10.722 0.225   1.00 23.89 ? 125 VAL B CG2 1 
ATOM   1015 N N   . VAL B 1 24  ? -5.182  -15.269 -0.789  1.00 26.86 ? 126 VAL B N   1 
ATOM   1016 C CA  . VAL B 1 24  ? -5.377  -16.473 -1.568  1.00 27.35 ? 126 VAL B CA  1 
ATOM   1017 C C   . VAL B 1 24  ? -6.826  -16.664 -1.972  1.00 28.02 ? 126 VAL B C   1 
ATOM   1018 O O   . VAL B 1 24  ? -7.730  -16.467 -1.163  1.00 27.68 ? 126 VAL B O   1 
ATOM   1019 C CB  . VAL B 1 24  ? -4.937  -17.702 -0.762  1.00 26.55 ? 126 VAL B CB  1 
ATOM   1020 C CG1 . VAL B 1 24  ? -5.059  -18.957 -1.613  1.00 25.84 ? 126 VAL B CG1 1 
ATOM   1021 C CG2 . VAL B 1 24  ? -3.506  -17.519 -0.293  1.00 27.18 ? 126 VAL B CG2 1 
ATOM   1022 N N   . SER B 1 25  ? -7.042  -17.057 -3.224  1.00 29.72 ? 127 SER B N   1 
ATOM   1023 C CA  . SER B 1 25  ? -8.391  -17.299 -3.720  1.00 32.05 ? 127 SER B CA  1 
ATOM   1024 C C   . SER B 1 25  ? -8.428  -18.566 -4.554  1.00 34.42 ? 127 SER B C   1 
ATOM   1025 O O   . SER B 1 25  ? -7.695  -18.694 -5.532  1.00 33.48 ? 127 SER B O   1 
ATOM   1026 C CB  . SER B 1 25  ? -8.878  -16.124 -4.555  1.00 31.19 ? 127 SER B CB  1 
ATOM   1027 O OG  . SER B 1 25  ? -10.162 -16.396 -5.091  1.00 32.01 ? 127 SER B OG  1 
ATOM   1028 N N   . MET B 1 26  ? -9.279  -19.507 -4.153  1.00 37.82 ? 128 MET B N   1 
ATOM   1029 C CA  . MET B 1 26  ? -9.409  -20.773 -4.861  1.00 42.12 ? 128 MET B CA  1 
ATOM   1030 C C   . MET B 1 26  ? -10.860 -21.123 -5.151  1.00 45.43 ? 128 MET B C   1 
ATOM   1031 O O   . MET B 1 26  ? -11.754 -20.786 -4.373  1.00 46.64 ? 128 MET B O   1 
ATOM   1032 C CB  . MET B 1 26  ? -8.743  -21.898 -4.061  1.00 41.16 ? 128 MET B CB  1 
ATOM   1033 C CG  . MET B 1 26  ? -9.139  -21.978 -2.596  1.00 39.75 ? 128 MET B CG  1 
ATOM   1034 S SD  . MET B 1 26  ? -7.935  -22.942 -1.654  1.00 39.69 ? 128 MET B SD  1 
ATOM   1035 C CE  . MET B 1 26  ? -9.003  -23.972 -0.630  1.00 39.69 ? 128 MET B CE  1 
ATOM   1036 N N   . ASP B 1 27  ? -11.080 -21.792 -6.282  1.00 49.54 ? 129 ASP B N   1 
ATOM   1037 C CA  . ASP B 1 27  ? -12.414 -22.208 -6.727  1.00 52.78 ? 129 ASP B CA  1 
ATOM   1038 C C   . ASP B 1 27  ? -13.016 -23.118 -5.675  1.00 55.32 ? 129 ASP B C   1 
ATOM   1039 O O   . ASP B 1 27  ? -12.354 -23.419 -4.679  1.00 55.45 ? 129 ASP B O   1 
ATOM   1040 C CB  . ASP B 1 27  ? -12.321 -22.986 -8.053  1.00 53.19 ? 129 ASP B CB  1 
ATOM   1041 C CG  . ASP B 1 27  ? -11.991 -24.472 -7.852  1.00 52.84 ? 129 ASP B CG  1 
ATOM   1042 O OD1 . ASP B 1 27  ? -12.896 -25.240 -7.454  1.00 55.12 ? 129 ASP B OD1 1 
ATOM   1043 O OD2 . ASP B 1 27  ? -10.829 -24.876 -8.082  1.00 51.32 ? 129 ASP B OD2 1 
ATOM   1044 N N   . GLU B 1 28  ? -14.255 -23.559 -5.911  1.00 57.25 ? 130 GLU B N   1 
ATOM   1045 C CA  . GLU B 1 28  ? -14.959 -24.473 -5.006  1.00 59.41 ? 130 GLU B CA  1 
ATOM   1046 C C   . GLU B 1 28  ? -13.956 -25.571 -4.647  1.00 59.19 ? 130 GLU B C   1 
ATOM   1047 O O   . GLU B 1 28  ? -14.020 -26.683 -5.172  1.00 58.88 ? 130 GLU B O   1 
ATOM   1048 C CB  . GLU B 1 28  ? -16.166 -25.101 -5.713  1.00 62.06 ? 130 GLU B CB  1 
ATOM   1049 C CG  . GLU B 1 28  ? -16.817 -24.228 -6.794  1.00 65.54 ? 130 GLU B CG  1 
ATOM   1050 C CD  . GLU B 1 28  ? -17.466 -22.964 -6.244  1.00 67.41 ? 130 GLU B CD  1 
ATOM   1051 O OE1 . GLU B 1 28  ? -18.370 -23.086 -5.385  1.00 68.40 ? 130 GLU B OE1 1 
ATOM   1052 O OE2 . GLU B 1 28  ? -17.074 -21.852 -6.673  1.00 67.69 ? 130 GLU B OE2 1 
ATOM   1053 N N   . ASN B 1 29  ? -13.033 -25.222 -3.753  1.00 59.27 ? 131 ASN B N   1 
ATOM   1054 C CA  . ASN B 1 29  ? -11.944 -26.076 -3.292  1.00 58.56 ? 131 ASN B CA  1 
ATOM   1055 C C   . ASN B 1 29  ? -10.978 -26.370 -4.437  1.00 57.98 ? 131 ASN B C   1 
ATOM   1056 O O   . ASN B 1 29  ? -11.377 -26.423 -5.606  1.00 56.08 ? 131 ASN B O   1 
ATOM   1057 C CB  . ASN B 1 29  ? -12.466 -27.388 -2.708  1.00 58.97 ? 131 ASN B CB  1 
ATOM   1058 C CG  . ASN B 1 29  ? -11.449 -28.053 -1.792  1.00 60.62 ? 131 ASN B CG  1 
ATOM   1059 O OD1 . ASN B 1 29  ? -10.295 -28.271 -2.173  1.00 60.13 ? 131 ASN B OD1 1 
ATOM   1060 N ND2 . ASN B 1 29  ? -11.874 -28.377 -0.574  1.00 61.04 ? 131 ASN B ND2 1 
ATOM   1061 N N   . PHE B 1 30  ? -9.704  -26.551 -4.094  1.00 57.16 ? 132 PHE B N   1 
ATOM   1062 C CA  . PHE B 1 30  ? -8.677  -26.835 -5.086  1.00 56.68 ? 132 PHE B CA  1 
ATOM   1063 C C   . PHE B 1 30  ? -8.211  -25.559 -5.802  1.00 53.96 ? 132 PHE B C   1 
ATOM   1064 O O   . PHE B 1 30  ? -8.093  -24.489 -5.214  1.00 54.00 ? 132 PHE B O   1 
ATOM   1065 C CB  . PHE B 1 30  ? -9.212  -27.830 -6.138  1.00 59.30 ? 132 PHE B CB  1 
ATOM   1066 C CG  . PHE B 1 30  ? -9.391  -29.243 -5.635  1.00 62.50 ? 132 PHE B CG  1 
ATOM   1067 C CD1 . PHE B 1 30  ? -10.446 -30.028 -6.104  1.00 62.93 ? 132 PHE B CD1 1 
ATOM   1068 C CD2 . PHE B 1 30  ? -8.481  -29.814 -4.742  1.00 63.88 ? 132 PHE B CD2 1 
ATOM   1069 C CE1 . PHE B 1 30  ? -10.592 -31.358 -5.697  1.00 63.77 ? 132 PHE B CE1 1 
ATOM   1070 C CE2 . PHE B 1 30  ? -8.616  -31.150 -4.328  1.00 64.03 ? 132 PHE B CE2 1 
ATOM   1071 C CZ  . PHE B 1 30  ? -9.675  -31.920 -4.808  1.00 64.04 ? 132 PHE B CZ  1 
ATOM   1072 N N   . HIS B 1 31  ? -7.956  -25.731 -7.093  1.00 51.41 ? 133 HIS B N   1 
ATOM   1073 C CA  . HIS B 1 31  ? -7.505  -24.730 -8.059  1.00 48.67 ? 133 HIS B CA  1 
ATOM   1074 C C   . HIS B 1 31  ? -7.594  -23.238 -7.729  1.00 45.60 ? 133 HIS B C   1 
ATOM   1075 O O   . HIS B 1 31  ? -8.518  -22.778 -7.063  1.00 43.42 ? 133 HIS B O   1 
ATOM   1076 C CB  . HIS B 1 31  ? -8.248  -25.002 -9.363  1.00 49.25 ? 133 HIS B CB  1 
ATOM   1077 C CG  . HIS B 1 31  ? -8.549  -26.454 -9.574  1.00 50.72 ? 133 HIS B CG  1 
ATOM   1078 N ND1 . HIS B 1 31  ? -9.720  -26.899 -10.147 1.00 51.45 ? 133 HIS B ND1 1 
ATOM   1079 C CD2 . HIS B 1 31  ? -7.839  -27.563 -9.257  1.00 51.13 ? 133 HIS B CD2 1 
ATOM   1080 C CE1 . HIS B 1 31  ? -9.720  -28.220 -10.172 1.00 51.97 ? 133 HIS B CE1 1 
ATOM   1081 N NE2 . HIS B 1 31  ? -8.589  -28.647 -9.637  1.00 52.27 ? 133 HIS B NE2 1 
ATOM   1082 N N   . PRO B 1 32  ? -6.625  -22.458 -8.232  1.00 43.65 ? 134 PRO B N   1 
ATOM   1083 C CA  . PRO B 1 32  ? -6.547  -21.010 -8.027  1.00 43.06 ? 134 PRO B CA  1 
ATOM   1084 C C   . PRO B 1 32  ? -7.607  -20.248 -8.795  1.00 42.77 ? 134 PRO B C   1 
ATOM   1085 O O   . PRO B 1 32  ? -8.033  -20.665 -9.868  1.00 43.39 ? 134 PRO B O   1 
ATOM   1086 C CB  . PRO B 1 32  ? -5.147  -20.670 -8.517  1.00 42.11 ? 134 PRO B CB  1 
ATOM   1087 C CG  . PRO B 1 32  ? -4.953  -21.638 -9.624  1.00 43.26 ? 134 PRO B CG  1 
ATOM   1088 C CD  . PRO B 1 32  ? -5.473  -22.929 -9.021  1.00 43.50 ? 134 PRO B CD  1 
ATOM   1089 N N   . LEU B 1 33  ? -8.031  -19.126 -8.232  1.00 43.69 ? 135 LEU B N   1 
ATOM   1090 C CA  . LEU B 1 33  ? -9.023  -18.273 -8.866  1.00 45.07 ? 135 LEU B CA  1 
ATOM   1091 C C   . LEU B 1 33  ? -8.454  -16.859 -8.924  1.00 45.49 ? 135 LEU B C   1 
ATOM   1092 O O   . LEU B 1 33  ? -8.029  -16.302 -7.907  1.00 45.78 ? 135 LEU B O   1 
ATOM   1093 C CB  . LEU B 1 33  ? -10.335 -18.292 -8.073  1.00 46.10 ? 135 LEU B CB  1 
ATOM   1094 C CG  . LEU B 1 33  ? -11.470 -17.444 -8.659  1.00 48.55 ? 135 LEU B CG  1 
ATOM   1095 C CD1 . LEU B 1 33  ? -11.665 -17.787 -10.133 1.00 47.64 ? 135 LEU B CD1 1 
ATOM   1096 C CD2 . LEU B 1 33  ? -12.751 -17.679 -7.868  1.00 46.47 ? 135 LEU B CD2 1 
ATOM   1097 N N   . ASN B 1 34  ? -8.439  -16.286 -10.120 1.00 45.57 ? 136 ASN B N   1 
ATOM   1098 C CA  . ASN B 1 34  ? -7.897  -14.948 -10.313 1.00 46.47 ? 136 ASN B CA  1 
ATOM   1099 C C   . ASN B 1 34  ? -8.964  -13.865 -10.390 1.00 45.74 ? 136 ASN B C   1 
ATOM   1100 O O   . ASN B 1 34  ? -9.150  -13.218 -11.426 1.00 46.54 ? 136 ASN B O   1 
ATOM   1101 C CB  . ASN B 1 34  ? -7.031  -14.941 -11.570 1.00 47.63 ? 136 ASN B CB  1 
ATOM   1102 C CG  . ASN B 1 34  ? -5.859  -15.887 -11.455 1.00 49.77 ? 136 ASN B CG  1 
ATOM   1103 O OD1 . ASN B 1 34  ? -4.976  -15.693 -10.613 1.00 50.67 ? 136 ASN B OD1 1 
ATOM   1104 N ND2 . ASN B 1 34  ? -5.849  -16.927 -12.286 1.00 49.57 ? 136 ASN B ND2 1 
ATOM   1105 N N   . GLU B 1 35  ? -9.649  -13.657 -9.275  1.00 44.40 ? 137 GLU B N   1 
ATOM   1106 C CA  . GLU B 1 35  ? -10.702 -12.659 -9.216  1.00 42.92 ? 137 GLU B CA  1 
ATOM   1107 C C   . GLU B 1 35  ? -10.145 -11.288 -8.872  1.00 41.72 ? 137 GLU B C   1 
ATOM   1108 O O   . GLU B 1 35  ? -9.055  -11.166 -8.322  1.00 42.52 ? 137 GLU B O   1 
ATOM   1109 C CB  . GLU B 1 35  ? -11.750 -13.072 -8.177  1.00 44.78 ? 137 GLU B CB  1 
ATOM   1110 C CG  . GLU B 1 35  ? -11.264 -13.056 -6.733  1.00 45.40 ? 137 GLU B CG  1 
ATOM   1111 C CD  . GLU B 1 35  ? -12.274 -13.679 -5.773  1.00 47.71 ? 137 GLU B CD  1 
ATOM   1112 O OE1 . GLU B 1 35  ? -12.369 -14.924 -5.736  1.00 48.45 ? 137 GLU B OE1 1 
ATOM   1113 O OE2 . GLU B 1 35  ? -12.982 -12.930 -5.064  1.00 46.98 ? 137 GLU B OE2 1 
ATOM   1114 N N   . LEU B 1 36  ? -10.897 -10.255 -9.215  1.00 39.82 ? 138 LEU B N   1 
ATOM   1115 C CA  . LEU B 1 36  ? -10.495 -8.897  -8.926  1.00 37.91 ? 138 LEU B CA  1 
ATOM   1116 C C   . LEU B 1 36  ? -10.988 -8.601  -7.514  1.00 36.79 ? 138 LEU B C   1 
ATOM   1117 O O   . LEU B 1 36  ? -12.194 -8.496  -7.285  1.00 35.98 ? 138 LEU B O   1 
ATOM   1118 C CB  . LEU B 1 36  ? -11.140 -7.943  -9.925  1.00 38.70 ? 138 LEU B CB  1 
ATOM   1119 C CG  . LEU B 1 36  ? -10.869 -6.456  -9.703  1.00 40.90 ? 138 LEU B CG  1 
ATOM   1120 C CD1 . LEU B 1 36  ? -9.381  -6.159  -9.860  1.00 39.17 ? 138 LEU B CD1 1 
ATOM   1121 C CD2 . LEU B 1 36  ? -11.686 -5.652  -10.701 1.00 41.80 ? 138 LEU B CD2 1 
ATOM   1122 N N   . ILE B 1 37  ? -10.053 -8.498  -6.572  1.00 34.81 ? 139 ILE B N   1 
ATOM   1123 C CA  . ILE B 1 37  ? -10.378 -8.226  -5.174  1.00 32.76 ? 139 ILE B CA  1 
ATOM   1124 C C   . ILE B 1 37  ? -10.550 -6.723  -4.972  1.00 32.21 ? 139 ILE B C   1 
ATOM   1125 O O   . ILE B 1 37  ? -9.648  -5.936  -5.259  1.00 32.47 ? 139 ILE B O   1 
ATOM   1126 C CB  . ILE B 1 37  ? -9.264  -8.745  -4.228  1.00 33.37 ? 139 ILE B CB  1 
ATOM   1127 C CG1 . ILE B 1 37  ? -9.128  -10.265 -4.361  1.00 33.66 ? 139 ILE B CG1 1 
ATOM   1128 C CG2 . ILE B 1 37  ? -9.570  -8.349  -2.783  1.00 31.63 ? 139 ILE B CG2 1 
ATOM   1129 C CD1 . ILE B 1 37  ? -10.350 -11.043 -3.912  1.00 33.38 ? 139 ILE B CD1 1 
ATOM   1130 N N   . PRO B 1 38  ? -11.722 -6.304  -4.478  1.00 31.61 ? 140 PRO B N   1 
ATOM   1131 C CA  . PRO B 1 38  ? -12.027 -4.890  -4.239  1.00 30.90 ? 140 PRO B CA  1 
ATOM   1132 C C   . PRO B 1 38  ? -11.178 -4.205  -3.178  1.00 30.60 ? 140 PRO B C   1 
ATOM   1133 O O   . PRO B 1 38  ? -10.732 -3.068  -3.369  1.00 29.75 ? 140 PRO B O   1 
ATOM   1134 C CB  . PRO B 1 38  ? -13.493 -4.911  -3.817  1.00 29.98 ? 140 PRO B CB  1 
ATOM   1135 C CG  . PRO B 1 38  ? -14.021 -6.178  -4.435  1.00 33.17 ? 140 PRO B CG  1 
ATOM   1136 C CD  . PRO B 1 38  ? -12.903 -7.145  -4.223  1.00 31.19 ? 140 PRO B CD  1 
ATOM   1137 N N   . LEU B 1 39  ? -10.939 -4.895  -2.066  1.00 29.20 ? 141 LEU B N   1 
ATOM   1138 C CA  . LEU B 1 39  ? -10.213 -4.269  -0.976  1.00 28.49 ? 141 LEU B CA  1 
ATOM   1139 C C   . LEU B 1 39  ? -9.522  -5.179  0.031   1.00 27.97 ? 141 LEU B C   1 
ATOM   1140 O O   . LEU B 1 39  ? -10.008 -6.255  0.350   1.00 29.21 ? 141 LEU B O   1 
ATOM   1141 C CB  . LEU B 1 39  ? -11.201 -3.372  -0.227  1.00 28.50 ? 141 LEU B CB  1 
ATOM   1142 C CG  . LEU B 1 39  ? -10.819 -2.753  1.117   1.00 29.46 ? 141 LEU B CG  1 
ATOM   1143 C CD1 . LEU B 1 39  ? -9.750  -1.711  0.907   1.00 28.82 ? 141 LEU B CD1 1 
ATOM   1144 C CD2 . LEU B 1 39  ? -12.054 -2.114  1.754   1.00 27.96 ? 141 LEU B CD2 1 
ATOM   1145 N N   . VAL B 1 40  ? -8.367  -4.735  0.512   1.00 27.33 ? 142 VAL B N   1 
ATOM   1146 C CA  . VAL B 1 40  ? -7.630  -5.436  1.561   1.00 24.80 ? 142 VAL B CA  1 
ATOM   1147 C C   . VAL B 1 40  ? -6.935  -4.336  2.358   1.00 24.54 ? 142 VAL B C   1 
ATOM   1148 O O   . VAL B 1 40  ? -6.444  -3.367  1.771   1.00 24.62 ? 142 VAL B O   1 
ATOM   1149 C CB  . VAL B 1 40  ? -6.585  -6.435  1.021   1.00 24.38 ? 142 VAL B CB  1 
ATOM   1150 C CG1 . VAL B 1 40  ? -5.392  -5.706  0.407   1.00 20.53 ? 142 VAL B CG1 1 
ATOM   1151 C CG2 . VAL B 1 40  ? -6.146  -7.340  2.146   1.00 19.31 ? 142 VAL B CG2 1 
ATOM   1152 N N   . TYR B 1 41  ? -6.914  -4.464  3.684   1.00 24.20 ? 143 TYR B N   1 
ATOM   1153 C CA  . TYR B 1 41  ? -6.290  -3.445  4.521   1.00 24.62 ? 143 TYR B CA  1 
ATOM   1154 C C   . TYR B 1 41  ? -5.827  -3.931  5.883   1.00 26.09 ? 143 TYR B C   1 
ATOM   1155 O O   . TYR B 1 41  ? -6.280  -4.966  6.388   1.00 26.79 ? 143 TYR B O   1 
ATOM   1156 C CB  . TYR B 1 41  ? -7.246  -2.257  4.713   1.00 24.59 ? 143 TYR B CB  1 
ATOM   1157 C CG  . TYR B 1 41  ? -8.520  -2.571  5.491   1.00 25.67 ? 143 TYR B CG  1 
ATOM   1158 C CD1 . TYR B 1 41  ? -8.502  -2.710  6.877   1.00 25.42 ? 143 TYR B CD1 1 
ATOM   1159 C CD2 . TYR B 1 41  ? -9.741  -2.698  4.838   1.00 24.14 ? 143 TYR B CD2 1 
ATOM   1160 C CE1 . TYR B 1 41  ? -9.669  -2.960  7.596   1.00 24.91 ? 143 TYR B CE1 1 
ATOM   1161 C CE2 . TYR B 1 41  ? -10.915 -2.951  5.545   1.00 26.42 ? 143 TYR B CE2 1 
ATOM   1162 C CZ  . TYR B 1 41  ? -10.870 -3.080  6.924   1.00 26.79 ? 143 TYR B CZ  1 
ATOM   1163 O OH  . TYR B 1 41  ? -12.023 -3.334  7.626   1.00 25.41 ? 143 TYR B OH  1 
ATOM   1164 N N   . ILE B 1 42  ? -4.895  -3.180  6.464   1.00 26.14 ? 144 ILE B N   1 
ATOM   1165 C CA  . ILE B 1 42  ? -4.369  -3.479  7.788   1.00 26.26 ? 144 ILE B CA  1 
ATOM   1166 C C   . ILE B 1 42  ? -4.983  -2.461  8.739   1.00 27.49 ? 144 ILE B C   1 
ATOM   1167 O O   . ILE B 1 42  ? -4.970  -1.256  8.476   1.00 26.60 ? 144 ILE B O   1 
ATOM   1168 C CB  . ILE B 1 42  ? -2.829  -3.375  7.836   1.00 25.64 ? 144 ILE B CB  1 
ATOM   1169 C CG1 . ILE B 1 42  ? -2.212  -4.391  6.866   1.00 24.39 ? 144 ILE B CG1 1 
ATOM   1170 C CG2 . ILE B 1 42  ? -2.342  -3.610  9.257   1.00 24.36 ? 144 ILE B CG2 1 
ATOM   1171 C CD1 . ILE B 1 42  ? -0.678  -4.480  6.905   1.00 21.29 ? 144 ILE B CD1 1 
ATOM   1172 N N   . GLN B 1 43  ? -5.551  -2.958  9.830   1.00 27.80 ? 145 GLN B N   1 
ATOM   1173 C CA  . GLN B 1 43  ? -6.196  -2.105  10.814  1.00 29.30 ? 145 GLN B CA  1 
ATOM   1174 C C   . GLN B 1 43  ? -5.384  -2.183  12.097  1.00 30.13 ? 145 GLN B C   1 
ATOM   1175 O O   . GLN B 1 43  ? -5.108  -3.277  12.577  1.00 27.46 ? 145 GLN B O   1 
ATOM   1176 C CB  . GLN B 1 43  ? -7.629  -2.596  11.046  1.00 30.76 ? 145 GLN B CB  1 
ATOM   1177 C CG  . GLN B 1 43  ? -8.467  -1.753  11.991  1.00 31.97 ? 145 GLN B CG  1 
ATOM   1178 C CD  . GLN B 1 43  ? -9.886  -2.282  12.102  1.00 33.04 ? 145 GLN B CD  1 
ATOM   1179 O OE1 . GLN B 1 43  ? -10.627 -2.298  11.123  1.00 35.18 ? 145 GLN B OE1 1 
ATOM   1180 N NE2 . GLN B 1 43  ? -10.268 -2.733  13.295  1.00 31.61 ? 145 GLN B NE2 1 
ATOM   1181 N N   . ASP B 1 44  ? -5.000  -1.025  12.639  1.00 31.78 ? 146 ASP B N   1 
ATOM   1182 C CA  . ASP B 1 44  ? -4.206  -0.983  13.863  1.00 34.41 ? 146 ASP B CA  1 
ATOM   1183 C C   . ASP B 1 44  ? -5.059  -1.230  15.112  1.00 36.10 ? 146 ASP B C   1 
ATOM   1184 O O   . ASP B 1 44  ? -6.285  -1.284  15.025  1.00 36.71 ? 146 ASP B O   1 
ATOM   1185 C CB  . ASP B 1 44  ? -3.459  0.360   13.960  1.00 34.01 ? 146 ASP B CB  1 
ATOM   1186 C CG  . ASP B 1 44  ? -4.352  1.515   14.377  1.00 34.69 ? 146 ASP B CG  1 
ATOM   1187 O OD1 . ASP B 1 44  ? -3.902  2.666   14.228  1.00 37.21 ? 146 ASP B OD1 1 
ATOM   1188 O OD2 . ASP B 1 44  ? -5.485  1.297   14.863  1.00 35.24 ? 146 ASP B OD2 1 
ATOM   1189 N N   . PRO B 1 45  ? -4.419  -1.378  16.290  1.00 38.77 ? 147 PRO B N   1 
ATOM   1190 C CA  . PRO B 1 45  ? -5.117  -1.625  17.563  1.00 40.40 ? 147 PRO B CA  1 
ATOM   1191 C C   . PRO B 1 45  ? -6.222  -0.620  17.899  1.00 42.03 ? 147 PRO B C   1 
ATOM   1192 O O   . PRO B 1 45  ? -7.195  -0.953  18.570  1.00 42.39 ? 147 PRO B O   1 
ATOM   1193 C CB  . PRO B 1 45  ? -3.986  -1.586  18.592  1.00 39.93 ? 147 PRO B CB  1 
ATOM   1194 C CG  . PRO B 1 45  ? -2.797  -2.048  17.807  1.00 39.48 ? 147 PRO B CG  1 
ATOM   1195 C CD  . PRO B 1 45  ? -2.962  -1.299  16.511  1.00 38.60 ? 147 PRO B CD  1 
ATOM   1196 N N   . LYS B 1 46  ? -6.066  0.614   17.439  1.00 44.19 ? 148 LYS B N   1 
ATOM   1197 C CA  . LYS B 1 46  ? -7.058  1.642   17.713  1.00 47.06 ? 148 LYS B CA  1 
ATOM   1198 C C   . LYS B 1 46  ? -8.285  1.463   16.820  1.00 47.90 ? 148 LYS B C   1 
ATOM   1199 O O   . LYS B 1 46  ? -9.419  1.716   17.237  1.00 49.03 ? 148 LYS B O   1 
ATOM   1200 C CB  . LYS B 1 46  ? -6.432  3.026   17.511  1.00 48.73 ? 148 LYS B CB  1 
ATOM   1201 C CG  . LYS B 1 46  ? -5.229  3.273   18.417  1.00 50.77 ? 148 LYS B CG  1 
ATOM   1202 C CD  . LYS B 1 46  ? -4.473  4.554   18.066  1.00 53.52 ? 148 LYS B CD  1 
ATOM   1203 C CE  . LYS B 1 46  ? -5.279  5.810   18.393  1.00 54.52 ? 148 LYS B CE  1 
ATOM   1204 N NZ  . LYS B 1 46  ? -4.543  7.058   18.018  1.00 54.55 ? 148 LYS B NZ  1 
ATOM   1205 N N   . GLY B 1 47  ? -8.057  1.002   15.594  1.00 47.12 ? 149 GLY B N   1 
ATOM   1206 C CA  . GLY B 1 47  ? -9.159  0.796   14.675  1.00 45.81 ? 149 GLY B CA  1 
ATOM   1207 C C   . GLY B 1 47  ? -8.915  1.534   13.378  1.00 45.23 ? 149 GLY B C   1 
ATOM   1208 O O   . GLY B 1 47  ? -9.726  1.471   12.451  1.00 45.58 ? 149 GLY B O   1 
ATOM   1209 N N   . ASN B 1 48  ? -7.790  2.235   13.310  1.00 44.54 ? 150 ASN B N   1 
ATOM   1210 C CA  . ASN B 1 48  ? -7.436  2.988   12.114  1.00 44.31 ? 150 ASN B CA  1 
ATOM   1211 C C   . ASN B 1 48  ? -6.903  2.067   11.019  1.00 42.66 ? 150 ASN B C   1 
ATOM   1212 O O   . ASN B 1 48  ? -6.323  1.017   11.303  1.00 40.93 ? 150 ASN B O   1 
ATOM   1213 C CB  . ASN B 1 48  ? -6.380  4.049   12.444  1.00 46.47 ? 150 ASN B CB  1 
ATOM   1214 C CG  . ASN B 1 48  ? -6.749  4.887   13.658  1.00 49.20 ? 150 ASN B CG  1 
ATOM   1215 O OD1 . ASN B 1 48  ? -7.925  5.014   14.012  1.00 49.10 ? 150 ASN B OD1 1 
ATOM   1216 N ND2 . ASN B 1 48  ? -5.741  5.474   14.297  1.00 50.51 ? 150 ASN B ND2 1 
ATOM   1217 N N   . ARG B 1 49  ? -7.098  2.476   9.769   1.00 40.47 ? 151 ARG B N   1 
ATOM   1218 C CA  . ARG B 1 49  ? -6.636  1.703   8.624   1.00 38.90 ? 151 ARG B CA  1 
ATOM   1219 C C   . ARG B 1 49  ? -5.325  2.306   8.155   1.00 38.21 ? 151 ARG B C   1 
ATOM   1220 O O   . ARG B 1 49  ? -5.315  3.223   7.334   1.00 41.71 ? 151 ARG B O   1 
ATOM   1221 C CB  . ARG B 1 49  ? -7.677  1.764   7.509   1.00 37.21 ? 151 ARG B CB  1 
ATOM   1222 C CG  . ARG B 1 49  ? -9.074  1.605   8.043   1.00 35.76 ? 151 ARG B CG  1 
ATOM   1223 C CD  . ARG B 1 49  ? -9.846  0.501   7.357   1.00 36.02 ? 151 ARG B CD  1 
ATOM   1224 N NE  . ARG B 1 49  ? -10.194 0.844   5.988   1.00 33.17 ? 151 ARG B NE  1 
ATOM   1225 C CZ  . ARG B 1 49  ? -11.383 0.608   5.442   1.00 33.31 ? 151 ARG B CZ  1 
ATOM   1226 N NH1 . ARG B 1 49  ? -12.343 0.029   6.153   1.00 31.73 ? 151 ARG B NH1 1 
ATOM   1227 N NH2 . ARG B 1 49  ? -11.606 0.945   4.178   1.00 32.60 ? 151 ARG B NH2 1 
ATOM   1228 N N   . ILE B 1 50  ? -4.221  1.777   8.668   1.00 35.34 ? 152 ILE B N   1 
ATOM   1229 C CA  . ILE B 1 50  ? -2.895  2.297   8.346   1.00 32.72 ? 152 ILE B CA  1 
ATOM   1230 C C   . ILE B 1 50  ? -2.360  2.027   6.945   1.00 31.30 ? 152 ILE B C   1 
ATOM   1231 O O   . ILE B 1 50  ? -1.425  2.692   6.505   1.00 30.10 ? 152 ILE B O   1 
ATOM   1232 C CB  . ILE B 1 50  ? -1.851  1.799   9.383   1.00 34.11 ? 152 ILE B CB  1 
ATOM   1233 C CG1 . ILE B 1 50  ? -1.770  0.271   9.372   1.00 32.22 ? 152 ILE B CG1 1 
ATOM   1234 C CG2 . ILE B 1 50  ? -2.249  2.267   10.778  1.00 32.79 ? 152 ILE B CG2 1 
ATOM   1235 C CD1 . ILE B 1 50  ? -0.740  -0.292  10.341  1.00 30.43 ? 152 ILE B CD1 1 
ATOM   1236 N N   . ALA B 1 51  ? -2.946  1.057   6.251   1.00 29.41 ? 153 ALA B N   1 
ATOM   1237 C CA  . ALA B 1 51  ? -2.525  0.703   4.895   1.00 28.35 ? 153 ALA B CA  1 
ATOM   1238 C C   . ALA B 1 51  ? -3.731  0.100   4.199   1.00 28.47 ? 153 ALA B C   1 
ATOM   1239 O O   . ALA B 1 51  ? -4.552  -0.545  4.832   1.00 27.79 ? 153 ALA B O   1 
ATOM   1240 C CB  . ALA B 1 51  ? -1.369  -0.300  4.935   1.00 27.67 ? 153 ALA B CB  1 
ATOM   1241 N N   . GLN B 1 52  ? -3.832  0.294   2.891   1.00 30.13 ? 154 GLN B N   1 
ATOM   1242 C CA  . GLN B 1 52  ? -4.987  -0.196  2.165   1.00 30.57 ? 154 GLN B CA  1 
ATOM   1243 C C   . GLN B 1 52  ? -4.699  -0.318  0.670   1.00 29.29 ? 154 GLN B C   1 
ATOM   1244 O O   . GLN B 1 52  ? -4.054  0.556   0.085   1.00 28.84 ? 154 GLN B O   1 
ATOM   1245 C CB  . GLN B 1 52  ? -6.139  0.783   2.399   1.00 33.86 ? 154 GLN B CB  1 
ATOM   1246 C CG  . GLN B 1 52  ? -7.466  0.331   1.894   1.00 36.51 ? 154 GLN B CG  1 
ATOM   1247 C CD  . GLN B 1 52  ? -8.498  1.431   1.993   1.00 39.02 ? 154 GLN B CD  1 
ATOM   1248 O OE1 . GLN B 1 52  ? -8.720  2.178   1.035   1.00 38.27 ? 154 GLN B OE1 1 
ATOM   1249 N NE2 . GLN B 1 52  ? -9.131  1.547   3.159   1.00 38.84 ? 154 GLN B NE2 1 
ATOM   1250 N N   . TRP B 1 53  ? -5.191  -1.396  0.060   1.00 26.99 ? 155 TRP B N   1 
ATOM   1251 C CA  . TRP B 1 53  ? -4.988  -1.652  -1.368  1.00 25.01 ? 155 TRP B CA  1 
ATOM   1252 C C   . TRP B 1 53  ? -6.327  -2.009  -2.007  1.00 25.13 ? 155 TRP B C   1 
ATOM   1253 O O   . TRP B 1 53  ? -7.072  -2.837  -1.478  1.00 26.22 ? 155 TRP B O   1 
ATOM   1254 C CB  . TRP B 1 53  ? -4.010  -2.801  -1.546  1.00 24.23 ? 155 TRP B CB  1 
ATOM   1255 C CG  . TRP B 1 53  ? -2.642  -2.541  -0.998  1.00 24.65 ? 155 TRP B CG  1 
ATOM   1256 C CD1 . TRP B 1 53  ? -1.548  -2.109  -1.692  1.00 23.20 ? 155 TRP B CD1 1 
ATOM   1257 C CD2 . TRP B 1 53  ? -2.198  -2.782  0.345   1.00 24.86 ? 155 TRP B CD2 1 
ATOM   1258 N NE1 . TRP B 1 53  ? -0.446  -2.078  -0.866  1.00 24.67 ? 155 TRP B NE1 1 
ATOM   1259 C CE2 . TRP B 1 53  ? -0.818  -2.487  0.388   1.00 24.09 ? 155 TRP B CE2 1 
ATOM   1260 C CE3 . TRP B 1 53  ? -2.833  -3.222  1.513   1.00 23.81 ? 155 TRP B CE3 1 
ATOM   1261 C CZ2 . TRP B 1 53  ? -0.060  -2.621  1.555   1.00 24.97 ? 155 TRP B CZ2 1 
ATOM   1262 C CZ3 . TRP B 1 53  ? -2.075  -3.353  2.681   1.00 25.64 ? 155 TRP B CZ3 1 
ATOM   1263 C CH2 . TRP B 1 53  ? -0.705  -3.055  2.689   1.00 24.58 ? 155 TRP B CH2 1 
ATOM   1264 N N   . GLN B 1 54  ? -6.635  -1.400  -3.143  1.00 24.55 ? 156 GLN B N   1 
ATOM   1265 C CA  . GLN B 1 54  ? -7.931  -1.647  -3.779  1.00 27.16 ? 156 GLN B CA  1 
ATOM   1266 C C   . GLN B 1 54  ? -7.887  -2.251  -5.176  1.00 27.44 ? 156 GLN B C   1 
ATOM   1267 O O   . GLN B 1 54  ? -6.894  -2.125  -5.891  1.00 27.77 ? 156 GLN B O   1 
ATOM   1268 C CB  . GLN B 1 54  ? -8.733  -0.350  -3.804  1.00 26.61 ? 156 GLN B CB  1 
ATOM   1269 C CG  . GLN B 1 54  ? -8.818  0.295   -2.438  1.00 30.93 ? 156 GLN B CG  1 
ATOM   1270 C CD  . GLN B 1 54  ? -9.747  1.499   -2.399  1.00 35.12 ? 156 GLN B CD  1 
ATOM   1271 O OE1 . GLN B 1 54  ? -9.742  2.327   -3.303  1.00 37.11 ? 156 GLN B OE1 1 
ATOM   1272 N NE2 . GLN B 1 54  ? -10.540 1.606   -1.334  1.00 37.02 ? 156 GLN B NE2 1 
ATOM   1273 N N   . SER B 1 55  ? -8.987  -2.898  -5.552  1.00 28.02 ? 157 SER B N   1 
ATOM   1274 C CA  . SER B 1 55  ? -9.124  -3.561  -6.849  1.00 27.61 ? 157 SER B CA  1 
ATOM   1275 C C   . SER B 1 55  ? -7.816  -4.045  -7.457  1.00 25.52 ? 157 SER B C   1 
ATOM   1276 O O   . SER B 1 55  ? -7.300  -3.470  -8.407  1.00 24.49 ? 157 SER B O   1 
ATOM   1277 C CB  . SER B 1 55  ? -9.874  -2.666  -7.853  1.00 29.31 ? 157 SER B CB  1 
ATOM   1278 O OG  . SER B 1 55  ? -9.407  -1.334  -7.841  1.00 31.82 ? 157 SER B OG  1 
ATOM   1279 N N   . PHE B 1 56  ? -7.281  -5.111  -6.882  1.00 26.63 ? 158 PHE B N   1 
ATOM   1280 C CA  . PHE B 1 56  ? -6.055  -5.724  -7.372  1.00 27.76 ? 158 PHE B CA  1 
ATOM   1281 C C   . PHE B 1 56  ? -6.415  -7.100  -7.897  1.00 29.26 ? 158 PHE B C   1 
ATOM   1282 O O   . PHE B 1 56  ? -7.345  -7.748  -7.394  1.00 28.24 ? 158 PHE B O   1 
ATOM   1283 C CB  . PHE B 1 56  ? -5.019  -5.837  -6.255  1.00 26.99 ? 158 PHE B CB  1 
ATOM   1284 C CG  . PHE B 1 56  ? -5.523  -6.532  -5.022  1.00 27.41 ? 158 PHE B CG  1 
ATOM   1285 C CD1 . PHE B 1 56  ? -5.495  -7.925  -4.926  1.00 24.82 ? 158 PHE B CD1 1 
ATOM   1286 C CD2 . PHE B 1 56  ? -6.001  -5.789  -3.938  1.00 25.53 ? 158 PHE B CD2 1 
ATOM   1287 C CE1 . PHE B 1 56  ? -5.931  -8.569  -3.770  1.00 25.50 ? 158 PHE B CE1 1 
ATOM   1288 C CE2 . PHE B 1 56  ? -6.442  -6.425  -2.771  1.00 24.76 ? 158 PHE B CE2 1 
ATOM   1289 C CZ  . PHE B 1 56  ? -6.405  -7.818  -2.687  1.00 24.49 ? 158 PHE B CZ  1 
ATOM   1290 N N   . GLN B 1 57  ? -5.693  -7.538  -8.920  1.00 31.05 ? 159 GLN B N   1 
ATOM   1291 C CA  . GLN B 1 57  ? -5.943  -8.833  -9.520  1.00 33.54 ? 159 GLN B CA  1 
ATOM   1292 C C   . GLN B 1 57  ? -5.055  -9.899  -8.911  1.00 34.30 ? 159 GLN B C   1 
ATOM   1293 O O   . GLN B 1 57  ? -3.878  -9.664  -8.643  1.00 35.08 ? 159 GLN B O   1 
ATOM   1294 C CB  . GLN B 1 57  ? -5.702  -8.765  -11.033 1.00 36.68 ? 159 GLN B CB  1 
ATOM   1295 C CG  . GLN B 1 57  ? -6.926  -8.330  -11.842 1.00 40.92 ? 159 GLN B CG  1 
ATOM   1296 C CD  . GLN B 1 57  ? -7.891  -9.480  -12.125 1.00 43.44 ? 159 GLN B CD  1 
ATOM   1297 O OE1 . GLN B 1 57  ? -8.160  -10.316 -11.261 1.00 45.99 ? 159 GLN B OE1 1 
ATOM   1298 N NE2 . GLN B 1 57  ? -8.424  -9.514  -13.338 1.00 45.92 ? 159 GLN B NE2 1 
ATOM   1299 N N   . LEU B 1 58  ? -5.623  -11.072 -8.673  1.00 34.12 ? 160 LEU B N   1 
ATOM   1300 C CA  . LEU B 1 58  ? -4.829  -12.158 -8.135  1.00 34.21 ? 160 LEU B CA  1 
ATOM   1301 C C   . LEU B 1 58  ? -4.178  -12.820 -9.334  1.00 33.98 ? 160 LEU B C   1 
ATOM   1302 O O   . LEU B 1 58  ? -4.736  -12.817 -10.426 1.00 35.74 ? 160 LEU B O   1 
ATOM   1303 C CB  . LEU B 1 58  ? -5.707  -13.174 -7.405  1.00 33.94 ? 160 LEU B CB  1 
ATOM   1304 C CG  . LEU B 1 58  ? -6.118  -12.973 -5.938  1.00 36.64 ? 160 LEU B CG  1 
ATOM   1305 C CD1 . LEU B 1 58  ? -5.825  -11.576 -5.452  1.00 35.87 ? 160 LEU B CD1 1 
ATOM   1306 C CD2 . LEU B 1 58  ? -7.599  -13.294 -5.811  1.00 35.45 ? 160 LEU B CD2 1 
ATOM   1307 N N   . GLU B 1 59  ? -2.979  -13.344 -9.143  1.00 33.34 ? 161 GLU B N   1 
ATOM   1308 C CA  . GLU B 1 59  ? -2.291  -14.053 -10.205 1.00 34.24 ? 161 GLU B CA  1 
ATOM   1309 C C   . GLU B 1 59  ? -1.913  -15.398 -9.612  1.00 32.72 ? 161 GLU B C   1 
ATOM   1310 O O   . GLU B 1 59  ? -1.269  -15.464 -8.564  1.00 31.26 ? 161 GLU B O   1 
ATOM   1311 C CB  . GLU B 1 59  ? -1.050  -13.287 -10.662 1.00 36.96 ? 161 GLU B CB  1 
ATOM   1312 C CG  . GLU B 1 59  ? -1.378  -12.063 -11.492 1.00 40.89 ? 161 GLU B CG  1 
ATOM   1313 C CD  . GLU B 1 59  ? -0.137  -11.392 -12.040 1.00 45.24 ? 161 GLU B CD  1 
ATOM   1314 O OE1 . GLU B 1 59  ? 0.669   -12.088 -12.702 1.00 46.99 ? 161 GLU B OE1 1 
ATOM   1315 O OE2 . GLU B 1 59  ? 0.030   -10.173 -11.808 1.00 46.65 ? 161 GLU B OE2 1 
ATOM   1316 N N   . GLY B 1 60  ? -2.334  -16.471 -10.270 1.00 31.53 ? 162 GLY B N   1 
ATOM   1317 C CA  . GLY B 1 60  ? -2.045  -17.789 -9.743  1.00 31.92 ? 162 GLY B CA  1 
ATOM   1318 C C   . GLY B 1 60  ? -2.803  -17.986 -8.440  1.00 31.83 ? 162 GLY B C   1 
ATOM   1319 O O   . GLY B 1 60  ? -2.401  -18.784 -7.594  1.00 32.91 ? 162 GLY B O   1 
ATOM   1320 N N   . GLY B 1 61  ? -3.891  -17.235 -8.278  1.00 31.48 ? 163 GLY B N   1 
ATOM   1321 C CA  . GLY B 1 61  ? -4.717  -17.339 -7.084  1.00 30.68 ? 163 GLY B CA  1 
ATOM   1322 C C   . GLY B 1 61  ? -4.187  -16.625 -5.853  1.00 31.54 ? 163 GLY B C   1 
ATOM   1323 O O   . GLY B 1 61  ? -4.655  -16.862 -4.733  1.00 30.83 ? 163 GLY B O   1 
ATOM   1324 N N   . LEU B 1 62  ? -3.214  -15.740 -6.044  1.00 32.14 ? 164 LEU B N   1 
ATOM   1325 C CA  . LEU B 1 62  ? -2.653  -15.040 -4.907  1.00 32.53 ? 164 LEU B CA  1 
ATOM   1326 C C   . LEU B 1 62  ? -2.026  -13.687 -5.208  1.00 32.39 ? 164 LEU B C   1 
ATOM   1327 O O   . LEU B 1 62  ? -1.736  -13.349 -6.353  1.00 31.62 ? 164 LEU B O   1 
ATOM   1328 C CB  . LEU B 1 62  ? -1.654  -15.954 -4.192  1.00 35.06 ? 164 LEU B CB  1 
ATOM   1329 C CG  . LEU B 1 62  ? -0.566  -16.601 -5.049  1.00 38.42 ? 164 LEU B CG  1 
ATOM   1330 C CD1 . LEU B 1 62  ? 0.516   -15.567 -5.369  1.00 38.65 ? 164 LEU B CD1 1 
ATOM   1331 C CD2 . LEU B 1 62  ? 0.032   -17.788 -4.294  1.00 38.21 ? 164 LEU B CD2 1 
ATOM   1332 N N   . LYS B 1 63  ? -1.842  -12.909 -4.147  1.00 31.61 ? 165 LYS B N   1 
ATOM   1333 C CA  . LYS B 1 63  ? -1.274  -11.576 -4.241  1.00 30.54 ? 165 LYS B CA  1 
ATOM   1334 C C   . LYS B 1 63  ? -0.538  -11.337 -2.923  1.00 29.39 ? 165 LYS B C   1 
ATOM   1335 O O   . LYS B 1 63  ? -1.111  -11.494 -1.838  1.00 25.62 ? 165 LYS B O   1 
ATOM   1336 C CB  . LYS B 1 63  ? -2.401  -10.550 -4.410  1.00 31.10 ? 165 LYS B CB  1 
ATOM   1337 C CG  . LYS B 1 63  ? -2.103  -9.368  -5.327  1.00 33.05 ? 165 LYS B CG  1 
ATOM   1338 C CD  . LYS B 1 63  ? -1.058  -8.441  -4.768  1.00 36.40 ? 165 LYS B CD  1 
ATOM   1339 C CE  . LYS B 1 63  ? -1.026  -7.130  -5.543  1.00 36.75 ? 165 LYS B CE  1 
ATOM   1340 N NZ  . LYS B 1 63  ? -0.661  -7.334  -6.963  1.00 38.17 ? 165 LYS B NZ  1 
ATOM   1341 N N   . GLN B 1 64  ? 0.730   -10.969 -3.034  1.00 28.75 ? 166 GLN B N   1 
ATOM   1342 C CA  . GLN B 1 64  ? 1.570   -10.701 -1.878  1.00 30.64 ? 166 GLN B CA  1 
ATOM   1343 C C   . GLN B 1 64  ? 1.610   -9.199  -1.596  1.00 27.95 ? 166 GLN B C   1 
ATOM   1344 O O   . GLN B 1 64  ? 1.567   -8.390  -2.511  1.00 28.62 ? 166 GLN B O   1 
ATOM   1345 C CB  . GLN B 1 64  ? 2.987   -11.217 -2.152  1.00 33.70 ? 166 GLN B CB  1 
ATOM   1346 C CG  . GLN B 1 64  ? 3.711   -11.751 -0.930  1.00 39.29 ? 166 GLN B CG  1 
ATOM   1347 C CD  . GLN B 1 64  ? 4.234   -13.162 -1.145  1.00 42.45 ? 166 GLN B CD  1 
ATOM   1348 O OE1 . GLN B 1 64  ? 5.037   -13.411 -2.051  1.00 45.18 ? 166 GLN B OE1 1 
ATOM   1349 N NE2 . GLN B 1 64  ? 3.782   -14.093 -0.310  1.00 44.14 ? 166 GLN B NE2 1 
ATOM   1350 N N   . PHE B 1 65  ? 1.678   -8.839  -0.322  1.00 28.18 ? 167 PHE B N   1 
ATOM   1351 C CA  . PHE B 1 65  ? 1.745   -7.437  0.104   1.00 25.66 ? 167 PHE B CA  1 
ATOM   1352 C C   . PHE B 1 65  ? 2.727   -7.340  1.263   1.00 25.15 ? 167 PHE B C   1 
ATOM   1353 O O   . PHE B 1 65  ? 3.006   -8.329  1.933   1.00 24.70 ? 167 PHE B O   1 
ATOM   1354 C CB  . PHE B 1 65  ? 0.386   -6.953  0.609   1.00 24.79 ? 167 PHE B CB  1 
ATOM   1355 C CG  . PHE B 1 65  ? -0.685  -6.917  -0.444  1.00 25.92 ? 167 PHE B CG  1 
ATOM   1356 C CD1 . PHE B 1 65  ? -0.882  -5.775  -1.218  1.00 26.52 ? 167 PHE B CD1 1 
ATOM   1357 C CD2 . PHE B 1 65  ? -1.512  -8.024  -0.652  1.00 24.03 ? 167 PHE B CD2 1 
ATOM   1358 C CE1 . PHE B 1 65  ? -1.890  -5.730  -2.185  1.00 25.83 ? 167 PHE B CE1 1 
ATOM   1359 C CE2 . PHE B 1 65  ? -2.520  -7.991  -1.615  1.00 26.53 ? 167 PHE B CE2 1 
ATOM   1360 C CZ  . PHE B 1 65  ? -2.713  -6.842  -2.383  1.00 24.90 ? 167 PHE B CZ  1 
ATOM   1361 N N   . SER B 1 66  ? 3.252   -6.150  1.505   1.00 24.63 ? 168 SER B N   1 
ATOM   1362 C CA  . SER B 1 66  ? 4.155   -5.973  2.627   1.00 26.49 ? 168 SER B CA  1 
ATOM   1363 C C   . SER B 1 66  ? 3.963   -4.571  3.174   1.00 27.74 ? 168 SER B C   1 
ATOM   1364 O O   . SER B 1 66  ? 3.684   -3.624  2.429   1.00 29.32 ? 168 SER B O   1 
ATOM   1365 C CB  . SER B 1 66  ? 5.610   -6.180  2.213   1.00 23.92 ? 168 SER B CB  1 
ATOM   1366 O OG  . SER B 1 66  ? 6.038   -5.142  1.368   1.00 26.77 ? 168 SER B OG  1 
ATOM   1367 N N   . PHE B 1 67  ? 4.091   -4.444  4.485   1.00 27.45 ? 169 PHE B N   1 
ATOM   1368 C CA  . PHE B 1 67  ? 3.922   -3.160  5.114   1.00 28.61 ? 169 PHE B CA  1 
ATOM   1369 C C   . PHE B 1 67  ? 4.943   -2.952  6.221   1.00 28.72 ? 169 PHE B C   1 
ATOM   1370 O O   . PHE B 1 67  ? 4.879   -3.592  7.270   1.00 28.84 ? 169 PHE B O   1 
ATOM   1371 C CB  . PHE B 1 67  ? 2.497   -3.028  5.662   1.00 28.83 ? 169 PHE B CB  1 
ATOM   1372 C CG  . PHE B 1 67  ? 2.282   -1.788  6.467   1.00 29.66 ? 169 PHE B CG  1 
ATOM   1373 C CD1 . PHE B 1 67  ? 2.254   -1.845  7.857   1.00 29.76 ? 169 PHE B CD1 1 
ATOM   1374 C CD2 . PHE B 1 67  ? 2.186   -0.550  5.839   1.00 30.50 ? 169 PHE B CD2 1 
ATOM   1375 C CE1 . PHE B 1 67  ? 2.141   -0.687  8.615   1.00 30.23 ? 169 PHE B CE1 1 
ATOM   1376 C CE2 . PHE B 1 67  ? 2.071   0.624   6.588   1.00 30.48 ? 169 PHE B CE2 1 
ATOM   1377 C CZ  . PHE B 1 67  ? 2.049   0.554   7.978   1.00 30.04 ? 169 PHE B CZ  1 
ATOM   1378 N N   . PRO B 1 68  ? 5.926   -2.070  5.982   1.00 30.27 ? 170 PRO B N   1 
ATOM   1379 C CA  . PRO B 1 68  ? 6.947   -1.807  7.003   1.00 32.08 ? 170 PRO B CA  1 
ATOM   1380 C C   . PRO B 1 68  ? 6.378   -1.021  8.182   1.00 31.82 ? 170 PRO B C   1 
ATOM   1381 O O   . PRO B 1 68  ? 5.828   0.060   8.008   1.00 33.73 ? 170 PRO B O   1 
ATOM   1382 C CB  . PRO B 1 68  ? 8.027   -1.041  6.232   1.00 32.55 ? 170 PRO B CB  1 
ATOM   1383 C CG  . PRO B 1 68  ? 7.280   -0.416  5.093   1.00 33.11 ? 170 PRO B CG  1 
ATOM   1384 C CD  . PRO B 1 68  ? 6.303   -1.482  4.686   1.00 29.19 ? 170 PRO B CD  1 
ATOM   1385 N N   . LEU B 1 69  ? 6.493   -1.584  9.380   1.00 33.33 ? 171 LEU B N   1 
ATOM   1386 C CA  . LEU B 1 69  ? 5.985   -0.933  10.586  1.00 34.21 ? 171 LEU B CA  1 
ATOM   1387 C C   . LEU B 1 69  ? 6.905   0.217   11.011  1.00 35.26 ? 171 LEU B C   1 
ATOM   1388 O O   . LEU B 1 69  ? 8.075   0.253   10.635  1.00 33.89 ? 171 LEU B O   1 
ATOM   1389 C CB  . LEU B 1 69  ? 5.856   -1.960  11.718  1.00 33.45 ? 171 LEU B CB  1 
ATOM   1390 C CG  . LEU B 1 69  ? 4.754   -3.022  11.589  1.00 32.96 ? 171 LEU B CG  1 
ATOM   1391 C CD1 . LEU B 1 69  ? 4.997   -4.142  12.573  1.00 33.84 ? 171 LEU B CD1 1 
ATOM   1392 C CD2 . LEU B 1 69  ? 3.407   -2.401  11.852  1.00 32.45 ? 171 LEU B CD2 1 
ATOM   1393 N N   . SER B 1 70  ? 6.367   1.163   11.778  1.00 37.87 ? 172 SER B N   1 
ATOM   1394 C CA  . SER B 1 70  ? 7.146   2.308   12.243  1.00 40.06 ? 172 SER B CA  1 
ATOM   1395 C C   . SER B 1 70  ? 8.002   1.930   13.442  1.00 41.34 ? 172 SER B C   1 
ATOM   1396 O O   . SER B 1 70  ? 7.661   1.008   14.179  1.00 41.57 ? 172 SER B O   1 
ATOM   1397 C CB  . SER B 1 70  ? 6.220   3.465   12.626  1.00 41.72 ? 172 SER B CB  1 
ATOM   1398 O OG  . SER B 1 70  ? 5.303   3.077   13.637  1.00 46.07 ? 172 SER B OG  1 
ATOM   1399 N N   . SER B 1 71  ? 9.111   2.644   13.631  1.00 42.70 ? 173 SER B N   1 
ATOM   1400 C CA  . SER B 1 71  ? 10.017  2.382   14.749  1.00 43.33 ? 173 SER B CA  1 
ATOM   1401 C C   . SER B 1 71  ? 9.284   2.381   16.095  1.00 44.60 ? 173 SER B C   1 
ATOM   1402 O O   . SER B 1 71  ? 9.709   1.719   17.038  1.00 44.20 ? 173 SER B O   1 
ATOM   1403 C CB  . SER B 1 71  ? 11.142  3.425   14.786  1.00 43.51 ? 173 SER B CB  1 
ATOM   1404 O OG  . SER B 1 71  ? 12.030  3.289   13.688  1.00 42.68 ? 173 SER B OG  1 
ATOM   1405 N N   . GLU B 1 72  ? 8.183   3.126   16.176  1.00 45.86 ? 174 GLU B N   1 
ATOM   1406 C CA  . GLU B 1 72  ? 7.395   3.214   17.402  1.00 47.56 ? 174 GLU B CA  1 
ATOM   1407 C C   . GLU B 1 72  ? 5.933   2.959   17.076  1.00 48.00 ? 174 GLU B C   1 
ATOM   1408 O O   . GLU B 1 72  ? 5.115   3.876   17.107  1.00 48.74 ? 174 GLU B O   1 
ATOM   1409 C CB  . GLU B 1 72  ? 7.523   4.604   18.021  1.00 50.04 ? 174 GLU B CB  1 
ATOM   1410 C CG  . GLU B 1 72  ? 8.946   5.116   18.150  1.00 52.34 ? 174 GLU B CG  1 
ATOM   1411 C CD  . GLU B 1 72  ? 9.001   6.462   18.844  1.00 54.14 ? 174 GLU B CD  1 
ATOM   1412 O OE1 . GLU B 1 72  ? 8.994   6.487   20.092  1.00 54.79 ? 174 GLU B OE1 1 
ATOM   1413 O OE2 . GLU B 1 72  ? 9.033   7.495   18.138  1.00 55.33 ? 174 GLU B OE2 1 
ATOM   1414 N N   . PRO B 1 73  ? 5.583   1.700   16.775  1.00 48.11 ? 175 PRO B N   1 
ATOM   1415 C CA  . PRO B 1 73  ? 4.221   1.293   16.429  1.00 48.46 ? 175 PRO B CA  1 
ATOM   1416 C C   . PRO B 1 73  ? 3.348   1.100   17.650  1.00 48.84 ? 175 PRO B C   1 
ATOM   1417 O O   . PRO B 1 73  ? 3.850   0.833   18.736  1.00 49.49 ? 175 PRO B O   1 
ATOM   1418 C CB  . PRO B 1 73  ? 4.449   -0.018  15.708  1.00 48.86 ? 175 PRO B CB  1 
ATOM   1419 C CG  . PRO B 1 73  ? 5.507   -0.634  16.584  1.00 48.66 ? 175 PRO B CG  1 
ATOM   1420 C CD  . PRO B 1 73  ? 6.472   0.525   16.825  1.00 47.86 ? 175 PRO B CD  1 
ATOM   1421 N N   . PHE B 1 74  ? 2.040   1.228   17.466  1.00 49.21 ? 176 PHE B N   1 
ATOM   1422 C CA  . PHE B 1 74  ? 1.110   1.039   18.563  1.00 49.71 ? 176 PHE B CA  1 
ATOM   1423 C C   . PHE B 1 74  ? 1.102   -0.459  18.838  1.00 48.76 ? 176 PHE B C   1 
ATOM   1424 O O   . PHE B 1 74  ? 0.990   -1.264  17.919  1.00 49.26 ? 176 PHE B O   1 
ATOM   1425 C CB  . PHE B 1 74  ? -0.285  1.517   18.162  1.00 52.83 ? 176 PHE B CB  1 
ATOM   1426 C CG  . PHE B 1 74  ? -1.243  1.651   19.318  1.00 57.78 ? 176 PHE B CG  1 
ATOM   1427 C CD1 . PHE B 1 74  ? -1.495  0.575   20.167  1.00 59.51 ? 176 PHE B CD1 1 
ATOM   1428 C CD2 . PHE B 1 74  ? -1.919  2.849   19.540  1.00 59.69 ? 176 PHE B CD2 1 
ATOM   1429 C CE1 . PHE B 1 74  ? -2.409  0.681   21.219  1.00 61.34 ? 176 PHE B CE1 1 
ATOM   1430 C CE2 . PHE B 1 74  ? -2.838  2.970   20.592  1.00 61.70 ? 176 PHE B CE2 1 
ATOM   1431 C CZ  . PHE B 1 74  ? -3.085  1.883   21.432  1.00 62.21 ? 176 PHE B CZ  1 
ATOM   1432 N N   . GLN B 1 75  ? 1.235   -0.835  20.102  1.00 47.34 ? 177 GLN B N   1 
ATOM   1433 C CA  . GLN B 1 75  ? 1.257   -2.243  20.465  1.00 46.70 ? 177 GLN B CA  1 
ATOM   1434 C C   . GLN B 1 75  ? -0.127  -2.866  20.553  1.00 45.08 ? 177 GLN B C   1 
ATOM   1435 O O   . GLN B 1 75  ? -1.104  -2.193  20.872  1.00 44.38 ? 177 GLN B O   1 
ATOM   1436 C CB  . GLN B 1 75  ? 1.973   -2.420  21.804  1.00 50.08 ? 177 GLN B CB  1 
ATOM   1437 C CG  . GLN B 1 75  ? 1.404   -1.586  22.939  1.00 54.20 ? 177 GLN B CG  1 
ATOM   1438 C CD  . GLN B 1 75  ? 2.096   -1.871  24.261  1.00 57.73 ? 177 GLN B CD  1 
ATOM   1439 O OE1 . GLN B 1 75  ? 3.322   -1.774  24.370  1.00 60.00 ? 177 GLN B OE1 1 
ATOM   1440 N NE2 . GLN B 1 75  ? 1.312   -2.228  25.275  1.00 58.46 ? 177 GLN B NE2 1 
ATOM   1441 N N   . GLY B 1 76  ? -0.212  -4.160  20.262  1.00 43.33 ? 178 GLY B N   1 
ATOM   1442 C CA  . GLY B 1 76  ? -1.497  -4.821  20.356  1.00 42.32 ? 178 GLY B CA  1 
ATOM   1443 C C   . GLY B 1 76  ? -1.950  -5.660  19.180  1.00 41.68 ? 178 GLY B C   1 
ATOM   1444 O O   . GLY B 1 76  ? -1.143  -6.190  18.411  1.00 40.94 ? 178 GLY B O   1 
ATOM   1445 N N   . SER B 1 77  ? -3.269  -5.782  19.061  1.00 40.06 ? 179 SER B N   1 
ATOM   1446 C CA  . SER B 1 77  ? -3.885  -6.565  18.005  1.00 39.25 ? 179 SER B CA  1 
ATOM   1447 C C   . SER B 1 77  ? -4.207  -5.772  16.753  1.00 37.05 ? 179 SER B C   1 
ATOM   1448 O O   . SER B 1 77  ? -4.977  -4.814  16.787  1.00 35.26 ? 179 SER B O   1 
ATOM   1449 C CB  . SER B 1 77  ? -5.165  -7.230  18.517  1.00 40.24 ? 179 SER B CB  1 
ATOM   1450 O OG  . SER B 1 77  ? -4.874  -8.381  19.291  1.00 43.17 ? 179 SER B OG  1 
ATOM   1451 N N   . TYR B 1 78  ? -3.597  -6.190  15.651  1.00 35.59 ? 180 TYR B N   1 
ATOM   1452 C CA  . TYR B 1 78  ? -3.812  -5.594  14.340  1.00 33.47 ? 180 TYR B CA  1 
ATOM   1453 C C   . TYR B 1 78  ? -4.625  -6.613  13.567  1.00 32.90 ? 180 TYR B C   1 
ATOM   1454 O O   . TYR B 1 78  ? -4.959  -7.675  14.081  1.00 32.55 ? 180 TYR B O   1 
ATOM   1455 C CB  . TYR B 1 78  ? -2.491  -5.412  13.602  1.00 33.35 ? 180 TYR B CB  1 
ATOM   1456 C CG  . TYR B 1 78  ? -1.630  -4.293  14.107  1.00 35.51 ? 180 TYR B CG  1 
ATOM   1457 C CD1 . TYR B 1 78  ? -1.367  -3.187  13.302  1.00 34.84 ? 180 TYR B CD1 1 
ATOM   1458 C CD2 . TYR B 1 78  ? -1.061  -4.342  15.382  1.00 34.12 ? 180 TYR B CD2 1 
ATOM   1459 C CE1 . TYR B 1 78  ? -0.558  -2.159  13.748  1.00 37.42 ? 180 TYR B CE1 1 
ATOM   1460 C CE2 . TYR B 1 78  ? -0.252  -3.318  15.841  1.00 36.10 ? 180 TYR B CE2 1 
ATOM   1461 C CZ  . TYR B 1 78  ? -0.003  -2.229  15.018  1.00 36.88 ? 180 TYR B CZ  1 
ATOM   1462 O OH  . TYR B 1 78  ? 0.804   -1.209  15.450  1.00 39.28 ? 180 TYR B OH  1 
ATOM   1463 N N   . LYS B 1 79  ? -4.922  -6.307  12.316  1.00 34.05 ? 181 LYS B N   1 
ATOM   1464 C CA  . LYS B 1 79  ? -5.666  -7.252  11.505  1.00 34.06 ? 181 LYS B CA  1 
ATOM   1465 C C   . LYS B 1 79  ? -5.620  -6.933  10.023  1.00 33.06 ? 181 LYS B C   1 
ATOM   1466 O O   . LYS B 1 79  ? -5.640  -5.771  9.622   1.00 32.85 ? 181 LYS B O   1 
ATOM   1467 C CB  . LYS B 1 79  ? -7.123  -7.327  11.970  1.00 35.17 ? 181 LYS B CB  1 
ATOM   1468 C CG  . LYS B 1 79  ? -7.772  -5.982  12.224  1.00 38.45 ? 181 LYS B CG  1 
ATOM   1469 C CD  . LYS B 1 79  ? -9.299  -6.066  12.171  1.00 41.04 ? 181 LYS B CD  1 
ATOM   1470 C CE  . LYS B 1 79  ? -9.838  -7.238  12.974  1.00 42.01 ? 181 LYS B CE  1 
ATOM   1471 N NZ  . LYS B 1 79  ? -9.449  -7.166  14.409  1.00 44.17 ? 181 LYS B NZ  1 
ATOM   1472 N N   . VAL B 1 80  ? -5.520  -7.984  9.219   1.00 31.33 ? 182 VAL B N   1 
ATOM   1473 C CA  . VAL B 1 80  ? -5.531  -7.842  7.771   1.00 30.01 ? 182 VAL B CA  1 
ATOM   1474 C C   . VAL B 1 80  ? -6.972  -8.211  7.446   1.00 29.81 ? 182 VAL B C   1 
ATOM   1475 O O   . VAL B 1 80  ? -7.460  -9.245  7.903   1.00 29.57 ? 182 VAL B O   1 
ATOM   1476 C CB  . VAL B 1 80  ? -4.578  -8.848  7.078   1.00 30.89 ? 182 VAL B CB  1 
ATOM   1477 C CG1 . VAL B 1 80  ? -4.659  -8.695  5.561   1.00 27.94 ? 182 VAL B CG1 1 
ATOM   1478 C CG2 . VAL B 1 80  ? -3.156  -8.630  7.557   1.00 28.80 ? 182 VAL B CG2 1 
ATOM   1479 N N   . VAL B 1 81  ? -7.649  -7.356  6.689   1.00 28.11 ? 183 VAL B N   1 
ATOM   1480 C CA  . VAL B 1 81  ? -9.039  -7.584  6.310   1.00 28.14 ? 183 VAL B CA  1 
ATOM   1481 C C   . VAL B 1 81  ? -9.243  -7.586  4.798   1.00 29.09 ? 183 VAL B C   1 
ATOM   1482 O O   . VAL B 1 81  ? -8.916  -6.614  4.114   1.00 29.21 ? 183 VAL B O   1 
ATOM   1483 C CB  . VAL B 1 81  ? -9.971  -6.496  6.900   1.00 26.84 ? 183 VAL B CB  1 
ATOM   1484 C CG1 . VAL B 1 81  ? -11.393 -6.692  6.392   1.00 27.43 ? 183 VAL B CG1 1 
ATOM   1485 C CG2 . VAL B 1 81  ? -9.943  -6.549  8.417   1.00 26.32 ? 183 VAL B CG2 1 
ATOM   1486 N N   . VAL B 1 82  ? -9.801  -8.674  4.282   1.00 29.69 ? 184 VAL B N   1 
ATOM   1487 C CA  . VAL B 1 82  ? -10.070 -8.783  2.855   1.00 31.58 ? 184 VAL B CA  1 
ATOM   1488 C C   . VAL B 1 82  ? -11.569 -8.666  2.614   1.00 33.48 ? 184 VAL B C   1 
ATOM   1489 O O   . VAL B 1 82  ? -12.377 -9.142  3.413   1.00 34.03 ? 184 VAL B O   1 
ATOM   1490 C CB  . VAL B 1 82  ? -9.614  -10.141 2.268   1.00 30.81 ? 184 VAL B CB  1 
ATOM   1491 C CG1 . VAL B 1 82  ? -9.626  -10.067 0.749   1.00 30.68 ? 184 VAL B CG1 1 
ATOM   1492 C CG2 . VAL B 1 82  ? -8.247  -10.498 2.769   1.00 31.44 ? 184 VAL B CG2 1 
ATOM   1493 N N   . GLN B 1 83  ? -11.925 -8.034  1.502   1.00 35.57 ? 185 GLN B N   1 
ATOM   1494 C CA  . GLN B 1 83  ? -13.314 -7.835  1.113   1.00 36.71 ? 185 GLN B CA  1 
ATOM   1495 C C   . GLN B 1 83  ? -13.434 -8.230  -0.358  1.00 37.01 ? 185 GLN B C   1 
ATOM   1496 O O   . GLN B 1 83  ? -12.940 -7.524  -1.232  1.00 36.51 ? 185 GLN B O   1 
ATOM   1497 C CB  . GLN B 1 83  ? -13.689 -6.364  1.295   1.00 39.45 ? 185 GLN B CB  1 
ATOM   1498 C CG  . GLN B 1 83  ? -15.053 -5.963  0.742   1.00 43.63 ? 185 GLN B CG  1 
ATOM   1499 C CD  . GLN B 1 83  ? -16.117 -5.903  1.814   1.00 46.02 ? 185 GLN B CD  1 
ATOM   1500 O OE1 . GLN B 1 83  ? -15.911 -5.301  2.872   1.00 46.96 ? 185 GLN B OE1 1 
ATOM   1501 N NE2 . GLN B 1 83  ? -17.267 -6.516  1.548   1.00 47.06 ? 185 GLN B NE2 1 
ATOM   1502 N N   . LYS B 1 84  ? -14.062 -9.371  -0.625  1.00 39.07 ? 186 LYS B N   1 
ATOM   1503 C CA  . LYS B 1 84  ? -14.241 -9.844  -1.996  1.00 41.38 ? 186 LYS B CA  1 
ATOM   1504 C C   . LYS B 1 84  ? -15.532 -9.252  -2.573  1.00 41.42 ? 186 LYS B C   1 
ATOM   1505 O O   . LYS B 1 84  ? -16.399 -8.819  -1.825  1.00 42.04 ? 186 LYS B O   1 
ATOM   1506 C CB  . LYS B 1 84  ? -14.274 -11.376 -2.018  1.00 41.51 ? 186 LYS B CB  1 
ATOM   1507 C CG  . LYS B 1 84  ? -15.251 -11.978 -1.029  1.00 44.01 ? 186 LYS B CG  1 
ATOM   1508 C CD  . LYS B 1 84  ? -15.022 -13.466 -0.821  1.00 44.44 ? 186 LYS B CD  1 
ATOM   1509 C CE  . LYS B 1 84  ? -15.270 -14.272 -2.081  1.00 45.97 ? 186 LYS B CE  1 
ATOM   1510 N NZ  . LYS B 1 84  ? -15.191 -15.725 -1.768  1.00 45.46 ? 186 LYS B NZ  1 
ATOM   1511 N N   . LYS B 1 85  ? -15.650 -9.224  -3.898  1.00 43.51 ? 187 LYS B N   1 
ATOM   1512 C CA  . LYS B 1 85  ? -16.828 -8.646  -4.555  1.00 45.56 ? 187 LYS B CA  1 
ATOM   1513 C C   . LYS B 1 85  ? -18.174 -9.160  -4.036  1.00 44.59 ? 187 LYS B C   1 
ATOM   1514 O O   . LYS B 1 85  ? -19.124 -8.390  -3.902  1.00 43.35 ? 187 LYS B O   1 
ATOM   1515 C CB  . LYS B 1 85  ? -16.758 -8.868  -6.073  1.00 48.47 ? 187 LYS B CB  1 
ATOM   1516 C CG  . LYS B 1 85  ? -16.845 -10.329 -6.495  1.00 51.34 ? 187 LYS B CG  1 
ATOM   1517 C CD  . LYS B 1 85  ? -15.584 -11.097 -6.126  1.00 54.25 ? 187 LYS B CD  1 
ATOM   1518 C CE  . LYS B 1 85  ? -15.873 -12.580 -5.910  1.00 54.76 ? 187 LYS B CE  1 
ATOM   1519 N NZ  . LYS B 1 85  ? -16.617 -12.804 -4.635  1.00 55.25 ? 187 LYS B NZ  1 
ATOM   1520 N N   . SER B 1 86  ? -18.248 -10.457 -3.745  1.00 44.33 ? 188 SER B N   1 
ATOM   1521 C CA  . SER B 1 86  ? -19.482 -11.068 -3.253  1.00 42.69 ? 188 SER B CA  1 
ATOM   1522 C C   . SER B 1 86  ? -19.959 -10.403 -1.973  1.00 41.50 ? 188 SER B C   1 
ATOM   1523 O O   . SER B 1 86  ? -21.125 -10.529 -1.595  1.00 43.03 ? 188 SER B O   1 
ATOM   1524 C CB  . SER B 1 86  ? -19.272 -12.563 -2.981  1.00 43.48 ? 188 SER B CB  1 
ATOM   1525 O OG  . SER B 1 86  ? -18.633 -12.780 -1.732  1.00 43.01 ? 188 SER B OG  1 
ATOM   1526 N N   . GLY B 1 87  ? -19.060 -9.690  -1.305  1.00 39.59 ? 189 GLY B N   1 
ATOM   1527 C CA  . GLY B 1 87  ? -19.419 -9.036  -0.058  1.00 38.52 ? 189 GLY B CA  1 
ATOM   1528 C C   . GLY B 1 87  ? -18.805 -9.776  1.123   1.00 37.21 ? 189 GLY B C   1 
ATOM   1529 O O   . GLY B 1 87  ? -18.760 -9.265  2.242   1.00 35.42 ? 189 GLY B O   1 
ATOM   1530 N N   . GLY B 1 88  ? -18.341 -10.996 0.867   1.00 36.29 ? 190 GLY B N   1 
ATOM   1531 C CA  . GLY B 1 88  ? -17.709 -11.773 1.917   1.00 36.38 ? 190 GLY B CA  1 
ATOM   1532 C C   . GLY B 1 88  ? -16.465 -11.070 2.443   1.00 35.85 ? 190 GLY B C   1 
ATOM   1533 O O   . GLY B 1 88  ? -15.838 -10.276 1.742   1.00 35.55 ? 190 GLY B O   1 
ATOM   1534 N N   . ARG B 1 89  ? -16.118 -11.343 3.691   1.00 34.77 ? 191 ARG B N   1 
ATOM   1535 C CA  . ARG B 1 89  ? -14.939 -10.745 4.288   1.00 34.65 ? 191 ARG B CA  1 
ATOM   1536 C C   . ARG B 1 89  ? -14.181 -11.818 5.039   1.00 33.38 ? 191 ARG B C   1 
ATOM   1537 O O   . ARG B 1 89  ? -14.760 -12.817 5.457   1.00 32.31 ? 191 ARG B O   1 
ATOM   1538 C CB  . ARG B 1 89  ? -15.319 -9.632  5.272   1.00 35.53 ? 191 ARG B CB  1 
ATOM   1539 C CG  . ARG B 1 89  ? -15.696 -8.305  4.637   1.00 39.65 ? 191 ARG B CG  1 
ATOM   1540 C CD  . ARG B 1 89  ? -16.235 -7.336  5.679   1.00 42.77 ? 191 ARG B CD  1 
ATOM   1541 N NE  . ARG B 1 89  ? -15.241 -6.994  6.690   1.00 45.83 ? 191 ARG B NE  1 
ATOM   1542 C CZ  . ARG B 1 89  ? -15.534 -6.524  7.900   1.00 48.29 ? 191 ARG B CZ  1 
ATOM   1543 N NH1 . ARG B 1 89  ? -16.799 -6.342  8.259   1.00 50.03 ? 191 ARG B NH1 1 
ATOM   1544 N NH2 . ARG B 1 89  ? -14.560 -6.237  8.757   1.00 48.93 ? 191 ARG B NH2 1 
ATOM   1545 N N   . THR B 1 90  ? -12.884 -11.601 5.203   1.00 32.27 ? 192 THR B N   1 
ATOM   1546 C CA  . THR B 1 90  ? -12.037 -12.514 5.944   1.00 32.45 ? 192 THR B CA  1 
ATOM   1547 C C   . THR B 1 90  ? -11.031 -11.652 6.679   1.00 31.94 ? 192 THR B C   1 
ATOM   1548 O O   . THR B 1 90  ? -10.418 -10.763 6.083   1.00 31.24 ? 192 THR B O   1 
ATOM   1549 C CB  . THR B 1 90  ? -11.297 -13.486 5.011   1.00 33.94 ? 192 THR B CB  1 
ATOM   1550 O OG1 . THR B 1 90  ? -12.251 -14.323 4.346   1.00 38.90 ? 192 THR B OG1 1 
ATOM   1551 C CG2 . THR B 1 90  ? -10.333 -14.367 5.802   1.00 34.62 ? 192 THR B CG2 1 
ATOM   1552 N N   . GLU B 1 91  ? -10.889 -11.873 7.981   1.00 31.14 ? 193 GLU B N   1 
ATOM   1553 C CA  . GLU B 1 91  ? -9.923  -11.101 8.736   1.00 32.50 ? 193 GLU B CA  1 
ATOM   1554 C C   . GLU B 1 91  ? -8.963  -11.989 9.519   1.00 31.91 ? 193 GLU B C   1 
ATOM   1555 O O   . GLU B 1 91  ? -9.365  -12.930 10.190  1.00 32.83 ? 193 GLU B O   1 
ATOM   1556 C CB  . GLU B 1 91  ? -10.616 -10.085 9.651   1.00 33.40 ? 193 GLU B CB  1 
ATOM   1557 C CG  . GLU B 1 91  ? -11.558 -10.639 10.681  1.00 38.00 ? 193 GLU B CG  1 
ATOM   1558 C CD  . GLU B 1 91  ? -12.119 -9.538  11.576  1.00 39.57 ? 193 GLU B CD  1 
ATOM   1559 O OE1 . GLU B 1 91  ? -12.743 -8.591  11.044  1.00 39.29 ? 193 GLU B OE1 1 
ATOM   1560 O OE2 . GLU B 1 91  ? -11.933 -9.623  12.810  1.00 41.00 ? 193 GLU B OE2 1 
ATOM   1561 N N   . HIS B 1 92  ? -7.679  -11.670 9.394   1.00 31.86 ? 194 HIS B N   1 
ATOM   1562 C CA  . HIS B 1 92  ? -6.591  -12.406 10.028  1.00 28.98 ? 194 HIS B CA  1 
ATOM   1563 C C   . HIS B 1 92  ? -5.841  -11.456 10.970  1.00 28.21 ? 194 HIS B C   1 
ATOM   1564 O O   . HIS B 1 92  ? -5.367  -10.398 10.554  1.00 27.11 ? 194 HIS B O   1 
ATOM   1565 C CB  . HIS B 1 92  ? -5.656  -12.922 8.933   1.00 29.44 ? 194 HIS B CB  1 
ATOM   1566 C CG  . HIS B 1 92  ? -4.406  -13.560 9.443   1.00 31.73 ? 194 HIS B CG  1 
ATOM   1567 N ND1 . HIS B 1 92  ? -4.383  -14.820 10.000  1.00 33.11 ? 194 HIS B ND1 1 
ATOM   1568 C CD2 . HIS B 1 92  ? -3.130  -13.108 9.481   1.00 32.47 ? 194 HIS B CD2 1 
ATOM   1569 C CE1 . HIS B 1 92  ? -3.147  -15.118 10.359  1.00 33.79 ? 194 HIS B CE1 1 
ATOM   1570 N NE2 . HIS B 1 92  ? -2.367  -14.095 10.055  1.00 32.87 ? 194 HIS B NE2 1 
ATOM   1571 N N   . PRO B 1 93  ? -5.730  -11.824 12.254  1.00 26.63 ? 195 PRO B N   1 
ATOM   1572 C CA  . PRO B 1 93  ? -5.037  -10.977 13.224  1.00 25.76 ? 195 PRO B CA  1 
ATOM   1573 C C   . PRO B 1 93  ? -3.548  -11.275 13.426  1.00 25.20 ? 195 PRO B C   1 
ATOM   1574 O O   . PRO B 1 93  ? -3.045  -12.327 13.041  1.00 23.45 ? 195 PRO B O   1 
ATOM   1575 C CB  . PRO B 1 93  ? -5.834  -11.218 14.495  1.00 26.64 ? 195 PRO B CB  1 
ATOM   1576 C CG  . PRO B 1 93  ? -6.109  -12.694 14.408  1.00 25.68 ? 195 PRO B CG  1 
ATOM   1577 C CD  . PRO B 1 93  ? -6.470  -12.905 12.935  1.00 27.29 ? 195 PRO B CD  1 
ATOM   1578 N N   . PHE B 1 94  ? -2.856  -10.304 14.012  1.00 25.63 ? 196 PHE B N   1 
ATOM   1579 C CA  . PHE B 1 94  ? -1.445  -10.430 14.353  1.00 27.60 ? 196 PHE B CA  1 
ATOM   1580 C C   . PHE B 1 94  ? -1.155  -9.382  15.425  1.00 28.20 ? 196 PHE B C   1 
ATOM   1581 O O   . PHE B 1 94  ? -1.962  -8.468  15.637  1.00 27.46 ? 196 PHE B O   1 
ATOM   1582 C CB  . PHE B 1 94  ? -0.536  -10.276 13.115  1.00 27.74 ? 196 PHE B CB  1 
ATOM   1583 C CG  . PHE B 1 94  ? -0.563  -8.918  12.468  1.00 29.67 ? 196 PHE B CG  1 
ATOM   1584 C CD1 . PHE B 1 94  ? 0.247   -7.893  12.934  1.00 30.28 ? 196 PHE B CD1 1 
ATOM   1585 C CD2 . PHE B 1 94  ? -1.347  -8.684  11.342  1.00 31.19 ? 196 PHE B CD2 1 
ATOM   1586 C CE1 . PHE B 1 94  ? 0.284   -6.659  12.283  1.00 30.28 ? 196 PHE B CE1 1 
ATOM   1587 C CE2 . PHE B 1 94  ? -1.318  -7.449  10.686  1.00 30.30 ? 196 PHE B CE2 1 
ATOM   1588 C CZ  . PHE B 1 94  ? -0.497  -6.439  11.160  1.00 29.19 ? 196 PHE B CZ  1 
ATOM   1589 N N   . THR B 1 95  ? -0.041  -9.535  16.134  1.00 29.39 ? 197 THR B N   1 
ATOM   1590 C CA  . THR B 1 95  ? 0.304   -8.591  17.186  1.00 32.78 ? 197 THR B CA  1 
ATOM   1591 C C   . THR B 1 95  ? 1.647   -7.920  16.953  1.00 34.07 ? 197 THR B C   1 
ATOM   1592 O O   . THR B 1 95  ? 2.516   -8.449  16.247  1.00 31.56 ? 197 THR B O   1 
ATOM   1593 C CB  . THR B 1 95  ? 0.351   -9.278  18.578  1.00 35.20 ? 197 THR B CB  1 
ATOM   1594 O OG1 . THR B 1 95  ? 1.375   -10.280 18.580  1.00 38.60 ? 197 THR B OG1 1 
ATOM   1595 C CG2 . THR B 1 95  ? -0.993  -9.932  18.911  1.00 34.23 ? 197 THR B CG2 1 
ATOM   1596 N N   . VAL B 1 96  ? 1.801   -6.751  17.568  1.00 36.04 ? 198 VAL B N   1 
ATOM   1597 C CA  . VAL B 1 96  ? 3.024   -5.968  17.484  1.00 39.48 ? 198 VAL B CA  1 
ATOM   1598 C C   . VAL B 1 96  ? 3.395   -5.547  18.909  1.00 42.40 ? 198 VAL B C   1 
ATOM   1599 O O   . VAL B 1 96  ? 2.510   -5.331  19.740  1.00 41.95 ? 198 VAL B O   1 
ATOM   1600 C CB  . VAL B 1 96  ? 2.819   -4.717  16.589  1.00 38.27 ? 198 VAL B CB  1 
ATOM   1601 C CG1 . VAL B 1 96  ? 4.111   -3.914  16.495  1.00 38.10 ? 198 VAL B CG1 1 
ATOM   1602 C CG2 . VAL B 1 96  ? 2.375   -5.148  15.200  1.00 37.73 ? 198 VAL B CG2 1 
ATOM   1603 N N   . GLU B 1 97  ? 4.697   -5.433  19.182  1.00 47.37 ? 199 GLU B N   1 
ATOM   1604 C CA  . GLU B 1 97  ? 5.209   -5.062  20.512  1.00 50.62 ? 199 GLU B CA  1 
ATOM   1605 C C   . GLU B 1 97  ? 5.278   -3.554  20.794  1.00 52.05 ? 199 GLU B C   1 
ATOM   1606 O O   . GLU B 1 97  ? 6.198   -3.134  21.533  1.00 52.63 ? 199 GLU B O   1 
ATOM   1607 C CB  . GLU B 1 97  ? 6.605   -5.653  20.700  1.00 52.08 ? 199 GLU B CB  1 
ATOM   1608 C CG  . GLU B 1 97  ? 6.680   -7.135  20.424  1.00 53.43 ? 199 GLU B CG  1 
ATOM   1609 C CD  . GLU B 1 97  ? 5.840   -7.940  21.394  1.00 55.19 ? 199 GLU B CD  1 
ATOM   1610 O OE1 . GLU B 1 97  ? 4.651   -7.593  21.585  1.00 54.70 ? 199 GLU B OE1 1 
ATOM   1611 O OE2 . GLU B 1 97  ? 6.371   -8.922  21.963  1.00 56.98 ? 199 GLU B OE2 1 
HETATM 1612 O O   . HOH C 2 .   ? 1.243   16.946  7.653   1.00 29.70 ? 1   HOH A O   1 
HETATM 1613 O O   . HOH C 2 .   ? 5.697   0.248   1.524   1.00 25.54 ? 2   HOH A O   1 
HETATM 1614 O O   . HOH C 2 .   ? 14.107  16.490  4.550   1.00 32.36 ? 5   HOH A O   1 
HETATM 1615 O O   . HOH C 2 .   ? -0.831  -2.792  -10.601 1.00 35.63 ? 7   HOH A O   1 
HETATM 1616 O O   . HOH C 2 .   ? 11.242  -3.170  -9.839  1.00 40.59 ? 8   HOH A O   1 
HETATM 1617 O O   . HOH C 2 .   ? 2.480   -1.862  -0.927  1.00 32.45 ? 9   HOH A O   1 
HETATM 1618 O O   . HOH C 2 .   ? -3.621  -0.369  -20.029 1.00 32.41 ? 10  HOH A O   1 
HETATM 1619 O O   . HOH C 2 .   ? 15.623  6.019   -13.028 1.00 54.18 ? 13  HOH A O   1 
HETATM 1620 O O   . HOH C 2 .   ? 13.434  6.600   7.488   1.00 40.97 ? 14  HOH A O   1 
HETATM 1621 O O   . HOH C 2 .   ? 13.076  28.231  8.730   1.00 40.26 ? 15  HOH A O   1 
HETATM 1622 O O   . HOH C 2 .   ? 3.357   3.544   6.970   1.00 37.38 ? 16  HOH A O   1 
HETATM 1623 O O   . HOH C 2 .   ? 4.327   21.397  0.919   1.00 40.21 ? 17  HOH A O   1 
HETATM 1624 O O   . HOH C 2 .   ? 7.011   27.758  7.736   1.00 38.84 ? 20  HOH A O   1 
HETATM 1625 O O   . HOH C 2 .   ? 9.183   2.818   5.242   1.00 38.89 ? 21  HOH A O   1 
HETATM 1626 O O   . HOH C 2 .   ? 5.583   29.182  9.493   1.00 37.47 ? 22  HOH A O   1 
HETATM 1627 O O   . HOH C 2 .   ? 10.676  17.205  13.492  1.00 26.99 ? 23  HOH A O   1 
HETATM 1628 O O   . HOH C 2 .   ? -0.750  11.145  -13.835 1.00 52.34 ? 25  HOH A O   1 
HETATM 1629 O O   . HOH C 2 .   ? 6.512   1.821   3.413   1.00 39.44 ? 29  HOH A O   1 
HETATM 1630 O O   . HOH C 2 .   ? -6.537  1.812   -1.800  1.00 35.88 ? 30  HOH A O   1 
HETATM 1631 O O   . HOH C 2 .   ? 2.070   19.992  -0.418  1.00 40.82 ? 31  HOH A O   1 
HETATM 1632 O O   . HOH C 2 .   ? 7.734   -1.494  1.221   1.00 34.95 ? 33  HOH A O   1 
HETATM 1633 O O   . HOH C 2 .   ? -4.028  -2.458  -5.611  1.00 24.36 ? 34  HOH A O   1 
HETATM 1634 O O   . HOH C 2 .   ? 7.545   -4.678  -25.860 1.00 42.48 ? 37  HOH A O   1 
HETATM 1635 O O   . HOH C 2 .   ? 11.797  -0.084  -8.850  1.00 39.24 ? 39  HOH A O   1 
HETATM 1636 O O   . HOH C 2 .   ? 4.654   5.606   11.052  1.00 31.93 ? 40  HOH A O   1 
HETATM 1637 O O   . HOH C 2 .   ? -19.102 -1.660  -16.795 1.00 53.61 ? 41  HOH A O   1 
HETATM 1638 O O   . HOH C 2 .   ? 11.293  4.694   5.150   1.00 50.61 ? 42  HOH A O   1 
HETATM 1639 O O   . HOH C 2 .   ? -3.242  -1.579  -12.485 1.00 46.35 ? 43  HOH A O   1 
HETATM 1640 O O   . HOH C 2 .   ? -3.268  8.044   -18.724 1.00 32.70 ? 44  HOH A O   1 
HETATM 1641 O O   . HOH C 2 .   ? 5.129   17.053  -7.585  1.00 45.83 ? 46  HOH A O   1 
HETATM 1642 O O   . HOH C 2 .   ? 6.729   16.421  -5.455  1.00 40.11 ? 47  HOH A O   1 
HETATM 1643 O O   . HOH C 2 .   ? 16.895  14.453  -5.471  1.00 37.64 ? 51  HOH A O   1 
HETATM 1644 O O   . HOH C 2 .   ? -5.586  9.162   13.226  1.00 50.29 ? 54  HOH A O   1 
HETATM 1645 O O   . HOH C 2 .   ? 4.643   21.286  -2.286  1.00 31.68 ? 57  HOH A O   1 
HETATM 1646 O O   . HOH C 2 .   ? 12.979  6.322   -3.843  1.00 48.31 ? 58  HOH A O   1 
HETATM 1647 O O   . HOH C 2 .   ? 1.231   22.052  10.424  1.00 35.55 ? 59  HOH A O   1 
HETATM 1648 O O   . HOH C 2 .   ? 9.358   0.495   1.683   1.00 44.10 ? 60  HOH A O   1 
HETATM 1649 O O   . HOH C 2 .   ? 8.217   -2.761  -32.875 1.00 43.48 ? 61  HOH A O   1 
HETATM 1650 O O   . HOH C 2 .   ? 5.016   2.961   9.104   1.00 56.63 ? 63  HOH A O   1 
HETATM 1651 O O   . HOH D 2 .   ? 2.822   -4.512  -0.923  1.00 22.43 ? 3   HOH B O   1 
HETATM 1652 O O   . HOH D 2 .   ? 3.221   -1.109  1.771   1.00 23.30 ? 4   HOH B O   1 
HETATM 1653 O O   . HOH D 2 .   ? -13.978 -17.287 1.856   1.00 35.21 ? 6   HOH B O   1 
HETATM 1654 O O   . HOH D 2 .   ? 0.502   4.007   7.573   1.00 29.42 ? 11  HOH B O   1 
HETATM 1655 O O   . HOH D 2 .   ? 2.834   -8.707  -5.192  1.00 35.19 ? 12  HOH B O   1 
HETATM 1656 O O   . HOH D 2 .   ? -12.401 -3.742  10.127  1.00 31.23 ? 18  HOH B O   1 
HETATM 1657 O O   . HOH D 2 .   ? 5.530   -15.061 15.038  1.00 53.03 ? 19  HOH B O   1 
HETATM 1658 O O   . HOH D 2 .   ? 2.197   -11.257 -5.493  1.00 29.17 ? 24  HOH B O   1 
HETATM 1659 O O   . HOH D 2 .   ? -0.082  -11.399 -7.800  1.00 48.52 ? 26  HOH B O   1 
HETATM 1660 O O   . HOH D 2 .   ? 3.138   1.337   11.586  1.00 46.32 ? 27  HOH B O   1 
HETATM 1661 O O   . HOH D 2 .   ? -21.320 -0.906  -10.369 1.00 39.17 ? 28  HOH B O   1 
HETATM 1662 O O   . HOH D 2 .   ? -1.820  -4.207  -6.106  1.00 41.14 ? 32  HOH B O   1 
HETATM 1663 O O   . HOH D 2 .   ? 2.029   -5.861  -3.008  1.00 28.51 ? 35  HOH B O   1 
HETATM 1664 O O   . HOH D 2 .   ? -17.754 -16.367 0.483   1.00 55.48 ? 36  HOH B O   1 
HETATM 1665 O O   . HOH D 2 .   ? -0.607  -16.509 8.992   1.00 33.41 ? 38  HOH B O   1 
HETATM 1666 O O   . HOH D 2 .   ? -7.665  -16.204 6.450   1.00 40.34 ? 45  HOH B O   1 
HETATM 1667 O O   . HOH D 2 .   ? -6.187  -17.606 9.350   1.00 51.94 ? 48  HOH B O   1 
HETATM 1668 O O   . HOH D 2 .   ? -9.063  -15.680 9.079   1.00 48.49 ? 49  HOH B O   1 
HETATM 1669 O O   . HOH D 2 .   ? -20.784 -23.376 -6.189  1.00 46.04 ? 50  HOH B O   1 
HETATM 1670 O O   . HOH D 2 .   ? -20.756 -23.501 -2.930  1.00 43.86 ? 52  HOH B O   1 
HETATM 1671 O O   . HOH D 2 .   ? -11.725 -0.193  9.352   1.00 55.95 ? 53  HOH B O   1 
HETATM 1672 O O   . HOH D 2 .   ? -7.369  -8.452  15.612  1.00 38.90 ? 55  HOH B O   1 
HETATM 1673 O O   . HOH D 2 .   ? 13.558  3.628   17.291  1.00 48.84 ? 56  HOH B O   1 
HETATM 1674 O O   . HOH D 2 .   ? -4.061  -5.590  -10.054 1.00 42.52 ? 62  HOH B O   1 
HETATM 1675 O O   . HOH D 2 .   ? -11.199 2.743   9.788   1.00 33.15 ? 64  HOH B O   1 
HETATM 1676 O O   . HOH D 2 .   ? -3.859  -2.688  -8.984  1.00 44.64 ? 65  HOH B O   1 
# 
